data_6GJF
#
_entry.id   6GJF
#
_cell.length_a   51.436
_cell.length_b   235.636
_cell.length_c   74.562
_cell.angle_alpha   90.00
_cell.angle_beta   90.67
_cell.angle_gamma   90.00
#
_symmetry.space_group_name_H-M   'P 1 21 1'
#
loop_
_entity.id
_entity.type
_entity.pdbx_description
1 polymer ENDOGLUCANASE
2 non-polymer 1,2-ETHANEDIOL
3 non-polymer DI(HYDROXYETHYL)ETHER
4 non-polymer 'SODIUM ION'
5 non-polymer GLYCEROL
6 water water
#
_entity_poly.entity_id   1
_entity_poly.type   'polypeptide(L)'
_entity_poly.pdbx_seq_one_letter_code
;HHGSTPVETHGQLSVKGGQLVDENGKPVQLRGMSSHGLQWFGDFVNKDSMKWLRDDWGINVFRVAMYTAEGGYITNPSVK
NKVKEAVEAAIDLGMYVIIDWHILSDNDPNTYKEQAKAFFQEMAAKYGNYPNVIYEICNEPNGGVTWSNQIKPYAEEVIP
AIRANDPDNIIIVGTPTWSQDVHDAADNPLPYSNIMYALHFYAGTHGQSLRDKIDYALSKGVAIFVTEWGTSDASGNGGP
FLNESQKWIDFMNSRNISWANWSLSDKSETSAALMPGASPTGGWTDSNLSASGKFVREQIRRS
;
_entity_poly.pdbx_strand_id   A,B,C,D,E,F
#
# COMPACT_ATOMS: atom_id res chain seq x y z
N HIS A 1 -28.86 -22.95 -0.94
CA HIS A 1 -28.28 -21.69 -0.37
C HIS A 1 -27.91 -21.91 1.06
N HIS A 2 -27.00 -21.09 1.56
CA HIS A 2 -26.52 -21.18 2.93
C HIS A 2 -25.92 -19.83 3.30
N GLY A 3 -25.86 -19.54 4.60
CA GLY A 3 -25.13 -18.38 5.06
C GLY A 3 -23.64 -18.59 4.87
N SER A 4 -22.98 -17.63 4.23
CA SER A 4 -21.53 -17.74 4.06
C SER A 4 -20.84 -17.62 5.40
N THR A 5 -19.71 -18.29 5.53
CA THR A 5 -18.94 -18.25 6.75
C THR A 5 -17.60 -17.55 6.52
N PRO A 6 -16.95 -17.11 7.59
CA PRO A 6 -15.64 -16.46 7.43
C PRO A 6 -14.60 -17.34 6.76
N VAL A 7 -14.50 -18.62 7.14
CA VAL A 7 -13.48 -19.50 6.57
C VAL A 7 -13.83 -19.87 5.14
N GLU A 8 -15.10 -20.08 4.85
CA GLU A 8 -15.48 -20.32 3.46
C GLU A 8 -15.05 -19.17 2.57
N THR A 9 -15.17 -17.93 3.07
CA THR A 9 -14.90 -16.71 2.34
C THR A 9 -13.40 -16.42 2.23
N HIS A 10 -12.62 -16.74 3.27
CA HIS A 10 -11.24 -16.29 3.36
C HIS A 10 -10.20 -17.40 3.39
N GLY A 11 -10.57 -18.62 3.76
CA GLY A 11 -9.63 -19.75 3.69
C GLY A 11 -8.41 -19.56 4.58
N GLN A 12 -7.29 -20.03 4.06
CA GLN A 12 -6.03 -20.00 4.79
C GLN A 12 -5.55 -18.57 4.91
N LEU A 13 -5.29 -18.12 6.12
CA LEU A 13 -4.77 -16.79 6.33
C LEU A 13 -3.25 -16.83 6.33
N SER A 14 -2.63 -15.68 6.03
CA SER A 14 -1.18 -15.57 6.09
C SER A 14 -0.79 -14.14 6.39
N VAL A 15 0.49 -13.95 6.67
CA VAL A 15 1.06 -12.63 6.89
C VAL A 15 1.89 -12.28 5.66
N LYS A 16 1.53 -11.21 4.97
CA LYS A 16 2.24 -10.76 3.78
C LYS A 16 2.52 -9.27 3.91
N GLY A 17 3.79 -8.90 3.80
CA GLY A 17 4.15 -7.49 3.94
C GLY A 17 3.68 -6.85 5.22
N GLY A 18 3.71 -7.60 6.33
CA GLY A 18 3.33 -7.07 7.63
C GLY A 18 1.85 -6.98 7.87
N GLN A 19 1.03 -7.61 7.02
CA GLN A 19 -0.42 -7.49 7.10
CA GLN A 19 -0.43 -7.49 7.10
C GLN A 19 -1.06 -8.87 7.05
N LEU A 20 -2.14 -9.04 7.82
CA LEU A 20 -2.93 -10.25 7.74
C LEU A 20 -3.74 -10.22 6.44
N VAL A 21 -3.60 -11.25 5.62
CA VAL A 21 -4.32 -11.38 4.37
C VAL A 21 -4.97 -12.75 4.29
N ASP A 22 -5.92 -12.89 3.37
CA ASP A 22 -6.63 -14.15 3.20
C ASP A 22 -6.01 -14.96 2.07
N GLU A 23 -6.68 -16.06 1.69
CA GLU A 23 -6.12 -16.97 0.70
C GLU A 23 -5.99 -16.32 -0.68
N ASN A 24 -6.65 -15.19 -0.89
CA ASN A 24 -6.54 -14.46 -2.15
C ASN A 24 -5.50 -13.35 -2.07
N GLY A 25 -4.80 -13.25 -0.94
CA GLY A 25 -3.89 -12.16 -0.71
C GLY A 25 -4.55 -10.84 -0.42
N LYS A 26 -5.86 -10.83 -0.16
N LYS A 26 -5.83 -10.83 -0.15
CA LYS A 26 -6.53 -9.58 0.13
CA LYS A 26 -6.51 -9.58 0.13
C LYS A 26 -6.47 -9.30 1.63
C LYS A 26 -6.48 -9.30 1.64
N PRO A 27 -6.35 -8.04 2.04
CA PRO A 27 -6.38 -7.75 3.48
C PRO A 27 -7.67 -8.27 4.11
N VAL A 28 -7.54 -8.79 5.33
CA VAL A 28 -8.69 -9.23 6.10
C VAL A 28 -8.50 -8.77 7.53
N GLN A 29 -9.60 -8.35 8.16
CA GLN A 29 -9.62 -7.99 9.57
C GLN A 29 -10.54 -8.96 10.32
N LEU A 30 -9.98 -9.67 11.30
CA LEU A 30 -10.80 -10.48 12.20
C LEU A 30 -11.25 -9.60 13.37
N ARG A 31 -12.50 -9.76 13.77
CA ARG A 31 -13.04 -9.09 14.95
C ARG A 31 -13.88 -10.12 15.70
N GLY A 32 -13.63 -10.28 16.98
CA GLY A 32 -14.37 -11.26 17.72
C GLY A 32 -14.21 -11.11 19.23
N MET A 33 -14.46 -12.21 19.92
CA MET A 33 -14.49 -12.24 21.36
C MET A 33 -13.51 -13.26 21.90
N SER A 34 -12.96 -12.97 23.08
CA SER A 34 -12.20 -13.91 23.89
C SER A 34 -13.09 -14.43 25.02
N SER A 35 -12.97 -15.72 25.29
CA SER A 35 -13.50 -16.25 26.53
C SER A 35 -12.74 -15.61 27.70
N HIS A 36 -13.32 -15.76 28.89
CA HIS A 36 -12.55 -15.61 30.13
C HIS A 36 -11.81 -16.93 30.37
N GLY A 37 -11.23 -17.09 31.56
CA GLY A 37 -10.48 -18.31 31.82
C GLY A 37 -11.33 -19.55 31.72
N LEU A 38 -10.87 -20.55 30.97
CA LEU A 38 -11.69 -21.72 30.72
C LEU A 38 -11.97 -22.52 32.00
N GLN A 39 -11.11 -22.37 33.02
CA GLN A 39 -11.31 -23.08 34.27
C GLN A 39 -12.40 -22.48 35.13
N TRP A 40 -12.89 -21.29 34.79
CA TRP A 40 -13.92 -20.59 35.54
C TRP A 40 -15.17 -20.33 34.73
N PHE A 41 -15.01 -19.99 33.45
CA PHE A 41 -16.10 -19.55 32.60
C PHE A 41 -16.19 -20.36 31.31
N GLY A 42 -15.71 -21.60 31.35
CA GLY A 42 -15.76 -22.47 30.20
C GLY A 42 -17.14 -22.82 29.75
N ASP A 43 -18.15 -22.74 30.62
CA ASP A 43 -19.51 -23.07 30.20
C ASP A 43 -19.99 -22.14 29.11
N PHE A 44 -19.44 -20.93 29.03
CA PHE A 44 -19.82 -19.98 27.98
C PHE A 44 -19.18 -20.29 26.64
N VAL A 45 -18.31 -21.30 26.58
CA VAL A 45 -17.59 -21.69 25.37
C VAL A 45 -18.19 -23.01 24.87
N ASN A 46 -18.91 -22.95 23.77
CA ASN A 46 -19.57 -24.13 23.22
C ASN A 46 -20.07 -23.77 21.83
N LYS A 47 -20.53 -24.79 21.09
CA LYS A 47 -20.94 -24.57 19.71
C LYS A 47 -22.14 -23.62 19.62
N ASP A 48 -23.04 -23.66 20.60
CA ASP A 48 -24.22 -22.80 20.55
C ASP A 48 -23.85 -21.34 20.74
N SER A 49 -23.03 -21.03 21.74
CA SER A 49 -22.65 -19.64 21.96
C SER A 49 -21.77 -19.12 20.81
N MET A 50 -20.88 -19.96 20.28
CA MET A 50 -20.06 -19.55 19.16
CA MET A 50 -20.05 -19.56 19.15
C MET A 50 -20.90 -19.29 17.92
N LYS A 51 -21.90 -20.15 17.65
CA LYS A 51 -22.78 -19.92 16.50
CA LYS A 51 -22.79 -19.92 16.50
C LYS A 51 -23.60 -18.65 16.70
N TRP A 52 -24.10 -18.43 17.93
CA TRP A 52 -24.86 -17.20 18.21
C TRP A 52 -24.00 -15.98 17.96
N LEU A 53 -22.77 -15.97 18.47
CA LEU A 53 -21.87 -14.85 18.21
C LEU A 53 -21.61 -14.65 16.72
N ARG A 54 -21.40 -15.74 15.99
CA ARG A 54 -21.22 -15.63 14.54
C ARG A 54 -22.44 -15.00 13.86
N ASP A 55 -23.63 -15.49 14.19
CA ASP A 55 -24.84 -15.11 13.47
C ASP A 55 -25.37 -13.76 13.91
N ASP A 56 -25.34 -13.47 15.21
CA ASP A 56 -25.95 -12.27 15.74
C ASP A 56 -24.96 -11.14 15.97
N TRP A 57 -23.73 -11.44 16.41
CA TRP A 57 -22.75 -10.39 16.61
C TRP A 57 -21.89 -10.16 15.36
N GLY A 58 -21.85 -11.11 14.44
CA GLY A 58 -20.99 -10.99 13.30
C GLY A 58 -19.52 -11.28 13.57
N ILE A 59 -19.19 -12.03 14.62
CA ILE A 59 -17.78 -12.31 14.88
C ILE A 59 -17.25 -13.26 13.81
N ASN A 60 -15.95 -13.18 13.55
CA ASN A 60 -15.31 -14.15 12.68
C ASN A 60 -14.11 -14.84 13.33
N VAL A 61 -13.84 -14.54 14.60
CA VAL A 61 -12.77 -15.20 15.36
C VAL A 61 -13.23 -15.33 16.80
N PHE A 62 -12.87 -16.44 17.42
CA PHE A 62 -13.16 -16.69 18.82
C PHE A 62 -11.88 -17.18 19.46
N ARG A 63 -11.51 -16.57 20.59
CA ARG A 63 -10.27 -16.87 21.31
C ARG A 63 -10.60 -17.63 22.59
N VAL A 64 -9.93 -18.74 22.81
CA VAL A 64 -10.08 -19.53 24.03
C VAL A 64 -8.86 -19.31 24.90
N ALA A 65 -9.11 -18.73 26.08
CA ALA A 65 -8.06 -18.32 27.02
C ALA A 65 -7.81 -19.47 27.98
N MET A 66 -6.87 -20.34 27.61
CA MET A 66 -6.53 -21.48 28.44
C MET A 66 -5.42 -21.04 29.38
N TYR A 67 -5.82 -20.54 30.55
CA TYR A 67 -4.84 -20.25 31.58
C TYR A 67 -3.96 -21.46 31.84
N THR A 68 -2.69 -21.19 32.15
CA THR A 68 -1.74 -22.19 32.61
C THR A 68 -1.78 -22.31 34.13
N ALA A 69 -1.62 -21.18 34.81
CA ALA A 69 -1.67 -21.10 36.27
C ALA A 69 -3.11 -20.83 36.72
N GLU A 70 -3.29 -20.50 38.02
CA GLU A 70 -4.59 -20.15 38.58
C GLU A 70 -5.63 -21.25 38.32
N GLY A 71 -5.24 -22.50 38.54
CA GLY A 71 -6.14 -23.62 38.37
C GLY A 71 -6.36 -24.00 36.93
N GLY A 72 -5.52 -23.51 36.02
CA GLY A 72 -5.62 -23.82 34.61
C GLY A 72 -4.90 -25.11 34.26
N TYR A 73 -4.36 -25.14 33.04
CA TYR A 73 -3.93 -26.39 32.42
C TYR A 73 -2.84 -27.10 33.18
N ILE A 74 -1.93 -26.37 33.84
CA ILE A 74 -0.80 -27.06 34.45
C ILE A 74 -1.26 -27.97 35.57
N THR A 75 -2.22 -27.51 36.38
CA THR A 75 -2.75 -28.34 37.48
C THR A 75 -4.02 -29.09 37.10
N ASN A 76 -4.73 -28.65 36.07
N ASN A 76 -4.73 -28.65 36.07
CA ASN A 76 -5.99 -29.27 35.67
CA ASN A 76 -5.98 -29.28 35.66
C ASN A 76 -6.02 -29.39 34.15
C ASN A 76 -6.01 -29.38 34.15
N PRO A 77 -5.30 -30.37 33.59
CA PRO A 77 -5.20 -30.46 32.13
C PRO A 77 -6.52 -30.77 31.45
N SER A 78 -7.57 -31.13 32.19
CA SER A 78 -8.86 -31.40 31.57
C SER A 78 -9.39 -30.20 30.78
N VAL A 79 -8.91 -29.00 31.07
CA VAL A 79 -9.36 -27.83 30.33
CA VAL A 79 -9.36 -27.82 30.34
C VAL A 79 -9.01 -27.95 28.86
N LYS A 80 -8.06 -28.81 28.51
CA LYS A 80 -7.76 -29.04 27.10
C LYS A 80 -8.96 -29.58 26.35
N ASN A 81 -9.86 -30.29 27.05
CA ASN A 81 -11.08 -30.77 26.39
C ASN A 81 -11.94 -29.61 25.92
N LYS A 82 -11.98 -28.52 26.69
CA LYS A 82 -12.75 -27.35 26.29
C LYS A 82 -12.11 -26.66 25.09
N VAL A 83 -10.77 -26.62 25.04
CA VAL A 83 -10.10 -26.11 23.84
C VAL A 83 -10.52 -26.93 22.62
N LYS A 84 -10.49 -28.25 22.75
CA LYS A 84 -10.83 -29.11 21.62
C LYS A 84 -12.28 -28.90 21.20
N GLU A 85 -13.19 -28.78 22.18
CA GLU A 85 -14.59 -28.51 21.88
C GLU A 85 -14.73 -27.22 21.07
N ALA A 86 -14.02 -26.17 21.47
CA ALA A 86 -14.12 -24.90 20.77
C ALA A 86 -13.52 -24.97 19.38
N VAL A 87 -12.37 -25.65 19.23
CA VAL A 87 -11.75 -25.76 17.91
C VAL A 87 -12.68 -26.52 16.96
N GLU A 88 -13.24 -27.63 17.43
CA GLU A 88 -14.12 -28.43 16.58
C GLU A 88 -15.39 -27.68 16.24
N ALA A 89 -15.91 -26.89 17.19
CA ALA A 89 -17.05 -26.05 16.88
C ALA A 89 -16.69 -25.02 15.81
N ALA A 90 -15.49 -24.42 15.91
CA ALA A 90 -15.08 -23.43 14.93
C ALA A 90 -14.96 -24.04 13.54
N ILE A 91 -14.43 -25.26 13.46
CA ILE A 91 -14.38 -25.97 12.17
C ILE A 91 -15.78 -26.17 11.64
N ASP A 92 -16.68 -26.68 12.47
CA ASP A 92 -18.05 -26.93 12.03
C ASP A 92 -18.72 -25.66 11.53
N LEU A 93 -18.41 -24.51 12.15
CA LEU A 93 -19.10 -23.24 11.92
C LEU A 93 -18.38 -22.32 10.96
N GLY A 94 -17.21 -22.72 10.45
CA GLY A 94 -16.47 -21.88 9.55
C GLY A 94 -15.88 -20.64 10.19
N MET A 95 -15.45 -20.75 11.44
CA MET A 95 -14.90 -19.62 12.18
CA MET A 95 -14.90 -19.62 12.16
C MET A 95 -13.41 -19.80 12.44
N TYR A 96 -12.70 -18.70 12.57
CA TYR A 96 -11.32 -18.74 13.04
C TYR A 96 -11.33 -18.86 14.56
N VAL A 97 -10.32 -19.56 15.08
CA VAL A 97 -10.22 -19.84 16.51
C VAL A 97 -8.78 -19.64 16.95
N ILE A 98 -8.59 -18.88 18.02
CA ILE A 98 -7.26 -18.64 18.61
C ILE A 98 -7.11 -19.54 19.83
N ILE A 99 -6.10 -20.40 19.80
CA ILE A 99 -5.73 -21.24 20.93
C ILE A 99 -4.69 -20.45 21.74
N ASP A 100 -5.07 -19.95 22.92
CA ASP A 100 -4.23 -19.02 23.71
C ASP A 100 -3.70 -19.72 24.94
N TRP A 101 -2.38 -19.93 24.95
CA TRP A 101 -1.62 -20.39 26.12
C TRP A 101 -1.51 -19.19 27.05
N HIS A 102 -2.39 -19.13 28.04
CA HIS A 102 -2.71 -17.87 28.68
C HIS A 102 -1.91 -17.70 29.98
N ILE A 103 -0.62 -17.38 29.76
CA ILE A 103 0.24 -17.03 30.88
C ILE A 103 -0.14 -15.64 31.38
N LEU A 104 0.06 -15.40 32.68
CA LEU A 104 -0.25 -14.10 33.28
C LEU A 104 0.51 -13.99 34.60
N SER A 105 0.02 -14.64 35.66
CA SER A 105 0.74 -14.59 36.92
C SER A 105 2.09 -15.31 36.81
N ASP A 106 2.14 -16.35 35.97
CA ASP A 106 3.37 -17.00 35.52
C ASP A 106 3.91 -16.13 34.39
N ASN A 107 4.63 -15.08 34.79
CA ASN A 107 4.89 -13.95 33.91
C ASN A 107 6.01 -14.19 32.94
N ASP A 108 6.78 -15.27 33.11
CA ASP A 108 7.83 -15.66 32.17
C ASP A 108 7.31 -16.85 31.38
N PRO A 109 7.20 -16.77 30.04
CA PRO A 109 6.71 -17.93 29.27
C PRO A 109 7.63 -19.14 29.38
N ASN A 110 8.87 -18.95 29.82
CA ASN A 110 9.78 -20.09 29.90
C ASN A 110 9.43 -21.04 31.03
N THR A 111 8.66 -20.58 32.03
CA THR A 111 8.37 -21.40 33.20
C THR A 111 7.72 -22.71 32.81
N TYR A 112 6.74 -22.68 31.90
CA TYR A 112 6.05 -23.90 31.47
C TYR A 112 6.31 -24.21 30.00
N LYS A 113 7.52 -23.92 29.52
CA LYS A 113 7.80 -24.08 28.09
C LYS A 113 7.76 -25.55 27.66
N GLU A 114 8.13 -26.49 28.54
CA GLU A 114 8.07 -27.89 28.12
C GLU A 114 6.62 -28.33 27.91
N GLN A 115 5.75 -27.93 28.84
CA GLN A 115 4.34 -28.22 28.69
C GLN A 115 3.76 -27.51 27.48
N ALA A 116 4.21 -26.28 27.22
CA ALA A 116 3.71 -25.53 26.08
C ALA A 116 4.07 -26.21 24.77
N LYS A 117 5.32 -26.66 24.63
CA LYS A 117 5.72 -27.33 23.40
C LYS A 117 4.89 -28.60 23.19
N ALA A 118 4.70 -29.37 24.26
CA ALA A 118 3.93 -30.61 24.09
C ALA A 118 2.48 -30.32 23.76
N PHE A 119 1.89 -29.32 24.41
CA PHE A 119 0.50 -28.94 24.12
C PHE A 119 0.35 -28.49 22.67
N PHE A 120 1.20 -27.56 22.23
CA PHE A 120 1.09 -27.03 20.87
C PHE A 120 1.38 -28.09 19.82
N GLN A 121 2.34 -28.98 20.09
CA GLN A 121 2.57 -30.09 19.17
CA GLN A 121 2.58 -30.10 19.18
C GLN A 121 1.32 -30.94 19.01
N GLU A 122 0.63 -31.25 20.11
CA GLU A 122 -0.59 -32.05 20.04
C GLU A 122 -1.67 -31.31 19.25
N MET A 123 -1.88 -30.03 19.57
CA MET A 123 -2.91 -29.28 18.84
C MET A 123 -2.57 -29.18 17.36
N ALA A 124 -1.31 -28.95 17.03
CA ALA A 124 -0.92 -28.78 15.63
C ALA A 124 -1.02 -30.09 14.86
N ALA A 125 -0.66 -31.21 15.51
CA ALA A 125 -0.82 -32.51 14.87
C ALA A 125 -2.29 -32.84 14.60
N LYS A 126 -3.18 -32.47 15.53
CA LYS A 126 -4.58 -32.81 15.38
C LYS A 126 -5.32 -31.88 14.42
N TYR A 127 -5.04 -30.58 14.52
CA TYR A 127 -5.85 -29.57 13.84
C TYR A 127 -5.09 -28.73 12.83
N GLY A 128 -3.79 -28.97 12.65
CA GLY A 128 -2.95 -28.09 11.84
C GLY A 128 -3.33 -28.01 10.38
N ASN A 129 -4.06 -28.98 9.85
CA ASN A 129 -4.47 -28.95 8.46
CA ASN A 129 -4.46 -28.94 8.46
C ASN A 129 -5.70 -28.07 8.24
N TYR A 130 -6.30 -27.55 9.30
CA TYR A 130 -7.48 -26.70 9.15
C TYR A 130 -7.09 -25.24 9.15
N PRO A 131 -7.63 -24.43 8.22
CA PRO A 131 -7.24 -23.00 8.18
C PRO A 131 -7.81 -22.21 9.34
N ASN A 132 -8.70 -22.81 10.11
CA ASN A 132 -9.36 -22.09 11.18
C ASN A 132 -8.42 -21.71 12.32
N VAL A 133 -7.33 -22.45 12.48
CA VAL A 133 -6.55 -22.42 13.72
C VAL A 133 -5.49 -21.34 13.68
N ILE A 134 -5.42 -20.56 14.77
CA ILE A 134 -4.39 -19.57 15.02
C ILE A 134 -3.85 -19.87 16.40
N TYR A 135 -2.52 -19.94 16.53
CA TYR A 135 -1.88 -20.25 17.81
C TYR A 135 -1.40 -18.96 18.48
N GLU A 136 -1.65 -18.82 19.79
CA GLU A 136 -1.18 -17.68 20.58
C GLU A 136 -0.36 -18.27 21.72
N ILE A 137 0.97 -18.20 21.59
CA ILE A 137 1.85 -19.05 22.38
C ILE A 137 2.19 -18.54 23.78
N CYS A 138 1.94 -17.27 24.08
CA CYS A 138 2.20 -16.78 25.44
C CYS A 138 1.48 -15.43 25.62
N ASN A 139 0.24 -15.50 26.16
CA ASN A 139 -0.64 -14.35 26.35
C ASN A 139 0.08 -13.07 26.75
N GLU A 140 0.62 -13.01 27.98
CA GLU A 140 1.16 -11.76 28.52
C GLU A 140 2.40 -11.96 29.37
N PRO A 141 3.57 -12.05 28.73
CA PRO A 141 4.81 -11.79 29.47
C PRO A 141 4.68 -10.47 30.21
N ASN A 142 5.21 -10.40 31.44
CA ASN A 142 5.12 -9.17 32.20
C ASN A 142 6.19 -9.14 33.30
N GLY A 143 6.26 -8.02 34.00
CA GLY A 143 7.15 -7.91 35.14
C GLY A 143 8.63 -7.87 34.84
N GLY A 144 9.03 -7.23 33.75
CA GLY A 144 10.43 -7.12 33.41
C GLY A 144 10.99 -8.25 32.59
N VAL A 145 10.17 -9.24 32.27
CA VAL A 145 10.54 -10.27 31.31
C VAL A 145 10.77 -9.59 29.96
N THR A 146 11.92 -9.86 29.35
CA THR A 146 12.32 -9.09 28.19
C THR A 146 12.14 -9.87 26.90
N TRP A 147 12.08 -9.11 25.81
CA TRP A 147 11.93 -9.71 24.48
C TRP A 147 13.20 -10.49 24.10
N SER A 148 14.35 -9.83 24.15
CA SER A 148 15.54 -10.46 23.59
CA SER A 148 15.55 -10.44 23.60
C SER A 148 16.03 -11.64 24.43
N ASN A 149 15.86 -11.58 25.74
CA ASN A 149 16.44 -12.60 26.61
C ASN A 149 15.47 -13.66 27.08
N GLN A 150 14.16 -13.39 27.07
CA GLN A 150 13.19 -14.37 27.55
C GLN A 150 12.16 -14.76 26.50
N ILE A 151 11.46 -13.79 25.89
CA ILE A 151 10.32 -14.13 25.05
C ILE A 151 10.77 -14.66 23.71
N LYS A 152 11.70 -13.97 23.04
CA LYS A 152 12.14 -14.44 21.73
C LYS A 152 12.74 -15.84 21.85
N PRO A 153 13.63 -16.13 22.80
CA PRO A 153 14.12 -17.51 22.93
C PRO A 153 13.00 -18.52 23.16
N TYR A 154 11.99 -18.18 23.96
CA TYR A 154 10.82 -19.05 24.13
C TYR A 154 10.16 -19.32 22.78
N ALA A 155 9.92 -18.27 22.03
CA ALA A 155 9.27 -18.42 20.72
C ALA A 155 10.12 -19.26 19.78
N GLU A 156 11.43 -19.11 19.85
CA GLU A 156 12.32 -19.90 19.01
CA GLU A 156 12.32 -19.90 19.01
C GLU A 156 12.29 -21.38 19.35
N GLU A 157 11.79 -21.75 20.53
CA GLU A 157 11.60 -23.15 20.86
C GLU A 157 10.21 -23.65 20.46
N VAL A 158 9.18 -22.81 20.64
CA VAL A 158 7.82 -23.26 20.40
C VAL A 158 7.46 -23.20 18.92
N ILE A 159 7.91 -22.17 18.20
CA ILE A 159 7.55 -22.06 16.78
C ILE A 159 7.94 -23.31 16.01
N PRO A 160 9.17 -23.82 16.11
CA PRO A 160 9.52 -25.04 15.36
C PRO A 160 8.69 -26.25 15.78
N ALA A 161 8.30 -26.32 17.04
CA ALA A 161 7.48 -27.43 17.50
C ALA A 161 6.13 -27.43 16.79
N ILE A 162 5.54 -26.24 16.64
CA ILE A 162 4.29 -26.14 15.89
C ILE A 162 4.54 -26.44 14.43
N ARG A 163 5.58 -25.81 13.87
N ARG A 163 5.57 -25.85 13.85
CA ARG A 163 5.81 -25.84 12.42
CA ARG A 163 5.65 -25.92 12.41
C ARG A 163 6.11 -27.25 11.91
C ARG A 163 6.17 -27.24 11.88
N ALA A 164 6.68 -28.10 12.76
CA ALA A 164 6.95 -29.47 12.35
C ALA A 164 5.67 -30.18 11.95
N ASN A 165 4.53 -29.78 12.52
CA ASN A 165 3.24 -30.42 12.31
C ASN A 165 2.28 -29.56 11.49
N ASP A 166 2.43 -28.24 11.52
CA ASP A 166 1.51 -27.30 10.89
C ASP A 166 2.38 -26.23 10.24
N PRO A 167 2.68 -26.36 8.95
CA PRO A 167 3.68 -25.47 8.35
C PRO A 167 3.20 -24.04 8.12
N ASP A 168 1.90 -23.75 8.13
CA ASP A 168 1.45 -22.49 7.59
C ASP A 168 0.52 -21.65 8.45
N ASN A 169 -0.17 -22.22 9.44
N ASN A 169 -0.14 -22.22 9.46
CA ASN A 169 -1.10 -21.41 10.22
CA ASN A 169 -1.07 -21.41 10.24
C ASN A 169 -0.35 -20.36 11.05
C ASN A 169 -0.34 -20.35 11.06
N ILE A 170 -1.06 -19.26 11.32
CA ILE A 170 -0.45 -18.13 12.01
C ILE A 170 -0.13 -18.43 13.47
N ILE A 171 1.04 -17.94 13.90
CA ILE A 171 1.48 -18.01 15.29
C ILE A 171 1.65 -16.58 15.78
N ILE A 172 1.01 -16.27 16.91
CA ILE A 172 1.03 -14.94 17.51
C ILE A 172 1.84 -15.03 18.80
N VAL A 173 2.82 -14.13 18.92
CA VAL A 173 3.76 -14.12 20.04
C VAL A 173 3.52 -12.91 20.92
N GLY A 174 3.41 -13.15 22.23
CA GLY A 174 3.23 -12.05 23.15
C GLY A 174 4.46 -11.20 23.27
N THR A 175 4.28 -10.02 23.85
CA THR A 175 5.34 -9.03 23.93
C THR A 175 5.46 -8.51 25.36
N PRO A 176 6.57 -7.82 25.68
CA PRO A 176 6.78 -7.42 27.07
C PRO A 176 5.70 -6.48 27.61
N THR A 177 5.59 -6.45 28.95
CA THR A 177 4.72 -5.50 29.67
C THR A 177 3.25 -5.77 29.31
N TRP A 178 2.83 -7.01 29.57
CA TRP A 178 1.48 -7.47 29.26
C TRP A 178 1.13 -7.25 27.79
N SER A 179 2.06 -7.64 26.90
CA SER A 179 1.87 -7.50 25.46
C SER A 179 1.59 -6.05 25.05
N GLN A 180 2.40 -5.15 25.57
CA GLN A 180 2.42 -3.76 25.09
C GLN A 180 3.63 -3.42 24.26
N ASP A 181 4.78 -4.02 24.53
CA ASP A 181 6.05 -3.47 24.01
C ASP A 181 6.36 -4.06 22.64
N VAL A 182 5.43 -3.83 21.70
CA VAL A 182 5.58 -4.34 20.35
C VAL A 182 6.77 -3.71 19.62
N HIS A 183 7.22 -2.54 20.07
CA HIS A 183 8.38 -1.91 19.47
C HIS A 183 9.64 -2.72 19.71
N ASP A 184 9.75 -3.39 20.87
CA ASP A 184 10.91 -4.24 21.11
C ASP A 184 10.94 -5.39 20.13
N ALA A 185 9.78 -6.01 19.91
CA ALA A 185 9.70 -7.10 18.95
C ALA A 185 10.04 -6.60 17.55
N ALA A 186 9.52 -5.43 17.18
CA ALA A 186 9.74 -4.89 15.84
C ALA A 186 11.21 -4.64 15.58
N ASP A 187 11.96 -4.27 16.62
CA ASP A 187 13.38 -4.01 16.49
C ASP A 187 14.23 -5.29 16.46
N ASN A 188 13.66 -6.45 16.81
CA ASN A 188 14.40 -7.70 16.82
C ASN A 188 13.43 -8.83 16.50
N PRO A 189 12.87 -8.84 15.28
CA PRO A 189 11.77 -9.74 14.99
C PRO A 189 12.21 -11.19 14.79
N LEU A 190 11.23 -12.06 14.87
CA LEU A 190 11.43 -13.47 14.49
C LEU A 190 11.46 -13.60 12.98
N PRO A 191 12.47 -14.26 12.40
CA PRO A 191 12.60 -14.27 10.94
C PRO A 191 11.93 -15.48 10.29
N TYR A 192 10.70 -15.75 10.70
CA TYR A 192 9.91 -16.88 10.21
C TYR A 192 8.62 -16.36 9.62
N SER A 193 8.06 -17.14 8.71
CA SER A 193 6.83 -16.76 8.06
C SER A 193 5.61 -16.88 8.97
N ASN A 194 4.61 -16.04 8.69
CA ASN A 194 3.29 -16.14 9.32
C ASN A 194 3.37 -16.04 10.84
N ILE A 195 4.14 -15.06 11.29
CA ILE A 195 4.25 -14.70 12.70
C ILE A 195 3.63 -13.33 12.87
N MET A 196 2.86 -13.16 13.95
CA MET A 196 2.34 -11.86 14.37
C MET A 196 2.72 -11.63 15.83
N TYR A 197 2.59 -10.39 16.26
CA TYR A 197 2.94 -9.98 17.62
C TYR A 197 1.72 -9.40 18.30
N ALA A 198 1.49 -9.81 19.54
CA ALA A 198 0.30 -9.42 20.28
C ALA A 198 0.44 -8.03 20.90
N LEU A 199 -0.66 -7.29 20.87
CA LEU A 199 -0.82 -6.01 21.56
C LEU A 199 -2.12 -6.10 22.36
N HIS A 200 -2.04 -5.81 23.64
CA HIS A 200 -3.20 -5.77 24.53
C HIS A 200 -3.34 -4.41 25.15
N PHE A 201 -4.55 -3.85 25.04
CA PHE A 201 -4.84 -2.55 25.62
C PHE A 201 -6.15 -2.61 26.41
N TYR A 202 -6.27 -1.69 27.38
CA TYR A 202 -7.49 -1.50 28.17
C TYR A 202 -7.81 -0.02 28.13
N ALA A 203 -9.01 0.31 27.63
CA ALA A 203 -9.32 1.70 27.30
C ALA A 203 -9.30 2.64 28.50
N GLY A 204 -9.50 2.15 29.71
CA GLY A 204 -9.36 3.02 30.87
C GLY A 204 -7.95 3.32 31.33
N THR A 205 -6.96 2.71 30.69
CA THR A 205 -5.57 2.86 31.10
C THR A 205 -4.65 3.29 29.96
N HIS A 206 -4.96 2.87 28.73
CA HIS A 206 -4.04 3.05 27.61
C HIS A 206 -4.66 3.94 26.53
N GLY A 207 -3.82 4.80 25.96
CA GLY A 207 -4.22 5.76 24.98
C GLY A 207 -3.19 6.00 23.90
N GLN A 208 -2.94 7.27 23.60
CA GLN A 208 -2.17 7.62 22.40
C GLN A 208 -0.75 7.08 22.45
N SER A 209 -0.11 7.08 23.62
CA SER A 209 1.29 6.64 23.68
C SER A 209 1.42 5.20 23.23
N LEU A 210 0.40 4.37 23.49
CA LEU A 210 0.45 2.98 23.07
C LEU A 210 0.15 2.86 21.58
N ARG A 211 -0.78 3.67 21.06
CA ARG A 211 -0.98 3.71 19.61
C ARG A 211 0.30 4.12 18.89
N ASP A 212 1.09 5.02 19.51
CA ASP A 212 2.36 5.42 18.91
C ASP A 212 3.35 4.25 18.86
N LYS A 213 3.41 3.43 19.91
CA LYS A 213 4.28 2.25 19.87
C LYS A 213 3.84 1.31 18.74
N ILE A 214 2.53 1.17 18.55
CA ILE A 214 2.02 0.28 17.49
C ILE A 214 2.40 0.80 16.13
N ASP A 215 2.21 2.10 15.88
CA ASP A 215 2.59 2.69 14.60
C ASP A 215 4.09 2.53 14.35
N TYR A 216 4.91 2.67 15.39
CA TYR A 216 6.34 2.41 15.23
C TYR A 216 6.59 0.96 14.80
N ALA A 217 5.98 0.01 15.50
CA ALA A 217 6.17 -1.39 15.15
C ALA A 217 5.76 -1.67 13.71
N LEU A 218 4.57 -1.17 13.31
CA LEU A 218 4.11 -1.39 11.95
C LEU A 218 5.11 -0.81 10.94
N SER A 219 5.74 0.32 11.27
CA SER A 219 6.69 0.94 10.35
C SER A 219 7.93 0.08 10.12
N LYS A 220 8.22 -0.86 11.01
CA LYS A 220 9.34 -1.78 10.86
C LYS A 220 8.93 -3.06 10.15
N GLY A 221 7.67 -3.18 9.78
CA GLY A 221 7.24 -4.26 8.92
C GLY A 221 6.69 -5.48 9.61
N VAL A 222 6.50 -5.45 10.94
CA VAL A 222 5.89 -6.56 11.65
C VAL A 222 4.38 -6.40 11.67
N ALA A 223 3.69 -7.53 11.81
CA ALA A 223 2.24 -7.57 11.88
C ALA A 223 1.78 -7.67 13.32
N ILE A 224 0.71 -6.93 13.64
CA ILE A 224 0.19 -6.80 15.00
C ILE A 224 -1.24 -7.34 15.04
N PHE A 225 -1.54 -8.17 16.03
CA PHE A 225 -2.89 -8.68 16.29
C PHE A 225 -3.24 -8.29 17.72
N VAL A 226 -4.34 -7.55 17.91
CA VAL A 226 -4.82 -7.25 19.27
C VAL A 226 -5.62 -8.44 19.77
N THR A 227 -4.91 -9.46 20.29
CA THR A 227 -5.63 -10.66 20.68
C THR A 227 -6.48 -10.47 21.94
N GLU A 228 -6.29 -9.37 22.66
CA GLU A 228 -7.11 -9.07 23.82
C GLU A 228 -7.16 -7.57 24.06
N TRP A 229 -8.37 -7.05 24.25
CA TRP A 229 -8.52 -5.68 24.71
C TRP A 229 -9.79 -5.59 25.53
N GLY A 230 -9.83 -4.64 26.45
CA GLY A 230 -11.02 -4.38 27.24
C GLY A 230 -11.45 -2.93 27.22
N THR A 231 -12.76 -2.72 27.46
CA THR A 231 -13.32 -1.39 27.62
C THR A 231 -13.10 -0.83 29.02
N SER A 232 -12.66 -1.67 29.95
CA SER A 232 -12.41 -1.27 31.33
C SER A 232 -11.02 -0.68 31.45
N ASP A 233 -10.62 -0.35 32.70
CA ASP A 233 -9.20 -0.15 32.98
C ASP A 233 -8.47 -1.50 32.97
N ALA A 234 -7.14 -1.41 33.10
CA ALA A 234 -6.31 -2.61 33.02
C ALA A 234 -6.70 -3.66 34.05
N SER A 235 -7.14 -3.22 35.23
CA SER A 235 -7.52 -4.17 36.28
C SER A 235 -8.89 -4.79 36.10
N GLY A 236 -9.68 -4.34 35.14
CA GLY A 236 -10.99 -4.90 34.92
C GLY A 236 -12.13 -4.10 35.52
N ASN A 237 -11.88 -2.87 35.90
CA ASN A 237 -12.85 -2.05 36.62
C ASN A 237 -13.05 -0.73 35.92
N GLY A 238 -14.06 -0.02 36.36
CA GLY A 238 -14.32 1.30 35.86
C GLY A 238 -15.07 1.31 34.53
N GLY A 239 -15.60 2.48 34.21
CA GLY A 239 -16.22 2.70 32.93
C GLY A 239 -17.47 1.87 32.79
N PRO A 240 -17.66 1.22 31.64
CA PRO A 240 -16.68 1.08 30.55
C PRO A 240 -16.30 2.38 29.86
N PHE A 241 -15.07 2.49 29.37
CA PHE A 241 -14.57 3.75 28.80
C PHE A 241 -14.81 3.75 27.31
N LEU A 242 -16.04 4.12 26.94
CA LEU A 242 -16.50 3.90 25.58
C LEU A 242 -15.95 4.93 24.61
N ASN A 243 -15.76 6.17 25.04
CA ASN A 243 -15.14 7.17 24.18
CA ASN A 243 -15.13 7.17 24.19
C ASN A 243 -13.72 6.75 23.80
N GLU A 244 -12.89 6.38 24.79
CA GLU A 244 -11.54 5.93 24.46
CA GLU A 244 -11.54 5.92 24.47
C GLU A 244 -11.58 4.62 23.68
N SER A 245 -12.54 3.73 23.97
CA SER A 245 -12.62 2.48 23.22
C SER A 245 -12.91 2.76 21.74
N GLN A 246 -13.79 3.73 21.46
CA GLN A 246 -14.06 4.05 20.08
C GLN A 246 -12.81 4.58 19.38
N LYS A 247 -12.00 5.40 20.05
CA LYS A 247 -10.76 5.86 19.43
C LYS A 247 -9.86 4.68 19.07
N TRP A 248 -9.81 3.68 19.96
CA TRP A 248 -9.01 2.50 19.69
C TRP A 248 -9.58 1.69 18.52
N ILE A 249 -10.91 1.55 18.46
CA ILE A 249 -11.52 0.78 17.37
C ILE A 249 -11.29 1.47 16.05
N ASP A 250 -11.43 2.80 16.01
CA ASP A 250 -11.14 3.55 14.80
C ASP A 250 -9.68 3.42 14.38
N PHE A 251 -8.76 3.46 15.35
CA PHE A 251 -7.34 3.23 15.07
C PHE A 251 -7.11 1.84 14.47
N MET A 252 -7.69 0.82 15.10
CA MET A 252 -7.50 -0.54 14.57
C MET A 252 -8.08 -0.68 13.17
N ASN A 253 -9.25 -0.09 12.93
CA ASN A 253 -9.83 -0.14 11.59
CA ASN A 253 -9.83 -0.14 11.58
C ASN A 253 -8.90 0.52 10.58
N SER A 254 -8.41 1.72 10.91
CA SER A 254 -7.54 2.47 10.02
C SER A 254 -6.29 1.67 9.65
N ARG A 255 -5.71 0.95 10.63
CA ARG A 255 -4.49 0.17 10.45
C ARG A 255 -4.77 -1.28 10.05
N ASN A 256 -6.05 -1.63 9.83
CA ASN A 256 -6.47 -3.00 9.54
C ASN A 256 -5.87 -4.04 10.51
N ILE A 257 -5.99 -3.74 11.78
CA ILE A 257 -5.55 -4.59 12.86
C ILE A 257 -6.72 -5.41 13.37
N SER A 258 -6.54 -6.73 13.40
CA SER A 258 -7.54 -7.65 13.92
C SER A 258 -7.60 -7.60 15.44
N TRP A 259 -8.76 -7.97 15.98
CA TRP A 259 -8.94 -7.88 17.41
C TRP A 259 -9.95 -8.83 18.02
N ALA A 260 -9.72 -9.15 19.30
CA ALA A 260 -10.67 -9.89 20.12
C ALA A 260 -10.87 -9.18 21.46
N ASN A 261 -12.11 -9.01 21.86
CA ASN A 261 -12.48 -8.32 23.08
C ASN A 261 -12.63 -9.27 24.26
N TRP A 262 -12.12 -8.86 25.40
CA TRP A 262 -12.30 -9.55 26.67
C TRP A 262 -13.46 -8.90 27.43
N SER A 263 -14.44 -9.70 27.87
CA SER A 263 -14.51 -11.16 27.76
C SER A 263 -15.96 -11.62 27.57
N LEU A 264 -16.14 -12.82 27.02
CA LEU A 264 -17.45 -13.45 26.91
C LEU A 264 -17.70 -14.22 28.20
N SER A 265 -18.20 -13.50 29.20
CA SER A 265 -18.50 -14.07 30.50
C SER A 265 -19.40 -13.08 31.22
N ASP A 266 -19.88 -13.51 32.37
CA ASP A 266 -20.64 -12.65 33.29
C ASP A 266 -19.82 -12.36 34.56
N LYS A 267 -18.49 -12.44 34.43
CA LYS A 267 -17.59 -12.09 35.54
C LYS A 267 -17.90 -10.69 36.03
N SER A 268 -17.68 -10.48 37.34
CA SER A 268 -17.88 -9.17 37.94
CA SER A 268 -17.87 -9.17 37.95
C SER A 268 -16.68 -8.26 37.67
N GLU A 269 -16.48 -7.99 36.38
CA GLU A 269 -15.50 -7.05 35.84
C GLU A 269 -16.27 -6.22 34.83
N THR A 270 -15.97 -4.91 34.73
CA THR A 270 -16.75 -4.10 33.80
C THR A 270 -16.44 -4.42 32.34
N SER A 271 -15.34 -5.14 32.06
CA SER A 271 -15.06 -5.63 30.71
C SER A 271 -15.95 -6.80 30.30
N ALA A 272 -16.62 -7.46 31.25
CA ALA A 272 -17.41 -8.63 30.90
C ALA A 272 -18.59 -8.20 30.04
N ALA A 273 -18.86 -8.99 28.98
CA ALA A 273 -19.88 -8.65 28.00
C ALA A 273 -21.28 -9.01 28.44
N LEU A 274 -21.45 -9.90 29.42
CA LEU A 274 -22.76 -10.45 29.74
C LEU A 274 -23.18 -10.06 31.15
N MET A 275 -24.50 -9.91 31.34
CA MET A 275 -25.03 -9.66 32.66
C MET A 275 -25.00 -10.95 33.48
N PRO A 276 -24.97 -10.83 34.81
CA PRO A 276 -24.97 -12.04 35.64
C PRO A 276 -26.15 -12.95 35.32
N GLY A 277 -25.85 -14.23 35.13
CA GLY A 277 -26.87 -15.24 34.87
C GLY A 277 -27.24 -15.43 33.42
N ALA A 278 -26.61 -14.67 32.51
CA ALA A 278 -26.89 -14.82 31.09
C ALA A 278 -26.66 -16.26 30.63
N SER A 279 -27.46 -16.68 29.66
CA SER A 279 -27.40 -18.07 29.20
C SER A 279 -26.01 -18.40 28.69
N PRO A 280 -25.44 -19.55 29.07
CA PRO A 280 -24.13 -19.92 28.52
C PRO A 280 -24.17 -20.37 27.06
N THR A 281 -25.35 -20.59 26.48
CA THR A 281 -25.46 -21.12 25.12
C THR A 281 -25.90 -20.06 24.12
N GLY A 282 -25.84 -18.79 24.48
CA GLY A 282 -26.17 -17.72 23.57
C GLY A 282 -27.62 -17.29 23.67
N GLY A 283 -28.09 -16.64 22.62
CA GLY A 283 -29.48 -16.18 22.58
C GLY A 283 -29.72 -14.99 23.49
N TRP A 284 -28.79 -14.07 23.53
CA TRP A 284 -28.88 -12.94 24.46
C TRP A 284 -29.61 -11.79 23.80
N THR A 285 -30.57 -11.23 24.51
CA THR A 285 -31.18 -9.99 24.08
C THR A 285 -30.43 -8.84 24.73
N ASP A 286 -30.83 -7.60 24.39
CA ASP A 286 -30.15 -6.41 24.89
C ASP A 286 -30.03 -6.43 26.42
N SER A 287 -31.06 -6.89 27.13
CA SER A 287 -31.02 -6.84 28.58
C SER A 287 -30.07 -7.87 29.19
N ASN A 288 -29.61 -8.84 28.42
CA ASN A 288 -28.66 -9.81 28.90
C ASN A 288 -27.22 -9.35 28.70
N LEU A 289 -27.01 -8.22 28.03
CA LEU A 289 -25.68 -7.71 27.75
C LEU A 289 -25.34 -6.56 28.69
N SER A 290 -24.10 -6.54 29.15
CA SER A 290 -23.62 -5.45 29.98
C SER A 290 -23.45 -4.19 29.12
N ALA A 291 -23.17 -3.05 29.77
CA ALA A 291 -22.84 -1.84 29.00
C ALA A 291 -21.70 -2.12 28.02
N SER A 292 -20.69 -2.87 28.45
CA SER A 292 -19.59 -3.19 27.54
C SER A 292 -20.04 -4.11 26.40
N GLY A 293 -20.79 -5.17 26.74
CA GLY A 293 -21.24 -6.10 25.71
C GLY A 293 -22.09 -5.43 24.64
N LYS A 294 -23.01 -4.55 25.05
CA LYS A 294 -23.85 -3.86 24.07
C LYS A 294 -22.99 -3.09 23.07
N PHE A 295 -21.98 -2.38 23.59
CA PHE A 295 -21.11 -1.58 22.74
C PHE A 295 -20.26 -2.47 21.82
N VAL A 296 -19.66 -3.51 22.36
CA VAL A 296 -18.80 -4.37 21.55
C VAL A 296 -19.60 -5.05 20.45
N ARG A 297 -20.79 -5.56 20.79
CA ARG A 297 -21.64 -6.19 19.79
C ARG A 297 -21.96 -5.22 18.66
N GLU A 298 -22.34 -3.98 19.01
N GLU A 298 -22.35 -3.98 19.00
CA GLU A 298 -22.61 -2.97 18.00
CA GLU A 298 -22.61 -2.98 17.97
C GLU A 298 -21.40 -2.77 17.09
C GLU A 298 -21.39 -2.78 17.08
N GLN A 299 -20.20 -2.71 17.67
CA GLN A 299 -19.01 -2.42 16.88
C GLN A 299 -18.65 -3.57 15.96
N ILE A 300 -18.87 -4.82 16.38
CA ILE A 300 -18.54 -5.93 15.51
C ILE A 300 -19.56 -6.03 14.39
N ARG A 301 -20.82 -5.70 14.67
CA ARG A 301 -21.86 -5.71 13.64
C ARG A 301 -21.63 -4.65 12.57
N ARG A 302 -20.89 -3.59 12.85
N ARG A 302 -20.89 -3.59 12.85
CA ARG A 302 -20.60 -2.60 11.82
CA ARG A 302 -20.63 -2.56 11.85
C ARG A 302 -19.68 -3.21 10.77
C ARG A 302 -19.83 -3.15 10.68
N SER A 303 -19.93 -2.87 9.51
N SER A 303 -20.19 -2.74 9.47
CA SER A 303 -19.05 -3.16 8.39
CA SER A 303 -19.77 -3.39 8.23
C SER A 303 -17.67 -3.68 8.78
C SER A 303 -19.53 -4.89 8.41
N HIS B 1 27.18 27.21 -2.87
CA HIS B 1 26.62 26.81 -4.17
C HIS B 1 26.47 25.29 -4.20
N HIS B 2 25.57 24.82 -5.06
CA HIS B 2 25.30 23.41 -5.18
C HIS B 2 24.62 23.18 -6.52
N GLY B 3 24.71 21.95 -7.02
CA GLY B 3 23.96 21.59 -8.23
C GLY B 3 22.46 21.62 -7.93
N SER B 4 21.70 22.30 -8.78
CA SER B 4 20.28 22.41 -8.52
C SER B 4 19.59 21.08 -8.80
N THR B 5 18.61 20.77 -8.02
CA THR B 5 17.83 19.56 -8.19
C THR B 5 16.46 19.88 -8.78
N PRO B 6 15.81 18.87 -9.36
CA PRO B 6 14.48 19.10 -9.96
C PRO B 6 13.47 19.61 -8.95
N VAL B 7 13.45 19.01 -7.75
CA VAL B 7 12.42 19.35 -6.77
C VAL B 7 12.71 20.70 -6.12
N GLU B 8 13.99 21.02 -5.90
CA GLU B 8 14.26 22.35 -5.36
C GLU B 8 13.85 23.42 -6.36
N THR B 9 13.93 23.13 -7.66
CA THR B 9 13.54 24.07 -8.70
C THR B 9 12.02 24.13 -8.86
N HIS B 10 11.36 22.99 -8.86
CA HIS B 10 9.95 22.94 -9.30
C HIS B 10 8.94 22.65 -8.20
N GLY B 11 9.36 22.07 -7.08
CA GLY B 11 8.45 21.91 -5.94
C GLY B 11 7.23 21.06 -6.23
N GLN B 12 6.12 21.47 -5.64
CA GLN B 12 4.85 20.73 -5.80
C GLN B 12 4.32 20.92 -7.20
N LEU B 13 4.09 19.81 -7.90
CA LEU B 13 3.54 19.85 -9.24
C LEU B 13 2.02 19.81 -9.19
N SER B 14 1.39 20.36 -10.22
CA SER B 14 -0.06 20.30 -10.34
C SER B 14 -0.42 20.30 -11.81
N VAL B 15 -1.71 20.07 -12.06
CA VAL B 15 -2.26 20.10 -13.41
C VAL B 15 -3.13 21.34 -13.49
N LYS B 16 -2.78 22.25 -14.40
CA LYS B 16 -3.55 23.47 -14.61
CA LYS B 16 -3.56 23.46 -14.61
C LYS B 16 -3.78 23.63 -16.10
N GLY B 17 -5.03 23.84 -16.48
CA GLY B 17 -5.35 23.98 -17.89
C GLY B 17 -4.89 22.82 -18.75
N GLY B 18 -4.94 21.62 -18.20
CA GLY B 18 -4.55 20.45 -18.94
C GLY B 18 -3.07 20.25 -19.12
N GLN B 19 -2.24 20.96 -18.36
CA GLN B 19 -0.79 20.94 -18.48
CA GLN B 19 -0.82 20.68 -18.48
C GLN B 19 -0.15 20.71 -17.12
N LEU B 20 0.98 20.02 -17.09
CA LEU B 20 1.78 19.90 -15.88
C LEU B 20 2.49 21.23 -15.63
N VAL B 21 2.27 21.79 -14.45
CA VAL B 21 2.94 23.01 -14.05
C VAL B 21 3.62 22.79 -12.71
N ASP B 22 4.58 23.67 -12.40
CA ASP B 22 5.33 23.59 -11.17
C ASP B 22 4.74 24.52 -10.11
N GLU B 23 5.40 24.59 -8.96
CA GLU B 23 4.84 25.32 -7.81
C GLU B 23 4.88 26.81 -8.04
N ASN B 24 5.67 27.28 -9.00
CA ASN B 24 5.65 28.66 -9.43
C ASN B 24 4.66 28.93 -10.54
N GLY B 25 3.86 27.93 -10.92
CA GLY B 25 2.84 28.08 -11.92
C GLY B 25 3.34 27.97 -13.35
N LYS B 26 4.61 27.61 -13.56
N LYS B 26 4.59 27.57 -13.55
CA LYS B 26 5.19 27.56 -14.89
CA LYS B 26 5.14 27.55 -14.89
C LYS B 26 5.09 26.15 -15.46
C LYS B 26 5.10 26.14 -15.47
N PRO B 27 4.81 26.01 -16.75
CA PRO B 27 4.84 24.67 -17.36
C PRO B 27 6.20 24.01 -17.14
N VAL B 28 6.16 22.70 -16.86
CA VAL B 28 7.36 21.90 -16.62
C VAL B 28 7.21 20.58 -17.37
N GLN B 29 8.31 20.11 -17.93
CA GLN B 29 8.36 18.81 -18.59
C GLN B 29 9.33 17.94 -17.81
N LEU B 30 8.86 16.79 -17.34
CA LEU B 30 9.73 15.79 -16.76
C LEU B 30 10.19 14.85 -17.86
N ARG B 31 11.47 14.46 -17.82
CA ARG B 31 12.02 13.49 -18.76
C ARG B 31 12.90 12.56 -17.95
N GLY B 32 12.66 11.27 -18.05
CA GLY B 32 13.49 10.36 -17.30
C GLY B 32 13.37 8.92 -17.74
N MET B 33 13.60 8.02 -16.80
CA MET B 33 13.71 6.59 -17.10
C MET B 33 12.78 5.79 -16.21
N SER B 34 12.27 4.68 -16.75
CA SER B 34 11.57 3.66 -15.99
C SER B 34 12.51 2.48 -15.72
N SER B 35 12.43 1.96 -14.51
CA SER B 35 12.99 0.63 -14.26
C SER B 35 12.25 -0.41 -15.10
N HIS B 36 12.86 -1.59 -15.21
CA HIS B 36 12.13 -2.78 -15.60
C HIS B 36 11.48 -3.35 -14.33
N GLY B 37 10.93 -4.56 -14.41
CA GLY B 37 10.24 -5.13 -13.27
C GLY B 37 11.13 -5.28 -12.05
N LEU B 38 10.65 -4.83 -10.90
CA LEU B 38 11.48 -4.83 -9.71
C LEU B 38 11.81 -6.23 -9.23
N GLN B 39 11.01 -7.22 -9.60
CA GLN B 39 11.26 -8.61 -9.19
C GLN B 39 12.40 -9.24 -9.98
N TRP B 40 12.83 -8.62 -11.07
CA TRP B 40 13.91 -9.13 -11.91
C TRP B 40 15.11 -8.19 -12.03
N PHE B 41 14.87 -6.89 -12.08
CA PHE B 41 15.91 -5.90 -12.38
C PHE B 41 15.96 -4.82 -11.30
N GLY B 42 15.51 -5.16 -10.09
CA GLY B 42 15.55 -4.21 -8.99
C GLY B 42 16.94 -3.79 -8.55
N ASP B 43 17.97 -4.59 -8.84
CA ASP B 43 19.31 -4.21 -8.42
C ASP B 43 19.74 -2.91 -9.11
N PHE B 44 19.17 -2.59 -10.27
CA PHE B 44 19.48 -1.35 -10.97
C PHE B 44 18.78 -0.14 -10.38
N VAL B 45 17.96 -0.33 -9.34
CA VAL B 45 17.19 0.75 -8.69
C VAL B 45 17.79 0.96 -7.31
N ASN B 46 18.51 2.06 -7.14
CA ASN B 46 19.17 2.36 -5.86
C ASN B 46 19.62 3.81 -5.89
N LYS B 47 20.06 4.31 -4.73
CA LYS B 47 20.42 5.72 -4.67
C LYS B 47 21.59 6.06 -5.60
N ASP B 48 22.53 5.14 -5.79
CA ASP B 48 23.69 5.46 -6.64
C ASP B 48 23.30 5.56 -8.11
N SER B 49 22.52 4.59 -8.61
CA SER B 49 22.12 4.67 -10.02
C SER B 49 21.21 5.87 -10.26
N MET B 50 20.32 6.17 -9.30
CA MET B 50 19.44 7.32 -9.46
C MET B 50 20.22 8.63 -9.46
N LYS B 51 21.20 8.77 -8.56
CA LYS B 51 22.04 9.96 -8.57
CA LYS B 51 22.04 9.96 -8.57
C LYS B 51 22.82 10.06 -9.87
N TRP B 52 23.32 8.93 -10.38
CA TRP B 52 24.06 8.94 -11.63
C TRP B 52 23.16 9.39 -12.79
N LEU B 53 21.95 8.87 -12.84
CA LEU B 53 21.03 9.31 -13.87
C LEU B 53 20.73 10.80 -13.75
N ARG B 54 20.51 11.29 -12.53
CA ARG B 54 20.31 12.72 -12.33
C ARG B 54 21.49 13.54 -12.86
N ASP B 55 22.71 13.14 -12.51
CA ASP B 55 23.87 14.00 -12.71
C ASP B 55 24.54 13.80 -14.05
N ASP B 56 24.49 12.60 -14.62
CA ASP B 56 25.11 12.34 -15.91
C ASP B 56 24.10 12.32 -17.05
N TRP B 57 22.90 11.80 -16.84
CA TRP B 57 21.89 11.82 -17.89
C TRP B 57 21.01 13.07 -17.85
N GLY B 58 20.94 13.74 -16.70
CA GLY B 58 20.03 14.86 -16.59
C GLY B 58 18.58 14.50 -16.36
N ILE B 59 18.27 13.30 -15.86
CA ILE B 59 16.87 12.96 -15.65
C ILE B 59 16.30 13.77 -14.49
N ASN B 60 15.01 14.01 -14.51
CA ASN B 60 14.35 14.63 -13.38
C ASN B 60 13.19 13.82 -12.84
N VAL B 61 12.93 12.63 -13.39
CA VAL B 61 11.91 11.73 -12.87
C VAL B 61 12.41 10.30 -13.04
N PHE B 62 12.09 9.46 -12.07
CA PHE B 62 12.40 8.03 -12.15
C PHE B 62 11.17 7.23 -11.81
N ARG B 63 10.83 6.27 -12.68
CA ARG B 63 9.62 5.46 -12.53
C ARG B 63 10.02 4.06 -12.07
N VAL B 64 9.39 3.58 -11.00
CA VAL B 64 9.61 2.21 -10.51
C VAL B 64 8.43 1.35 -10.91
N ALA B 65 8.72 0.34 -11.74
CA ALA B 65 7.70 -0.52 -12.33
C ALA B 65 7.50 -1.72 -11.44
N MET B 66 6.59 -1.58 -10.49
CA MET B 66 6.30 -2.65 -9.55
C MET B 66 5.22 -3.52 -10.16
N TYR B 67 5.65 -4.54 -10.91
CA TYR B 67 4.74 -5.53 -11.43
C TYR B 67 3.92 -6.11 -10.28
N THR B 68 2.65 -6.39 -10.56
CA THR B 68 1.74 -7.11 -9.69
C THR B 68 1.86 -8.61 -9.94
N ALA B 69 1.70 -9.02 -11.19
CA ALA B 69 1.79 -10.41 -11.60
C ALA B 69 3.22 -10.76 -12.00
N GLU B 70 3.40 -11.94 -12.60
CA GLU B 70 4.70 -12.40 -13.09
C GLU B 70 5.77 -12.37 -12.01
N GLY B 71 5.42 -12.87 -10.83
CA GLY B 71 6.34 -12.90 -9.71
C GLY B 71 6.52 -11.58 -9.01
N GLY B 72 5.65 -10.63 -9.25
CA GLY B 72 5.71 -9.33 -8.64
C GLY B 72 5.00 -9.30 -7.30
N TYR B 73 4.50 -8.11 -6.97
CA TYR B 73 4.04 -7.81 -5.62
C TYR B 73 2.97 -8.76 -5.11
N ILE B 74 2.10 -9.25 -5.99
CA ILE B 74 0.99 -10.08 -5.51
C ILE B 74 1.50 -11.38 -4.93
N THR B 75 2.56 -11.95 -5.49
CA THR B 75 3.10 -13.18 -4.93
C THR B 75 4.37 -12.99 -4.11
N ASN B 76 5.00 -11.82 -4.18
CA ASN B 76 6.30 -11.56 -3.57
CA ASN B 76 6.30 -11.56 -3.57
C ASN B 76 6.28 -10.11 -3.10
N PRO B 77 5.71 -9.84 -1.92
CA PRO B 77 5.54 -8.44 -1.51
C PRO B 77 6.84 -7.74 -1.15
N SER B 78 7.97 -8.45 -1.09
CA SER B 78 9.23 -7.78 -0.77
C SER B 78 9.60 -6.69 -1.77
N VAL B 79 9.03 -6.72 -2.98
CA VAL B 79 9.33 -5.66 -3.94
C VAL B 79 8.88 -4.30 -3.42
N LYS B 80 7.94 -4.26 -2.47
CA LYS B 80 7.56 -2.99 -1.84
C LYS B 80 8.75 -2.32 -1.17
N ASN B 81 9.68 -3.11 -0.61
CA ASN B 81 10.88 -2.53 -0.02
C ASN B 81 11.71 -1.80 -1.07
N LYS B 82 11.73 -2.29 -2.30
CA LYS B 82 12.46 -1.62 -3.36
C LYS B 82 11.78 -0.30 -3.76
N VAL B 83 10.44 -0.28 -3.80
CA VAL B 83 9.73 0.98 -4.02
C VAL B 83 10.13 2.00 -2.96
N LYS B 84 10.12 1.57 -1.70
CA LYS B 84 10.46 2.49 -0.62
C LYS B 84 11.90 2.97 -0.72
N GLU B 85 12.82 2.09 -1.08
CA GLU B 85 14.21 2.50 -1.31
C GLU B 85 14.28 3.58 -2.39
N ALA B 86 13.56 3.37 -3.50
CA ALA B 86 13.61 4.35 -4.58
C ALA B 86 12.98 5.69 -4.18
N VAL B 87 11.84 5.64 -3.48
CA VAL B 87 11.19 6.89 -3.10
C VAL B 87 12.08 7.68 -2.14
N GLU B 88 12.69 7.00 -1.19
CA GLU B 88 13.55 7.69 -0.24
C GLU B 88 14.81 8.23 -0.91
N ALA B 89 15.36 7.50 -1.87
CA ALA B 89 16.48 8.04 -2.63
C ALA B 89 16.04 9.29 -3.41
N ALA B 90 14.86 9.24 -4.02
CA ALA B 90 14.38 10.40 -4.76
C ALA B 90 14.24 11.61 -3.85
N ILE B 91 13.74 11.39 -2.63
CA ILE B 91 13.62 12.49 -1.67
C ILE B 91 14.99 13.05 -1.32
N ASP B 92 15.96 12.17 -1.05
CA ASP B 92 17.31 12.65 -0.75
C ASP B 92 17.90 13.45 -1.91
N LEU B 93 17.61 13.04 -3.16
CA LEU B 93 18.25 13.56 -4.36
C LEU B 93 17.45 14.67 -5.04
N GLY B 94 16.30 15.03 -4.50
CA GLY B 94 15.50 16.06 -5.13
C GLY B 94 14.91 15.67 -6.47
N MET B 95 14.53 14.40 -6.60
N MET B 95 14.51 14.41 -6.60
CA MET B 95 14.02 13.88 -7.86
CA MET B 95 14.03 13.83 -7.85
C MET B 95 12.54 13.52 -7.72
C MET B 95 12.55 13.50 -7.72
N TYR B 96 11.82 13.64 -8.83
CA TYR B 96 10.45 13.13 -8.88
C TYR B 96 10.49 11.61 -9.09
N VAL B 97 9.52 10.93 -8.50
CA VAL B 97 9.47 9.48 -8.53
C VAL B 97 8.05 9.03 -8.81
N ILE B 98 7.88 8.15 -9.80
CA ILE B 98 6.57 7.60 -10.15
C ILE B 98 6.48 6.20 -9.56
N ILE B 99 5.48 5.99 -8.72
CA ILE B 99 5.19 4.67 -8.14
C ILE B 99 4.17 4.02 -9.07
N ASP B 100 4.58 2.99 -9.81
CA ASP B 100 3.79 2.39 -10.88
C ASP B 100 3.32 1.01 -10.44
N TRP B 101 2.00 0.88 -10.25
CA TRP B 101 1.30 -0.38 -10.03
C TRP B 101 1.19 -1.03 -11.40
N HIS B 102 2.11 -1.92 -11.71
CA HIS B 102 2.43 -2.25 -13.10
C HIS B 102 1.68 -3.51 -13.53
N ILE B 103 0.38 -3.31 -13.76
CA ILE B 103 -0.45 -4.36 -14.35
C ILE B 103 -0.10 -4.53 -15.82
N LEU B 104 -0.22 -5.77 -16.31
CA LEU B 104 0.06 -6.05 -17.71
C LEU B 104 -0.66 -7.33 -18.10
N SER B 105 -0.11 -8.48 -17.73
CA SER B 105 -0.81 -9.74 -18.01
C SER B 105 -2.12 -9.83 -17.24
N ASP B 106 -2.16 -9.24 -16.04
CA ASP B 106 -3.39 -9.00 -15.28
C ASP B 106 -4.00 -7.72 -15.85
N ASN B 107 -4.70 -7.88 -16.98
CA ASN B 107 -5.07 -6.80 -17.87
C ASN B 107 -6.21 -5.94 -17.36
N ASP B 108 -6.91 -6.37 -16.31
CA ASP B 108 -7.99 -5.60 -15.69
C ASP B 108 -7.49 -5.08 -14.35
N PRO B 109 -7.42 -3.77 -14.13
CA PRO B 109 -6.93 -3.27 -12.82
C PRO B 109 -7.81 -3.73 -11.66
N ASN B 110 -9.05 -4.11 -11.92
CA ASN B 110 -9.92 -4.49 -10.81
C ASN B 110 -9.49 -5.82 -10.17
N THR B 111 -8.68 -6.62 -10.85
CA THR B 111 -8.39 -7.96 -10.35
C THR B 111 -7.71 -7.90 -9.00
N TYR B 112 -6.81 -6.95 -8.80
CA TYR B 112 -6.08 -6.78 -7.55
C TYR B 112 -6.40 -5.41 -6.92
N LYS B 113 -7.66 -4.97 -7.02
CA LYS B 113 -7.98 -3.62 -6.59
CA LYS B 113 -8.04 -3.62 -6.59
C LYS B 113 -7.87 -3.45 -5.08
N GLU B 114 -8.19 -4.50 -4.29
CA GLU B 114 -8.06 -4.34 -2.84
CA GLU B 114 -8.07 -4.38 -2.83
C GLU B 114 -6.60 -4.24 -2.42
N GLN B 115 -5.72 -5.03 -3.05
CA GLN B 115 -4.29 -4.90 -2.79
C GLN B 115 -3.80 -3.54 -3.25
N ALA B 116 -4.27 -3.07 -4.42
CA ALA B 116 -3.84 -1.77 -4.92
C ALA B 116 -4.23 -0.65 -3.96
N LYS B 117 -5.48 -0.68 -3.48
N LYS B 117 -5.48 -0.67 -3.48
CA LYS B 117 -5.94 0.37 -2.57
CA LYS B 117 -5.93 0.37 -2.56
C LYS B 117 -5.08 0.41 -1.31
C LYS B 117 -5.05 0.40 -1.32
N ALA B 118 -4.80 -0.76 -0.72
CA ALA B 118 -4.00 -0.81 0.51
C ALA B 118 -2.59 -0.34 0.25
N PHE B 119 -2.01 -0.73 -0.88
CA PHE B 119 -0.64 -0.34 -1.19
C PHE B 119 -0.55 1.16 -1.36
N PHE B 120 -1.45 1.75 -2.16
CA PHE B 120 -1.43 3.19 -2.37
C PHE B 120 -1.78 3.96 -1.11
N GLN B 121 -2.68 3.45 -0.26
CA GLN B 121 -2.92 4.09 1.02
C GLN B 121 -1.64 4.14 1.84
N GLU B 122 -0.88 3.04 1.88
CA GLU B 122 0.34 3.01 2.66
C GLU B 122 1.38 3.97 2.08
N MET B 123 1.55 3.99 0.76
CA MET B 123 2.52 4.90 0.18
C MET B 123 2.13 6.36 0.41
N ALA B 124 0.84 6.67 0.28
CA ALA B 124 0.38 8.05 0.46
C ALA B 124 0.49 8.49 1.91
N ALA B 125 0.22 7.58 2.84
CA ALA B 125 0.37 7.94 4.26
C ALA B 125 1.85 8.20 4.59
N LYS B 126 2.76 7.44 4.01
CA LYS B 126 4.17 7.55 4.38
C LYS B 126 4.85 8.71 3.68
N TYR B 127 4.52 8.92 2.40
CA TYR B 127 5.28 9.83 1.57
C TYR B 127 4.46 10.95 0.96
N GLY B 128 3.16 11.02 1.25
CA GLY B 128 2.31 11.97 0.56
C GLY B 128 2.60 13.43 0.82
N ASN B 129 3.36 13.76 1.88
CA ASN B 129 3.70 15.15 2.14
CA ASN B 129 3.70 15.16 2.14
C ASN B 129 4.90 15.63 1.33
N TYR B 130 5.53 14.74 0.55
CA TYR B 130 6.67 15.11 -0.26
C TYR B 130 6.24 15.40 -1.68
N PRO B 131 6.68 16.52 -2.27
CA PRO B 131 6.28 16.83 -3.64
C PRO B 131 6.88 15.88 -4.67
N ASN B 132 7.80 15.03 -4.27
CA ASN B 132 8.49 14.16 -5.20
C ASN B 132 7.57 13.11 -5.80
N VAL B 133 6.51 12.74 -5.09
CA VAL B 133 5.79 11.49 -5.38
C VAL B 133 4.70 11.71 -6.41
N ILE B 134 4.66 10.84 -7.41
CA ILE B 134 3.61 10.75 -8.41
C ILE B 134 3.10 9.32 -8.39
N TYR B 135 1.78 9.13 -8.38
CA TYR B 135 1.20 7.79 -8.31
C TYR B 135 0.71 7.40 -9.69
N GLU B 136 1.02 6.15 -10.11
CA GLU B 136 0.57 5.61 -11.40
C GLU B 136 -0.20 4.32 -11.06
N ILE B 137 -1.54 4.39 -11.09
CA ILE B 137 -2.36 3.38 -10.42
C ILE B 137 -2.67 2.13 -11.24
N CYS B 138 -2.43 2.14 -12.55
CA CYS B 138 -2.62 0.92 -13.35
C CYS B 138 -1.92 1.08 -14.70
N ASN B 139 -0.67 0.61 -14.77
CA ASN B 139 0.18 0.71 -15.95
C ASN B 139 -0.56 0.60 -17.27
N GLU B 140 -1.04 -0.59 -17.61
CA GLU B 140 -1.61 -0.86 -18.92
C GLU B 140 -2.81 -1.76 -18.84
N PRO B 141 -4.00 -1.18 -18.63
CA PRO B 141 -5.23 -1.89 -19.00
C PRO B 141 -5.10 -2.36 -20.46
N ASN B 142 -5.61 -3.54 -20.76
CA ASN B 142 -5.54 -4.03 -22.13
C ASN B 142 -6.55 -5.15 -22.32
N GLY B 143 -6.66 -5.61 -23.56
CA GLY B 143 -7.50 -6.74 -23.89
C GLY B 143 -8.98 -6.53 -23.67
N GLY B 144 -9.53 -5.43 -24.14
CA GLY B 144 -10.98 -5.29 -24.07
C GLY B 144 -11.52 -4.79 -22.76
N VAL B 145 -10.65 -4.53 -21.80
CA VAL B 145 -10.97 -3.75 -20.61
C VAL B 145 -11.28 -2.32 -21.06
N THR B 146 -12.45 -1.83 -20.66
CA THR B 146 -12.89 -0.53 -21.14
C THR B 146 -12.78 0.57 -20.09
N TRP B 147 -12.81 1.81 -20.58
CA TRP B 147 -12.73 2.98 -19.71
C TRP B 147 -13.94 3.08 -18.80
N SER B 148 -15.14 3.10 -19.36
CA SER B 148 -16.31 3.38 -18.54
CA SER B 148 -16.31 3.38 -18.54
C SER B 148 -16.66 2.21 -17.62
N ASN B 149 -16.42 0.98 -18.05
CA ASN B 149 -16.90 -0.14 -17.26
C ASN B 149 -15.88 -0.72 -16.31
N GLN B 150 -14.58 -0.57 -16.58
CA GLN B 150 -13.55 -1.15 -15.75
C GLN B 150 -12.55 -0.14 -15.19
N ILE B 151 -11.94 0.68 -16.04
CA ILE B 151 -10.84 1.51 -15.56
C ILE B 151 -11.35 2.67 -14.72
N LYS B 152 -12.34 3.41 -15.22
CA LYS B 152 -12.86 4.55 -14.46
C LYS B 152 -13.38 4.11 -13.11
N PRO B 153 -14.19 3.04 -13.01
CA PRO B 153 -14.61 2.58 -11.66
C PRO B 153 -13.45 2.18 -10.77
N TYR B 154 -12.39 1.56 -11.31
CA TYR B 154 -11.20 1.28 -10.51
C TYR B 154 -10.60 2.56 -9.97
N ALA B 155 -10.42 3.55 -10.84
CA ALA B 155 -9.87 4.82 -10.41
C ALA B 155 -10.76 5.51 -9.39
N GLU B 156 -12.09 5.38 -9.54
CA GLU B 156 -13.04 5.99 -8.59
C GLU B 156 -12.90 5.39 -7.19
N GLU B 157 -12.34 4.18 -7.07
N GLU B 157 -12.32 4.20 -7.07
CA GLU B 157 -12.05 3.63 -5.76
CA GLU B 157 -12.06 3.67 -5.74
C GLU B 157 -10.65 4.00 -5.26
C GLU B 157 -10.65 4.00 -5.25
N VAL B 158 -9.65 3.94 -6.13
CA VAL B 158 -8.28 4.14 -5.69
C VAL B 158 -7.98 5.62 -5.43
N ILE B 159 -8.41 6.51 -6.31
CA ILE B 159 -8.14 7.94 -6.14
C ILE B 159 -8.57 8.45 -4.78
N PRO B 160 -9.82 8.28 -4.33
CA PRO B 160 -10.18 8.80 -3.01
C PRO B 160 -9.37 8.16 -1.91
N ALA B 161 -8.97 6.90 -2.06
CA ALA B 161 -8.15 6.26 -1.03
C ALA B 161 -6.81 6.97 -0.89
N ILE B 162 -6.19 7.34 -2.01
CA ILE B 162 -4.96 8.12 -1.98
C ILE B 162 -5.22 9.51 -1.42
N ARG B 163 -6.28 10.17 -1.89
N ARG B 163 -6.28 10.16 -1.89
CA ARG B 163 -6.50 11.58 -1.56
CA ARG B 163 -6.50 11.57 -1.56
C ARG B 163 -6.81 11.78 -0.08
C ARG B 163 -6.81 11.78 -0.08
N ALA B 164 -7.38 10.79 0.60
CA ALA B 164 -7.58 10.90 2.03
C ALA B 164 -6.27 11.06 2.80
N ASN B 165 -5.16 10.59 2.23
CA ASN B 165 -3.85 10.70 2.85
C ASN B 165 -2.92 11.72 2.18
N ASP B 166 -3.14 12.02 0.91
CA ASP B 166 -2.28 12.91 0.13
C ASP B 166 -3.22 13.70 -0.79
N PRO B 167 -3.61 14.91 -0.38
CA PRO B 167 -4.66 15.60 -1.13
C PRO B 167 -4.21 16.21 -2.44
N ASP B 168 -2.89 16.35 -2.68
CA ASP B 168 -2.46 17.18 -3.80
C ASP B 168 -1.53 16.54 -4.84
N ASN B 169 -0.82 15.47 -4.53
N ASN B 169 -0.80 15.47 -4.52
CA ASN B 169 0.12 14.92 -5.50
CA ASN B 169 0.13 14.93 -5.49
C ASN B 169 -0.61 14.33 -6.70
C ASN B 169 -0.60 14.32 -6.69
N ILE B 170 0.09 14.31 -7.83
CA ILE B 170 -0.51 13.87 -9.08
C ILE B 170 -0.75 12.37 -9.08
N ILE B 171 -1.89 11.98 -9.65
CA ILE B 171 -2.26 10.59 -9.91
C ILE B 171 -2.44 10.42 -11.42
N ILE B 172 -1.77 9.41 -11.97
CA ILE B 172 -1.82 9.11 -13.40
C ILE B 172 -2.59 7.81 -13.60
N VAL B 173 -3.59 7.85 -14.49
CA VAL B 173 -4.48 6.72 -14.72
C VAL B 173 -4.26 6.16 -16.12
N GLY B 174 -4.05 4.83 -16.19
CA GLY B 174 -3.88 4.17 -17.46
C GLY B 174 -5.16 4.15 -18.27
N THR B 175 -5.00 3.95 -19.57
CA THR B 175 -6.09 4.00 -20.52
C THR B 175 -6.19 2.69 -21.31
N PRO B 176 -7.26 2.50 -22.06
CA PRO B 176 -7.44 1.21 -22.73
C PRO B 176 -6.40 0.96 -23.80
N THR B 177 -6.26 -0.32 -24.14
CA THR B 177 -5.42 -0.78 -25.26
C THR B 177 -3.94 -0.46 -25.00
N TRP B 178 -3.46 -0.99 -23.87
CA TRP B 178 -2.09 -0.77 -23.42
C TRP B 178 -1.78 0.73 -23.28
N SER B 179 -2.72 1.45 -22.65
CA SER B 179 -2.59 2.88 -22.44
C SER B 179 -2.35 3.64 -23.74
N GLN B 180 -3.16 3.32 -24.75
CA GLN B 180 -3.20 4.11 -25.96
C GLN B 180 -4.44 4.97 -26.10
N ASP B 181 -5.57 4.54 -25.54
CA ASP B 181 -6.87 5.13 -25.89
C ASP B 181 -7.21 6.33 -24.98
N VAL B 182 -6.36 7.35 -25.09
CA VAL B 182 -6.53 8.55 -24.29
C VAL B 182 -7.77 9.33 -24.69
N HIS B 183 -8.30 9.10 -25.89
CA HIS B 183 -9.54 9.79 -26.26
C HIS B 183 -10.70 9.37 -25.36
N ASP B 184 -10.71 8.14 -24.85
CA ASP B 184 -11.76 7.71 -23.94
C ASP B 184 -11.74 8.52 -22.65
N ALA B 185 -10.54 8.74 -22.09
CA ALA B 185 -10.40 9.55 -20.89
C ALA B 185 -10.75 11.00 -21.18
N ALA B 186 -10.33 11.49 -22.34
CA ALA B 186 -10.62 12.88 -22.70
C ALA B 186 -12.12 13.14 -22.78
N ASP B 187 -12.87 12.15 -23.24
CA ASP B 187 -14.30 12.32 -23.40
C ASP B 187 -15.07 12.04 -22.13
N ASN B 188 -14.43 11.45 -21.10
CA ASN B 188 -15.11 11.10 -19.85
C ASN B 188 -14.08 11.10 -18.72
N PRO B 189 -13.54 12.27 -18.39
CA PRO B 189 -12.46 12.35 -17.42
C PRO B 189 -12.93 12.14 -15.98
N LEU B 190 -11.96 11.81 -15.13
CA LEU B 190 -12.25 11.73 -13.69
C LEU B 190 -12.47 13.13 -13.13
N PRO B 191 -13.53 13.35 -12.36
CA PRO B 191 -13.80 14.69 -11.78
C PRO B 191 -13.02 14.91 -10.48
N TYR B 192 -11.71 14.87 -10.61
CA TYR B 192 -10.77 15.12 -9.52
C TYR B 192 -9.68 16.02 -10.05
N SER B 193 -9.07 16.80 -9.15
CA SER B 193 -7.95 17.63 -9.55
C SER B 193 -6.66 16.81 -9.65
N ASN B 194 -5.71 17.35 -10.43
CA ASN B 194 -4.35 16.80 -10.48
C ASN B 194 -4.33 15.35 -10.91
N ILE B 195 -5.13 15.04 -11.93
CA ILE B 195 -5.13 13.73 -12.57
C ILE B 195 -4.53 13.88 -13.95
N MET B 196 -3.73 12.89 -14.37
CA MET B 196 -3.25 12.85 -15.74
C MET B 196 -3.54 11.45 -16.27
N TYR B 197 -3.48 11.31 -17.59
CA TYR B 197 -3.81 10.06 -18.26
C TYR B 197 -2.60 9.55 -19.03
N ALA B 198 -2.35 8.26 -18.91
CA ALA B 198 -1.15 7.68 -19.47
C ALA B 198 -1.31 7.35 -20.94
N LEU B 199 -0.24 7.60 -21.69
CA LEU B 199 -0.09 7.23 -23.10
C LEU B 199 1.24 6.50 -23.21
N HIS B 200 1.20 5.26 -23.73
CA HIS B 200 2.39 4.49 -24.00
C HIS B 200 2.54 4.23 -25.49
N PHE B 201 3.74 4.51 -26.01
CA PHE B 201 4.01 4.23 -27.42
C PHE B 201 5.37 3.54 -27.55
N TYR B 202 5.52 2.84 -28.68
CA TYR B 202 6.77 2.17 -29.05
C TYR B 202 7.04 2.57 -30.49
N ALA B 203 8.20 3.19 -30.72
CA ALA B 203 8.47 3.90 -31.96
C ALA B 203 8.47 2.99 -33.18
N GLY B 204 8.72 1.69 -33.01
CA GLY B 204 8.64 0.77 -34.15
C GLY B 204 7.24 0.33 -34.50
N THR B 205 6.22 0.76 -33.73
CA THR B 205 4.85 0.32 -33.95
C THR B 205 3.89 1.49 -34.11
N HIS B 206 4.15 2.60 -33.40
CA HIS B 206 3.23 3.71 -33.33
C HIS B 206 3.85 4.98 -33.91
N GLY B 207 3.03 5.74 -34.62
CA GLY B 207 3.50 6.90 -35.32
C GLY B 207 2.50 8.03 -35.33
N GLN B 208 2.32 8.65 -36.49
CA GLN B 208 1.58 9.89 -36.55
C GLN B 208 0.14 9.72 -36.10
N SER B 209 -0.49 8.59 -36.39
CA SER B 209 -1.90 8.47 -36.05
C SER B 209 -2.11 8.48 -34.54
N LEU B 210 -1.12 8.02 -33.77
CA LEU B 210 -1.26 8.07 -32.33
C LEU B 210 -0.98 9.48 -31.80
N ARG B 211 -0.03 10.18 -32.41
CA ARG B 211 0.16 11.59 -32.08
C ARG B 211 -1.12 12.38 -32.33
N ASP B 212 -1.81 12.11 -33.44
CA ASP B 212 -3.05 12.83 -33.71
C ASP B 212 -4.10 12.56 -32.63
N LYS B 213 -4.18 11.31 -32.15
N LYS B 213 -4.18 11.33 -32.13
CA LYS B 213 -5.09 10.96 -31.05
CA LYS B 213 -5.12 11.01 -31.06
C LYS B 213 -4.72 11.69 -29.77
C LYS B 213 -4.74 11.69 -29.76
N ILE B 214 -3.44 11.83 -29.49
CA ILE B 214 -3.00 12.61 -28.33
C ILE B 214 -3.46 14.05 -28.47
N ASP B 215 -3.28 14.63 -29.65
CA ASP B 215 -3.70 16.02 -29.86
C ASP B 215 -5.20 16.16 -29.63
N TYR B 216 -6.00 15.17 -30.07
CA TYR B 216 -7.42 15.22 -29.79
C TYR B 216 -7.67 15.28 -28.29
N ALA B 217 -7.01 14.40 -27.52
CA ALA B 217 -7.23 14.37 -26.09
C ALA B 217 -6.85 15.71 -25.47
N LEU B 218 -5.71 16.27 -25.85
CA LEU B 218 -5.28 17.56 -25.30
C LEU B 218 -6.32 18.65 -25.61
N SER B 219 -6.94 18.58 -26.78
CA SER B 219 -7.95 19.58 -27.14
C SER B 219 -9.16 19.55 -26.24
N LYS B 220 -9.37 18.47 -25.50
CA LYS B 220 -10.48 18.34 -24.56
C LYS B 220 -10.09 18.76 -23.16
N GLY B 221 -8.85 19.21 -22.97
CA GLY B 221 -8.42 19.77 -21.71
C GLY B 221 -7.89 18.80 -20.68
N VAL B 222 -7.68 17.55 -21.04
CA VAL B 222 -7.03 16.61 -20.14
C VAL B 222 -5.52 16.64 -20.36
N ALA B 223 -4.80 16.25 -19.32
CA ALA B 223 -3.35 16.20 -19.32
C ALA B 223 -2.86 14.78 -19.57
N ILE B 224 -1.81 14.67 -20.37
CA ILE B 224 -1.27 13.39 -20.81
C ILE B 224 0.18 13.28 -20.32
N PHE B 225 0.54 12.13 -19.74
CA PHE B 225 1.90 11.83 -19.30
C PHE B 225 2.30 10.53 -19.98
N VAL B 226 3.39 10.55 -20.74
CA VAL B 226 3.89 9.33 -21.38
C VAL B 226 4.74 8.60 -20.33
N THR B 227 4.07 7.86 -19.44
CA THR B 227 4.81 7.21 -18.35
C THR B 227 5.67 6.06 -18.85
N GLU B 228 5.51 5.63 -20.10
CA GLU B 228 6.36 4.58 -20.65
C GLU B 228 6.40 4.71 -22.16
N TRP B 229 7.59 4.70 -22.73
CA TRP B 229 7.74 4.57 -24.17
C TRP B 229 9.02 3.84 -24.49
N GLY B 230 9.06 3.19 -25.64
CA GLY B 230 10.26 2.52 -26.09
C GLY B 230 10.70 2.94 -27.47
N THR B 231 12.01 2.81 -27.70
CA THR B 231 12.57 3.01 -29.04
C THR B 231 12.33 1.80 -29.93
N SER B 232 11.92 0.67 -29.36
CA SER B 232 11.71 -0.58 -30.05
C SER B 232 10.32 -0.58 -30.68
N ASP B 233 9.96 -1.72 -31.27
CA ASP B 233 8.55 -1.96 -31.57
C ASP B 233 7.84 -2.36 -30.26
N ALA B 234 6.53 -2.60 -30.36
CA ALA B 234 5.76 -2.84 -29.15
C ALA B 234 6.25 -4.08 -28.41
N SER B 235 6.69 -5.11 -29.13
CA SER B 235 7.10 -6.36 -28.50
C SER B 235 8.47 -6.26 -27.83
N GLY B 236 9.26 -5.25 -28.16
CA GLY B 236 10.62 -5.16 -27.67
C GLY B 236 11.64 -5.98 -28.43
N ASN B 237 11.29 -6.52 -29.59
CA ASN B 237 12.20 -7.44 -30.29
C ASN B 237 12.91 -6.83 -31.50
N GLY B 238 12.58 -5.59 -31.88
CA GLY B 238 13.21 -4.97 -33.04
C GLY B 238 13.54 -3.53 -32.72
N GLY B 239 14.38 -2.94 -33.59
CA GLY B 239 14.84 -1.59 -33.36
C GLY B 239 16.23 -1.55 -32.72
N PRO B 240 16.65 -0.39 -32.20
CA PRO B 240 15.81 0.81 -32.04
C PRO B 240 15.46 1.54 -33.33
N PHE B 241 14.35 2.27 -33.31
CA PHE B 241 13.82 3.02 -34.44
C PHE B 241 14.08 4.49 -34.14
N LEU B 242 15.28 4.96 -34.48
CA LEU B 242 15.72 6.26 -33.97
C LEU B 242 15.07 7.42 -34.70
N ASN B 243 14.83 7.29 -36.02
CA ASN B 243 14.16 8.35 -36.75
CA ASN B 243 14.17 8.37 -36.72
C ASN B 243 12.76 8.60 -36.18
N GLU B 244 11.97 7.53 -36.02
CA GLU B 244 10.63 7.72 -35.45
C GLU B 244 10.68 8.12 -33.98
N SER B 245 11.67 7.63 -33.22
CA SER B 245 11.78 8.05 -31.83
C SER B 245 12.02 9.55 -31.73
N GLN B 246 12.82 10.10 -32.65
CA GLN B 246 13.09 11.52 -32.61
C GLN B 246 11.82 12.32 -32.91
N LYS B 247 11.00 11.84 -33.87
CA LYS B 247 9.73 12.52 -34.14
CA LYS B 247 9.73 12.52 -34.14
C LYS B 247 8.87 12.55 -32.88
N TRP B 248 8.82 11.45 -32.13
CA TRP B 248 8.07 11.39 -30.89
C TRP B 248 8.63 12.35 -29.84
N ILE B 249 9.95 12.37 -29.67
CA ILE B 249 10.56 13.27 -28.70
C ILE B 249 10.26 14.72 -29.05
N ASP B 250 10.36 15.07 -30.34
CA ASP B 250 10.09 16.45 -30.75
C ASP B 250 8.62 16.80 -30.53
N PHE B 251 7.71 15.86 -30.80
CA PHE B 251 6.29 16.08 -30.52
C PHE B 251 6.04 16.29 -29.04
N MET B 252 6.65 15.46 -28.20
CA MET B 252 6.43 15.64 -26.76
C MET B 252 7.00 16.98 -26.27
N ASN B 253 8.16 17.37 -26.77
CA ASN B 253 8.69 18.68 -26.45
C ASN B 253 7.71 19.79 -26.85
N SER B 254 7.19 19.70 -28.08
CA SER B 254 6.29 20.72 -28.59
C SER B 254 5.01 20.85 -27.75
N ARG B 255 4.48 19.71 -27.27
CA ARG B 255 3.25 19.67 -26.52
C ARG B 255 3.46 19.69 -25.00
N ASN B 256 4.70 19.89 -24.54
CA ASN B 256 4.98 19.89 -23.10
C ASN B 256 4.50 18.60 -22.43
N ILE B 257 4.80 17.47 -23.06
CA ILE B 257 4.39 16.17 -22.53
C ILE B 257 5.57 15.52 -21.85
N SER B 258 5.41 15.20 -20.58
CA SER B 258 6.44 14.53 -19.81
C SER B 258 6.54 13.04 -20.17
N TRP B 259 7.72 12.48 -19.93
CA TRP B 259 7.93 11.10 -20.32
C TRP B 259 9.00 10.36 -19.55
N ALA B 260 8.84 9.04 -19.53
CA ALA B 260 9.84 8.11 -18.99
C ALA B 260 10.06 6.99 -19.99
N ASN B 261 11.33 6.71 -20.27
CA ASN B 261 11.71 5.69 -21.25
C ASN B 261 11.90 4.34 -20.59
N TRP B 262 11.45 3.29 -21.27
CA TRP B 262 11.65 1.91 -20.86
C TRP B 262 12.83 1.36 -21.63
N SER B 263 13.83 0.78 -20.94
CA SER B 263 13.91 0.59 -19.50
C SER B 263 15.36 0.73 -19.05
N LEU B 264 15.55 1.07 -17.77
CA LEU B 264 16.88 1.06 -17.15
C LEU B 264 17.15 -0.35 -16.64
N SER B 265 17.65 -1.18 -17.54
CA SER B 265 17.96 -2.57 -17.23
C SER B 265 18.85 -3.10 -18.36
N ASP B 266 19.34 -4.31 -18.16
CA ASP B 266 20.09 -5.04 -19.18
C ASP B 266 19.31 -6.25 -19.71
N LYS B 267 17.97 -6.18 -19.63
CA LYS B 267 17.13 -7.20 -20.25
C LYS B 267 17.48 -7.34 -21.73
N SER B 268 17.42 -8.58 -22.23
CA SER B 268 17.69 -8.85 -23.65
C SER B 268 16.43 -8.56 -24.47
N GLU B 269 16.05 -7.29 -24.49
CA GLU B 269 15.10 -6.74 -25.45
C GLU B 269 15.66 -5.41 -25.91
N THR B 270 15.24 -4.97 -27.10
CA THR B 270 15.95 -3.90 -27.78
C THR B 270 15.72 -2.54 -27.13
N SER B 271 14.71 -2.41 -26.26
CA SER B 271 14.47 -1.18 -25.54
C SER B 271 15.33 -1.01 -24.30
N ALA B 272 16.01 -2.06 -23.83
CA ALA B 272 16.81 -1.96 -22.63
C ALA B 272 17.97 -1.00 -22.86
N ALA B 273 18.21 -0.12 -21.89
CA ALA B 273 19.20 0.92 -22.04
C ALA B 273 20.63 0.47 -21.80
N LEU B 274 20.84 -0.65 -21.11
CA LEU B 274 22.15 -1.04 -20.62
C LEU B 274 22.59 -2.35 -21.26
N MET B 275 23.90 -2.48 -21.43
CA MET B 275 24.49 -3.72 -21.94
C MET B 275 24.55 -4.75 -20.83
N PRO B 276 24.52 -6.03 -21.17
CA PRO B 276 24.60 -7.07 -20.12
C PRO B 276 25.80 -6.86 -19.21
N GLY B 277 25.55 -6.92 -17.90
CA GLY B 277 26.61 -6.77 -16.93
C GLY B 277 26.95 -5.36 -16.54
N ALA B 278 26.24 -4.37 -17.07
CA ALA B 278 26.47 -2.98 -16.68
C ALA B 278 26.28 -2.84 -15.18
N SER B 279 27.08 -1.97 -14.58
CA SER B 279 27.07 -1.85 -13.13
C SER B 279 25.68 -1.45 -12.64
N PRO B 280 25.15 -2.12 -11.62
CA PRO B 280 23.84 -1.70 -11.08
C PRO B 280 23.87 -0.35 -10.39
N THR B 281 25.04 0.20 -10.07
CA THR B 281 25.14 1.43 -9.30
C THR B 281 25.56 2.63 -10.16
N GLY B 282 25.56 2.48 -11.48
CA GLY B 282 25.83 3.58 -12.37
C GLY B 282 27.28 3.67 -12.79
N GLY B 283 27.65 4.88 -13.19
CA GLY B 283 29.00 5.13 -13.65
C GLY B 283 29.27 4.63 -15.06
N TRP B 284 28.24 4.50 -15.88
CA TRP B 284 28.37 3.82 -17.17
C TRP B 284 29.10 4.71 -18.19
N THR B 285 29.98 4.08 -18.98
CA THR B 285 30.55 4.74 -20.13
C THR B 285 29.70 4.39 -21.36
N ASP B 286 30.05 5.00 -22.49
CA ASP B 286 29.32 4.75 -23.74
C ASP B 286 29.21 3.27 -24.03
N SER B 287 30.26 2.50 -23.78
CA SER B 287 30.26 1.09 -24.13
C SER B 287 29.39 0.25 -23.20
N ASN B 288 28.93 0.80 -22.08
CA ASN B 288 28.02 0.07 -21.21
C ASN B 288 26.56 0.31 -21.57
N LEU B 289 26.29 1.18 -22.53
CA LEU B 289 24.94 1.51 -22.96
C LEU B 289 24.62 0.80 -24.26
N SER B 290 23.37 0.37 -24.40
CA SER B 290 22.90 -0.17 -25.66
C SER B 290 22.71 0.98 -26.65
N ALA B 291 22.40 0.64 -27.90
CA ALA B 291 22.04 1.67 -28.87
C ALA B 291 20.88 2.52 -28.38
N SER B 292 19.85 1.88 -27.79
CA SER B 292 18.74 2.64 -27.24
C SER B 292 19.20 3.56 -26.11
N GLY B 293 20.01 3.02 -25.19
CA GLY B 293 20.46 3.83 -24.06
C GLY B 293 21.30 5.02 -24.47
N LYS B 294 22.21 4.81 -25.44
CA LYS B 294 23.04 5.93 -25.91
C LYS B 294 22.15 7.05 -26.44
N PHE B 295 21.12 6.70 -27.19
CA PHE B 295 20.22 7.70 -27.78
C PHE B 295 19.40 8.40 -26.73
N VAL B 296 18.79 7.64 -25.82
CA VAL B 296 17.94 8.25 -24.80
C VAL B 296 18.75 9.15 -23.90
N ARG B 297 19.96 8.72 -23.52
CA ARG B 297 20.82 9.57 -22.68
C ARG B 297 21.15 10.89 -23.39
N GLU B 298 21.51 10.83 -24.68
CA GLU B 298 21.77 12.05 -25.42
CA GLU B 298 21.76 12.04 -25.46
C GLU B 298 20.55 12.95 -25.45
N GLN B 299 19.35 12.38 -25.63
CA GLN B 299 18.15 13.18 -25.76
C GLN B 299 17.78 13.84 -24.44
N ILE B 300 17.97 13.15 -23.31
CA ILE B 300 17.64 13.75 -22.01
C ILE B 300 18.62 14.86 -21.68
N ARG B 301 19.89 14.68 -22.07
CA ARG B 301 20.90 15.70 -21.80
C ARG B 301 20.66 16.99 -22.60
N ARG B 302 19.88 16.93 -23.69
CA ARG B 302 19.54 18.14 -24.42
CA ARG B 302 19.54 18.14 -24.42
C ARG B 302 18.56 18.98 -23.62
N SER B 303 18.77 20.29 -23.62
CA SER B 303 17.86 21.20 -22.92
C SER B 303 18.14 22.67 -23.24
N HIS C 1 5.84 -4.02 -22.67
CA HIS C 1 5.84 -4.54 -24.06
C HIS C 1 4.66 -5.46 -24.25
N HIS C 2 4.25 -5.61 -25.51
CA HIS C 2 3.14 -6.48 -25.87
C HIS C 2 3.27 -6.82 -27.34
N GLY C 3 2.63 -7.91 -27.75
CA GLY C 3 2.54 -8.21 -29.17
C GLY C 3 1.61 -7.24 -29.85
N SER C 4 2.09 -6.60 -30.92
CA SER C 4 1.27 -5.67 -31.65
C SER C 4 0.21 -6.43 -32.45
N THR C 5 -0.90 -5.76 -32.70
CA THR C 5 -1.92 -6.30 -33.59
C THR C 5 -1.96 -5.51 -34.90
N PRO C 6 -2.52 -6.08 -35.96
CA PRO C 6 -2.56 -5.32 -37.23
C PRO C 6 -3.31 -4.02 -37.12
N VAL C 7 -4.45 -4.01 -36.41
CA VAL C 7 -5.25 -2.80 -36.30
C VAL C 7 -4.58 -1.77 -35.39
N GLU C 8 -3.93 -2.24 -34.30
CA GLU C 8 -3.12 -1.32 -33.53
C GLU C 8 -2.10 -0.62 -34.42
N THR C 9 -1.48 -1.37 -35.33
CA THR C 9 -0.40 -0.84 -36.15
C THR C 9 -0.89 0.05 -37.26
N HIS C 10 -2.01 -0.30 -37.90
CA HIS C 10 -2.42 0.34 -39.13
C HIS C 10 -3.72 1.12 -39.06
N GLY C 11 -4.55 0.87 -38.04
CA GLY C 11 -5.72 1.70 -37.84
C GLY C 11 -6.68 1.72 -39.00
N GLN C 12 -7.28 2.90 -39.23
CA GLN C 12 -8.26 3.10 -40.28
C GLN C 12 -7.56 3.06 -41.64
N LEU C 13 -8.02 2.15 -42.50
CA LEU C 13 -7.48 2.05 -43.85
C LEU C 13 -8.25 2.97 -44.79
N SER C 14 -7.58 3.34 -45.88
CA SER C 14 -8.24 4.11 -46.94
C SER C 14 -7.57 3.79 -48.26
N VAL C 15 -8.15 4.32 -49.33
CA VAL C 15 -7.58 4.19 -50.69
C VAL C 15 -7.08 5.56 -51.12
N LYS C 16 -5.80 5.64 -51.46
CA LYS C 16 -5.17 6.88 -51.89
CA LYS C 16 -5.17 6.89 -51.90
C LYS C 16 -4.33 6.58 -53.12
N GLY C 17 -4.54 7.35 -54.19
CA GLY C 17 -3.80 7.12 -55.41
C GLY C 17 -3.85 5.69 -55.88
N GLY C 18 -5.00 5.04 -55.70
CA GLY C 18 -5.18 3.71 -56.23
C GLY C 18 -4.57 2.59 -55.41
N GLN C 19 -4.07 2.87 -54.21
N GLN C 19 -4.15 2.91 -54.17
CA GLN C 19 -3.59 1.76 -53.41
CA GLN C 19 -3.44 2.00 -53.30
C GLN C 19 -4.06 1.90 -51.97
C GLN C 19 -4.13 1.93 -51.94
N LEU C 20 -4.07 0.76 -51.30
CA LEU C 20 -4.49 0.64 -49.92
C LEU C 20 -3.40 1.23 -49.02
N VAL C 21 -3.78 2.20 -48.18
CA VAL C 21 -2.87 2.83 -47.23
C VAL C 21 -3.48 2.75 -45.84
N ASP C 22 -2.63 2.86 -44.83
CA ASP C 22 -3.07 2.82 -43.45
C ASP C 22 -3.30 4.23 -42.90
N GLU C 23 -3.57 4.32 -41.59
CA GLU C 23 -3.93 5.59 -40.98
C GLU C 23 -2.77 6.56 -40.92
N ASN C 24 -1.55 6.07 -41.07
CA ASN C 24 -0.37 6.92 -41.21
C ASN C 24 -0.08 7.28 -42.66
N GLY C 25 -0.96 6.90 -43.58
CA GLY C 25 -0.77 7.20 -44.99
C GLY C 25 0.21 6.30 -45.69
N LYS C 26 0.67 5.25 -45.04
N LYS C 26 0.62 5.21 -45.06
CA LYS C 26 1.67 4.38 -45.65
CA LYS C 26 1.64 4.36 -45.64
C LYS C 26 1.01 3.20 -46.34
C LYS C 26 0.99 3.18 -46.35
N PRO C 27 1.54 2.76 -47.48
CA PRO C 27 1.00 1.58 -48.14
C PRO C 27 1.03 0.40 -47.18
N VAL C 28 -0.03 -0.40 -47.22
CA VAL C 28 -0.15 -1.57 -46.37
C VAL C 28 -0.72 -2.70 -47.23
N GLN C 29 -0.21 -3.90 -47.01
CA GLN C 29 -0.71 -5.10 -47.69
C GLN C 29 -1.32 -6.00 -46.62
N LEU C 30 -2.58 -6.36 -46.81
CA LEU C 30 -3.21 -7.38 -46.01
C LEU C 30 -3.00 -8.74 -46.69
N ARG C 31 -2.72 -9.75 -45.90
CA ARG C 31 -2.61 -11.12 -46.38
C ARG C 31 -3.30 -12.01 -45.36
N GLY C 32 -4.23 -12.85 -45.81
CA GLY C 32 -4.94 -13.69 -44.88
C GLY C 32 -5.70 -14.79 -45.57
N MET C 33 -6.72 -15.27 -44.87
CA MET C 33 -7.52 -16.42 -45.28
C MET C 33 -8.98 -16.04 -45.40
N SER C 34 -9.66 -16.73 -46.32
CA SER C 34 -11.11 -16.72 -46.41
C SER C 34 -11.66 -18.03 -45.84
N SER C 35 -12.74 -17.93 -45.09
CA SER C 35 -13.55 -19.08 -44.77
C SER C 35 -14.10 -19.69 -46.06
N HIS C 36 -14.56 -20.95 -45.98
CA HIS C 36 -15.47 -21.48 -46.98
C HIS C 36 -16.87 -21.00 -46.62
N GLY C 37 -17.89 -21.54 -47.28
CA GLY C 37 -19.24 -21.09 -46.97
C GLY C 37 -19.59 -21.27 -45.51
N LEU C 38 -20.09 -20.21 -44.88
CA LEU C 38 -20.40 -20.25 -43.46
C LEU C 38 -21.48 -21.27 -43.11
N GLN C 39 -22.35 -21.59 -44.06
CA GLN C 39 -23.42 -22.55 -43.82
C GLN C 39 -22.89 -23.98 -43.78
N TRP C 40 -21.68 -24.21 -44.27
CA TRP C 40 -21.11 -25.54 -44.30
C TRP C 40 -19.88 -25.71 -43.42
N PHE C 41 -19.06 -24.67 -43.30
CA PHE C 41 -17.77 -24.74 -42.64
C PHE C 41 -17.62 -23.63 -41.63
N GLY C 42 -18.76 -23.14 -41.11
CA GLY C 42 -18.73 -22.07 -40.13
C GLY C 42 -18.10 -22.46 -38.81
N ASP C 43 -18.05 -23.75 -38.48
CA ASP C 43 -17.42 -24.16 -37.22
C ASP C 43 -15.95 -23.78 -37.18
N PHE C 44 -15.30 -23.64 -38.34
CA PHE C 44 -13.91 -23.25 -38.38
C PHE C 44 -13.70 -21.75 -38.17
N VAL C 45 -14.78 -20.97 -38.04
CA VAL C 45 -14.72 -19.52 -37.89
C VAL C 45 -15.12 -19.20 -36.46
N ASN C 46 -14.15 -18.77 -35.66
CA ASN C 46 -14.40 -18.46 -34.25
C ASN C 46 -13.16 -17.75 -33.71
N LYS C 47 -13.29 -17.23 -32.48
CA LYS C 47 -12.20 -16.44 -31.93
C LYS C 47 -10.93 -17.26 -31.75
N ASP C 48 -11.06 -18.56 -31.48
CA ASP C 48 -9.87 -19.39 -31.24
C ASP C 48 -9.11 -19.66 -32.53
N SER C 49 -9.82 -20.07 -33.59
CA SER C 49 -9.12 -20.30 -34.84
C SER C 49 -8.58 -18.99 -35.42
N MET C 50 -9.33 -17.88 -35.25
CA MET C 50 -8.84 -16.59 -35.76
C MET C 50 -7.59 -16.13 -35.01
N LYS C 51 -7.55 -16.33 -33.69
CA LYS C 51 -6.35 -15.96 -32.94
C LYS C 51 -5.19 -16.85 -33.36
N TRP C 52 -5.45 -18.14 -33.56
CA TRP C 52 -4.41 -19.05 -33.99
C TRP C 52 -3.87 -18.64 -35.36
N LEU C 53 -4.77 -18.26 -36.28
CA LEU C 53 -4.29 -17.80 -37.57
C LEU C 53 -3.48 -16.51 -37.43
N ARG C 54 -3.92 -15.58 -36.58
CA ARG C 54 -3.16 -14.36 -36.36
C ARG C 54 -1.75 -14.68 -35.86
N ASP C 55 -1.65 -15.56 -34.86
CA ASP C 55 -0.41 -15.76 -34.15
C ASP C 55 0.52 -16.78 -34.79
N ASP C 56 -0.04 -17.89 -35.29
CA ASP C 56 0.78 -18.94 -35.87
C ASP C 56 0.95 -18.79 -37.38
N TRP C 57 -0.03 -18.24 -38.10
CA TRP C 57 0.14 -18.02 -39.52
C TRP C 57 0.57 -16.59 -39.87
N GLY C 58 0.33 -15.63 -38.97
CA GLY C 58 0.66 -14.27 -39.27
C GLY C 58 -0.37 -13.53 -40.10
N ILE C 59 -1.62 -14.01 -40.14
CA ILE C 59 -2.60 -13.31 -40.97
C ILE C 59 -2.94 -11.96 -40.34
N ASN C 60 -3.34 -11.01 -41.18
CA ASN C 60 -3.87 -9.75 -40.68
C ASN C 60 -5.28 -9.42 -41.18
N VAL C 61 -5.89 -10.31 -41.94
CA VAL C 61 -7.25 -10.13 -42.44
C VAL C 61 -7.89 -11.51 -42.53
N PHE C 62 -9.16 -11.56 -42.18
CA PHE C 62 -9.94 -12.78 -42.26
C PHE C 62 -11.24 -12.47 -42.98
N ARG C 63 -11.56 -13.23 -44.02
CA ARG C 63 -12.76 -13.01 -44.83
C ARG C 63 -13.81 -14.06 -44.48
N VAL C 64 -15.03 -13.60 -44.26
CA VAL C 64 -16.15 -14.51 -43.97
C VAL C 64 -17.07 -14.56 -45.16
N ALA C 65 -17.16 -15.76 -45.77
CA ALA C 65 -17.88 -15.95 -47.03
C ALA C 65 -19.32 -16.33 -46.68
N MET C 66 -20.18 -15.32 -46.61
CA MET C 66 -21.58 -15.57 -46.30
C MET C 66 -22.33 -15.78 -47.61
N TYR C 67 -22.42 -17.03 -48.02
CA TYR C 67 -23.22 -17.36 -49.18
C TYR C 67 -24.65 -16.87 -48.98
N THR C 68 -25.24 -16.38 -50.07
CA THR C 68 -26.64 -16.01 -50.12
C THR C 68 -27.48 -17.21 -50.49
N ALA C 69 -27.12 -17.92 -51.55
CA ALA C 69 -27.83 -19.11 -51.99
C ALA C 69 -27.20 -20.35 -51.38
N GLU C 70 -27.56 -21.53 -51.90
CA GLU C 70 -26.96 -22.80 -51.48
C GLU C 70 -27.08 -23.03 -49.97
N GLY C 71 -28.26 -22.74 -49.42
CA GLY C 71 -28.48 -22.89 -48.00
C GLY C 71 -27.88 -21.79 -47.15
N GLY C 72 -27.49 -20.70 -47.77
CA GLY C 72 -26.93 -19.56 -47.09
C GLY C 72 -27.99 -18.63 -46.55
N TYR C 73 -27.65 -17.34 -46.52
CA TYR C 73 -28.39 -16.34 -45.75
C TYR C 73 -29.82 -16.18 -46.21
N ILE C 74 -30.09 -16.32 -47.51
CA ILE C 74 -31.44 -16.03 -47.98
C ILE C 74 -32.44 -17.04 -47.41
N THR C 75 -32.10 -18.33 -47.40
CA THR C 75 -33.03 -19.33 -46.87
C THR C 75 -32.78 -19.63 -45.40
N ASN C 76 -31.59 -19.36 -44.89
CA ASN C 76 -31.24 -19.64 -43.50
C ASN C 76 -30.48 -18.47 -42.94
N PRO C 77 -31.19 -17.42 -42.49
CA PRO C 77 -30.50 -16.19 -42.09
C PRO C 77 -29.72 -16.28 -40.79
N SER C 78 -29.83 -17.40 -40.05
CA SER C 78 -29.06 -17.57 -38.84
C SER C 78 -27.57 -17.51 -39.07
N VAL C 79 -27.10 -17.71 -40.30
CA VAL C 79 -25.67 -17.59 -40.60
C VAL C 79 -25.16 -16.19 -40.31
N LYS C 80 -26.06 -15.21 -40.25
CA LYS C 80 -25.65 -13.86 -39.86
C LYS C 80 -25.04 -13.84 -38.47
N ASN C 81 -25.47 -14.77 -37.60
CA ASN C 81 -24.86 -14.82 -36.27
C ASN C 81 -23.39 -15.19 -36.36
N LYS C 82 -23.01 -16.01 -37.34
CA LYS C 82 -21.61 -16.37 -37.51
C LYS C 82 -20.79 -15.19 -38.03
N VAL C 83 -21.37 -14.39 -38.93
CA VAL C 83 -20.70 -13.16 -39.37
C VAL C 83 -20.42 -12.27 -38.17
N LYS C 84 -21.44 -12.06 -37.33
CA LYS C 84 -21.28 -11.19 -36.17
C LYS C 84 -20.24 -11.74 -35.22
N GLU C 85 -20.25 -13.06 -35.00
CA GLU C 85 -19.24 -13.69 -34.17
C GLU C 85 -17.84 -13.40 -34.69
N ALA C 86 -17.65 -13.52 -36.01
CA ALA C 86 -16.34 -13.32 -36.60
C ALA C 86 -15.92 -11.85 -36.55
N VAL C 87 -16.85 -10.93 -36.79
CA VAL C 87 -16.50 -9.51 -36.74
C VAL C 87 -16.07 -9.13 -35.33
N GLU C 88 -16.84 -9.59 -34.32
CA GLU C 88 -16.51 -9.25 -32.94
C GLU C 88 -15.19 -9.89 -32.51
N ALA C 89 -14.91 -11.11 -32.97
CA ALA C 89 -13.60 -11.71 -32.71
C ALA C 89 -12.48 -10.88 -33.33
N ALA C 90 -12.67 -10.42 -34.58
CA ALA C 90 -11.67 -9.60 -35.23
C ALA C 90 -11.42 -8.32 -34.43
N ILE C 91 -12.49 -7.69 -33.95
CA ILE C 91 -12.33 -6.49 -33.14
C ILE C 91 -11.52 -6.79 -31.88
N ASP C 92 -11.86 -7.89 -31.20
CA ASP C 92 -11.14 -8.26 -29.99
C ASP C 92 -9.67 -8.57 -30.26
N LEU C 93 -9.36 -9.10 -31.45
CA LEU C 93 -8.03 -9.57 -31.81
C LEU C 93 -7.22 -8.53 -32.59
N GLY C 94 -7.80 -7.36 -32.88
CA GLY C 94 -7.10 -6.37 -33.67
C GLY C 94 -6.82 -6.79 -35.09
N MET C 95 -7.74 -7.55 -35.69
CA MET C 95 -7.62 -8.05 -37.05
C MET C 95 -8.60 -7.32 -37.98
N TYR C 96 -8.24 -7.20 -39.26
CA TYR C 96 -9.20 -6.77 -40.28
C TYR C 96 -10.10 -7.93 -40.64
N VAL C 97 -11.35 -7.61 -40.97
CA VAL C 97 -12.34 -8.63 -41.32
C VAL C 97 -13.10 -8.16 -42.56
N ILE C 98 -13.25 -9.05 -43.53
CA ILE C 98 -14.01 -8.77 -44.75
C ILE C 98 -15.35 -9.47 -44.64
N ILE C 99 -16.42 -8.69 -44.69
CA ILE C 99 -17.78 -9.22 -44.69
C ILE C 99 -18.18 -9.42 -46.15
N ASP C 100 -18.25 -10.68 -46.59
CA ASP C 100 -18.45 -11.05 -48.00
C ASP C 100 -19.86 -11.57 -48.26
N TRP C 101 -20.64 -10.77 -48.99
CA TRP C 101 -21.95 -11.16 -49.52
C TRP C 101 -21.66 -12.05 -50.72
N HIS C 102 -21.68 -13.36 -50.48
CA HIS C 102 -21.00 -14.31 -51.36
C HIS C 102 -21.98 -14.88 -52.37
N ILE C 103 -22.31 -14.04 -53.36
CA ILE C 103 -23.06 -14.50 -54.52
C ILE C 103 -22.19 -15.39 -55.38
N LEU C 104 -22.82 -16.36 -56.05
CA LEU C 104 -22.07 -17.25 -56.92
C LEU C 104 -23.04 -17.92 -57.91
N SER C 105 -23.82 -18.91 -57.46
CA SER C 105 -24.83 -19.50 -58.33
C SER C 105 -25.93 -18.48 -58.65
N ASP C 106 -26.22 -17.58 -57.72
CA ASP C 106 -27.02 -16.39 -57.94
C ASP C 106 -26.09 -15.35 -58.55
N ASN C 107 -25.91 -15.46 -59.87
CA ASN C 107 -24.79 -14.81 -60.56
C ASN C 107 -25.01 -13.34 -60.80
N ASP C 108 -26.23 -12.81 -60.56
CA ASP C 108 -26.54 -11.39 -60.69
C ASP C 108 -26.75 -10.83 -59.29
N PRO C 109 -25.92 -9.86 -58.86
CA PRO C 109 -26.11 -9.29 -57.51
C PRO C 109 -27.48 -8.65 -57.31
N ASN C 110 -28.18 -8.29 -58.38
CA ASN C 110 -29.46 -7.64 -58.20
C ASN C 110 -30.54 -8.59 -57.70
N THR C 111 -30.33 -9.91 -57.80
CA THR C 111 -31.37 -10.86 -57.42
C THR C 111 -31.78 -10.68 -55.97
N TYR C 112 -30.82 -10.45 -55.08
CA TYR C 112 -31.11 -10.26 -53.66
C TYR C 112 -30.69 -8.87 -53.20
N LYS C 113 -30.91 -7.86 -54.05
CA LYS C 113 -30.41 -6.51 -53.77
C LYS C 113 -31.09 -5.91 -52.54
N GLU C 114 -32.39 -6.14 -52.37
CA GLU C 114 -33.05 -5.58 -51.19
C GLU C 114 -32.52 -6.21 -49.91
N GLN C 115 -32.30 -7.53 -49.90
CA GLN C 115 -31.73 -8.18 -48.73
C GLN C 115 -30.30 -7.72 -48.49
N ALA C 116 -29.54 -7.50 -49.56
CA ALA C 116 -28.15 -7.05 -49.41
C ALA C 116 -28.10 -5.66 -48.78
N LYS C 117 -28.97 -4.75 -49.26
N LYS C 117 -28.97 -4.76 -49.25
CA LYS C 117 -29.00 -3.41 -48.71
CA LYS C 117 -28.99 -3.40 -48.71
C LYS C 117 -29.31 -3.44 -47.23
C LYS C 117 -29.32 -3.42 -47.22
N ALA C 118 -30.33 -4.20 -46.84
CA ALA C 118 -30.71 -4.27 -45.43
C ALA C 118 -29.61 -4.93 -44.60
N PHE C 119 -29.00 -5.98 -45.11
CA PHE C 119 -27.91 -6.64 -44.37
C PHE C 119 -26.73 -5.71 -44.15
N PHE C 120 -26.30 -5.01 -45.20
CA PHE C 120 -25.13 -4.15 -45.06
C PHE C 120 -25.46 -2.91 -44.26
N GLN C 121 -26.69 -2.39 -44.35
CA GLN C 121 -27.07 -1.29 -43.48
C GLN C 121 -26.93 -1.72 -42.02
N GLU C 122 -27.37 -2.94 -41.69
CA GLU C 122 -27.33 -3.44 -40.33
C GLU C 122 -25.89 -3.60 -39.87
N MET C 123 -25.04 -4.20 -40.71
CA MET C 123 -23.63 -4.38 -40.34
C MET C 123 -22.93 -3.02 -40.16
N ALA C 124 -23.19 -2.07 -41.05
CA ALA C 124 -22.55 -0.76 -40.94
C ALA C 124 -23.04 0.01 -39.71
N ALA C 125 -24.34 -0.07 -39.40
CA ALA C 125 -24.84 0.59 -38.21
C ALA C 125 -24.22 0.01 -36.95
N LYS C 126 -24.00 -1.30 -36.91
CA LYS C 126 -23.48 -1.94 -35.70
C LYS C 126 -21.97 -1.78 -35.57
N TYR C 127 -21.23 -1.95 -36.67
CA TYR C 127 -19.77 -2.08 -36.61
C TYR C 127 -19.03 -1.00 -37.38
N GLY C 128 -19.72 -0.03 -37.95
CA GLY C 128 -19.09 0.88 -38.89
C GLY C 128 -18.10 1.82 -38.27
N ASN C 129 -18.12 2.00 -36.95
CA ASN C 129 -17.13 2.86 -36.30
CA ASN C 129 -17.12 2.87 -36.32
C ASN C 129 -15.82 2.14 -36.03
N TYR C 130 -15.73 0.83 -36.31
CA TYR C 130 -14.51 0.08 -36.09
C TYR C 130 -13.68 0.03 -37.36
N PRO C 131 -12.38 0.34 -37.29
CA PRO C 131 -11.56 0.30 -38.50
C PRO C 131 -11.35 -1.10 -39.04
N ASN C 132 -11.72 -2.11 -38.26
CA ASN C 132 -11.48 -3.49 -38.67
C ASN C 132 -12.26 -3.89 -39.91
N VAL C 133 -13.37 -3.22 -40.17
CA VAL C 133 -14.40 -3.76 -41.07
C VAL C 133 -14.14 -3.33 -42.50
N ILE C 134 -14.17 -4.32 -43.41
CA ILE C 134 -14.14 -4.13 -44.85
C ILE C 134 -15.38 -4.83 -45.40
N TYR C 135 -16.10 -4.15 -46.29
CA TYR C 135 -17.31 -4.72 -46.87
C TYR C 135 -17.00 -5.22 -48.28
N GLU C 136 -17.48 -6.43 -48.61
CA GLU C 136 -17.34 -7.00 -49.95
C GLU C 136 -18.76 -7.30 -50.44
N ILE C 137 -19.29 -6.44 -51.30
CA ILE C 137 -20.74 -6.43 -51.52
C ILE C 137 -21.29 -7.43 -52.53
N CYS C 138 -20.44 -8.02 -53.38
CA CYS C 138 -20.92 -9.07 -54.28
C CYS C 138 -19.73 -9.88 -54.81
N ASN C 139 -19.45 -10.99 -54.11
CA ASN C 139 -18.33 -11.87 -54.43
C ASN C 139 -17.99 -12.01 -55.90
N GLU C 140 -18.85 -12.69 -56.66
CA GLU C 140 -18.58 -13.06 -58.04
C GLU C 140 -19.78 -12.94 -58.95
N PRO C 141 -20.04 -11.74 -59.47
CA PRO C 141 -20.91 -11.64 -60.64
C PRO C 141 -20.35 -12.56 -61.71
N ASN C 142 -21.21 -13.23 -62.48
CA ASN C 142 -20.73 -14.14 -63.51
C ASN C 142 -21.85 -14.41 -64.51
N GLY C 143 -21.52 -15.15 -65.56
CA GLY C 143 -22.56 -15.60 -66.49
C GLY C 143 -23.20 -14.53 -67.35
N GLY C 144 -22.41 -13.59 -67.86
CA GLY C 144 -22.93 -12.56 -68.74
C GLY C 144 -23.40 -11.32 -68.01
N VAL C 145 -23.33 -11.31 -66.68
CA VAL C 145 -23.69 -10.12 -65.90
C VAL C 145 -22.65 -9.04 -66.14
N THR C 146 -23.12 -7.85 -66.48
CA THR C 146 -22.23 -6.79 -66.95
C THR C 146 -21.96 -5.76 -65.85
N TRP C 147 -20.84 -5.05 -66.04
CA TRP C 147 -20.46 -3.96 -65.16
C TRP C 147 -21.43 -2.80 -65.26
N SER C 148 -21.68 -2.30 -66.47
CA SER C 148 -22.45 -1.08 -66.59
CA SER C 148 -22.46 -1.07 -66.60
C SER C 148 -23.92 -1.29 -66.29
N ASN C 149 -24.47 -2.44 -66.69
CA ASN C 149 -25.92 -2.61 -66.59
C ASN C 149 -26.41 -3.41 -65.40
N GLN C 150 -25.53 -4.16 -64.72
CA GLN C 150 -25.96 -4.91 -63.55
C GLN C 150 -25.16 -4.56 -62.30
N ILE C 151 -23.82 -4.59 -62.36
CA ILE C 151 -23.03 -4.43 -61.14
C ILE C 151 -23.03 -2.98 -60.67
N LYS C 152 -22.76 -2.02 -61.56
CA LYS C 152 -22.76 -0.63 -61.12
C LYS C 152 -24.11 -0.23 -60.53
N PRO C 153 -25.25 -0.55 -61.16
CA PRO C 153 -26.55 -0.20 -60.55
C PRO C 153 -26.72 -0.80 -59.15
N TYR C 154 -26.27 -2.05 -58.96
CA TYR C 154 -26.34 -2.68 -57.65
C TYR C 154 -25.48 -1.91 -56.66
N ALA C 155 -24.23 -1.62 -57.04
CA ALA C 155 -23.32 -0.93 -56.13
C ALA C 155 -23.82 0.46 -55.79
N GLU C 156 -24.44 1.14 -56.75
CA GLU C 156 -24.94 2.49 -56.52
C GLU C 156 -26.11 2.53 -55.53
N GLU C 157 -26.75 1.39 -55.25
CA GLU C 157 -27.73 1.34 -54.17
C GLU C 157 -27.10 0.89 -52.87
N VAL C 158 -26.21 -0.11 -52.90
CA VAL C 158 -25.66 -0.66 -51.66
C VAL C 158 -24.61 0.27 -51.04
N ILE C 159 -23.76 0.89 -51.86
CA ILE C 159 -22.71 1.77 -51.31
C ILE C 159 -23.30 2.91 -50.50
N PRO C 160 -24.24 3.71 -51.02
CA PRO C 160 -24.79 4.80 -50.19
C PRO C 160 -25.49 4.29 -48.94
N ALA C 161 -26.08 3.10 -48.99
CA ALA C 161 -26.72 2.54 -47.81
C ALA C 161 -25.70 2.27 -46.71
N ILE C 162 -24.54 1.75 -47.08
CA ILE C 162 -23.45 1.55 -46.11
C ILE C 162 -22.93 2.89 -45.63
N ARG C 163 -22.70 3.83 -46.56
CA ARG C 163 -22.02 5.07 -46.23
CA ARG C 163 -22.03 5.08 -46.24
C ARG C 163 -22.86 5.99 -45.34
N ALA C 164 -24.18 5.84 -45.33
CA ALA C 164 -25.00 6.62 -44.43
C ALA C 164 -24.68 6.28 -42.98
N ASN C 165 -24.19 5.07 -42.74
CA ASN C 165 -23.89 4.57 -41.41
C ASN C 165 -22.39 4.47 -41.14
N ASP C 166 -21.57 4.35 -42.19
CA ASP C 166 -20.13 4.12 -42.07
C ASP C 166 -19.48 4.88 -43.22
N PRO C 167 -19.05 6.12 -42.97
CA PRO C 167 -18.62 6.98 -44.08
C PRO C 167 -17.26 6.64 -44.67
N ASP C 168 -16.42 5.87 -43.98
CA ASP C 168 -15.02 5.77 -44.37
C ASP C 168 -14.47 4.38 -44.63
N ASN C 169 -15.06 3.31 -44.08
N ASN C 169 -15.06 3.31 -44.09
CA ASN C 169 -14.45 1.99 -44.26
CA ASN C 169 -14.47 1.99 -44.27
C ASN C 169 -14.53 1.55 -45.72
C ASN C 169 -14.52 1.56 -45.73
N ILE C 170 -13.56 0.73 -46.11
CA ILE C 170 -13.41 0.32 -47.51
C ILE C 170 -14.55 -0.60 -47.93
N ILE C 171 -15.01 -0.40 -49.18
CA ILE C 171 -15.99 -1.27 -49.82
C ILE C 171 -15.33 -1.82 -51.08
N ILE C 172 -15.40 -3.14 -51.23
CA ILE C 172 -14.84 -3.87 -52.37
C ILE C 172 -15.97 -4.36 -53.24
N VAL C 173 -15.89 -4.05 -54.53
CA VAL C 173 -16.95 -4.39 -55.48
C VAL C 173 -16.48 -5.45 -56.46
N GLY C 174 -17.26 -6.53 -56.59
CA GLY C 174 -16.90 -7.57 -57.52
C GLY C 174 -17.05 -7.13 -58.97
N THR C 175 -16.36 -7.85 -59.85
CA THR C 175 -16.30 -7.48 -61.26
C THR C 175 -16.78 -8.63 -62.12
N PRO C 176 -17.03 -8.41 -63.41
CA PRO C 176 -17.63 -9.48 -64.22
C PRO C 176 -16.71 -10.67 -64.37
N THR C 177 -17.33 -11.79 -64.76
CA THR C 177 -16.66 -13.04 -65.08
C THR C 177 -15.91 -13.60 -63.85
N TRP C 178 -16.68 -13.82 -62.78
CA TRP C 178 -16.14 -14.27 -61.51
C TRP C 178 -15.03 -13.35 -61.01
N SER C 179 -15.30 -12.03 -61.05
CA SER C 179 -14.35 -11.03 -60.56
C SER C 179 -13.00 -11.15 -61.26
N GLN C 180 -13.05 -11.27 -62.59
CA GLN C 180 -11.86 -11.18 -63.40
C GLN C 180 -11.74 -9.87 -64.17
N ASP C 181 -12.87 -9.27 -64.58
CA ASP C 181 -12.85 -8.22 -65.61
C ASP C 181 -12.66 -6.84 -64.98
N VAL C 182 -11.49 -6.69 -64.35
CA VAL C 182 -11.18 -5.44 -63.66
C VAL C 182 -10.99 -4.30 -64.64
N HIS C 183 -10.73 -4.60 -65.92
CA HIS C 183 -10.63 -3.52 -66.90
C HIS C 183 -11.95 -2.78 -67.06
N ASP C 184 -13.08 -3.45 -66.85
CA ASP C 184 -14.36 -2.77 -66.93
C ASP C 184 -14.45 -1.69 -65.86
N ALA C 185 -14.03 -2.02 -64.64
CA ALA C 185 -14.04 -1.06 -63.56
C ALA C 185 -13.03 0.05 -63.81
N ALA C 186 -11.84 -0.32 -64.32
CA ALA C 186 -10.82 0.68 -64.60
C ALA C 186 -11.30 1.70 -65.61
N ASP C 187 -11.99 1.25 -66.66
CA ASP C 187 -12.45 2.13 -67.72
C ASP C 187 -13.74 2.86 -67.36
N ASN C 188 -14.46 2.42 -66.33
CA ASN C 188 -15.77 2.98 -65.96
C ASN C 188 -15.93 2.90 -64.44
N PRO C 189 -15.09 3.59 -63.69
CA PRO C 189 -15.08 3.39 -62.23
C PRO C 189 -16.29 3.98 -61.54
N LEU C 190 -16.55 3.47 -60.35
CA LEU C 190 -17.51 4.08 -59.44
C LEU C 190 -16.91 5.36 -58.85
N PRO C 191 -17.74 6.36 -58.58
CA PRO C 191 -17.21 7.66 -58.15
C PRO C 191 -16.89 7.76 -56.67
N TYR C 192 -17.18 6.76 -55.86
CA TYR C 192 -17.13 6.89 -54.43
C TYR C 192 -15.71 6.78 -53.89
N SER C 193 -15.50 7.38 -52.72
CA SER C 193 -14.21 7.27 -52.06
C SER C 193 -14.05 5.90 -51.40
N ASN C 194 -12.79 5.49 -51.23
CA ASN C 194 -12.45 4.25 -50.51
C ASN C 194 -13.17 3.03 -51.08
N ILE C 195 -13.10 2.90 -52.40
CA ILE C 195 -13.63 1.76 -53.13
C ILE C 195 -12.45 0.99 -53.70
N MET C 196 -12.54 -0.35 -53.67
CA MET C 196 -11.61 -1.21 -54.39
C MET C 196 -12.42 -2.19 -55.23
N TYR C 197 -11.75 -2.79 -56.19
CA TYR C 197 -12.39 -3.76 -57.10
C TYR C 197 -11.76 -5.13 -56.91
N ALA C 198 -12.60 -6.15 -56.92
CA ALA C 198 -12.14 -7.51 -56.63
C ALA C 198 -11.56 -8.18 -57.85
N LEU C 199 -10.48 -8.93 -57.62
N LEU C 199 -10.49 -8.94 -57.63
CA LEU C 199 -9.91 -9.82 -58.61
CA LEU C 199 -9.89 -9.82 -58.63
C LEU C 199 -9.75 -11.19 -57.98
C LEU C 199 -9.75 -11.18 -57.98
N HIS C 200 -10.28 -12.21 -58.64
CA HIS C 200 -10.17 -13.59 -58.17
C HIS C 200 -9.44 -14.43 -59.20
N PHE C 201 -8.44 -15.18 -58.75
CA PHE C 201 -7.68 -16.04 -59.64
C PHE C 201 -7.47 -17.40 -58.99
N TYR C 202 -7.25 -18.41 -59.82
CA TYR C 202 -6.94 -19.77 -59.37
C TYR C 202 -5.72 -20.22 -60.17
N ALA C 203 -4.66 -20.59 -59.46
CA ALA C 203 -3.35 -20.77 -60.07
C ALA C 203 -3.29 -21.86 -61.12
N GLY C 204 -4.20 -22.84 -61.07
CA GLY C 204 -4.23 -23.87 -62.10
C GLY C 204 -4.93 -23.48 -63.37
N THR C 205 -5.51 -22.27 -63.41
CA THR C 205 -6.28 -21.80 -64.54
C THR C 205 -5.80 -20.46 -65.05
N HIS C 206 -5.44 -19.53 -64.16
CA HIS C 206 -5.11 -18.17 -64.55
C HIS C 206 -3.63 -17.89 -64.32
N GLY C 207 -3.04 -17.14 -65.25
CA GLY C 207 -1.62 -16.85 -65.21
C GLY C 207 -1.30 -15.48 -65.78
N GLN C 208 -0.33 -15.42 -66.70
CA GLN C 208 0.26 -14.14 -67.07
C GLN C 208 -0.74 -13.20 -67.72
N SER C 209 -1.67 -13.71 -68.53
CA SER C 209 -2.61 -12.81 -69.19
C SER C 209 -3.47 -12.07 -68.16
N LEU C 210 -3.84 -12.74 -67.06
CA LEU C 210 -4.64 -12.06 -66.04
C LEU C 210 -3.79 -11.05 -65.27
N ARG C 211 -2.52 -11.39 -65.00
CA ARG C 211 -1.64 -10.40 -64.37
C ARG C 211 -1.51 -9.16 -65.24
N ASP C 212 -1.40 -9.36 -66.57
CA ASP C 212 -1.31 -8.22 -67.48
C ASP C 212 -2.57 -7.36 -67.42
N LYS C 213 -3.76 -8.01 -67.38
N LYS C 213 -3.74 -7.99 -67.37
CA LYS C 213 -5.01 -7.28 -67.24
CA LYS C 213 -4.99 -7.24 -67.25
C LYS C 213 -5.03 -6.47 -65.95
C LYS C 213 -5.05 -6.48 -65.94
N ILE C 214 -4.50 -7.04 -64.86
CA ILE C 214 -4.45 -6.32 -63.60
C ILE C 214 -3.58 -5.08 -63.74
N ASP C 215 -2.40 -5.24 -64.34
CA ASP C 215 -1.52 -4.08 -64.54
C ASP C 215 -2.22 -3.00 -65.36
N TYR C 216 -3.02 -3.38 -66.36
CA TYR C 216 -3.76 -2.38 -67.10
C TYR C 216 -4.71 -1.62 -66.18
N ALA C 217 -5.47 -2.34 -65.36
CA ALA C 217 -6.41 -1.67 -64.46
C ALA C 217 -5.67 -0.74 -63.50
N LEU C 218 -4.56 -1.19 -62.93
CA LEU C 218 -3.81 -0.34 -62.01
C LEU C 218 -3.31 0.92 -62.70
N SER C 219 -2.95 0.82 -63.98
CA SER C 219 -2.50 1.99 -64.73
C SER C 219 -3.58 3.05 -64.85
N LYS C 220 -4.84 2.69 -64.66
CA LYS C 220 -5.94 3.66 -64.73
C LYS C 220 -6.31 4.22 -63.36
N GLY C 221 -5.58 3.88 -62.32
CA GLY C 221 -5.74 4.50 -61.03
C GLY C 221 -6.78 3.88 -60.11
N VAL C 222 -7.30 2.73 -60.44
CA VAL C 222 -8.22 2.02 -59.56
C VAL C 222 -7.44 1.07 -58.67
N ALA C 223 -8.01 0.77 -57.51
CA ALA C 223 -7.42 -0.12 -56.52
C ALA C 223 -8.00 -1.52 -56.63
N ILE C 224 -7.13 -2.52 -56.50
CA ILE C 224 -7.49 -3.93 -56.67
C ILE C 224 -7.19 -4.68 -55.39
N PHE C 225 -8.14 -5.51 -54.93
CA PHE C 225 -7.96 -6.38 -53.77
C PHE C 225 -8.30 -7.79 -54.22
N VAL C 226 -7.36 -8.71 -54.07
CA VAL C 226 -7.61 -10.12 -54.39
C VAL C 226 -8.32 -10.74 -53.21
N THR C 227 -9.65 -10.56 -53.13
CA THR C 227 -10.36 -11.06 -51.96
C THR C 227 -10.47 -12.57 -51.96
N GLU C 228 -10.18 -13.24 -53.08
CA GLU C 228 -10.23 -14.69 -53.12
C GLU C 228 -9.27 -15.22 -54.18
N TRP C 229 -8.38 -16.12 -53.78
CA TRP C 229 -7.58 -16.85 -54.77
C TRP C 229 -7.32 -18.25 -54.25
N GLY C 230 -7.10 -19.18 -55.18
CA GLY C 230 -6.79 -20.54 -54.84
C GLY C 230 -5.54 -21.05 -55.53
N THR C 231 -4.91 -22.01 -54.86
CA THR C 231 -3.78 -22.73 -55.43
C THR C 231 -4.22 -23.82 -56.42
N SER C 232 -5.50 -24.15 -56.46
CA SER C 232 -6.06 -25.14 -57.36
C SER C 232 -6.35 -24.52 -58.72
N ASP C 233 -6.96 -25.31 -59.61
CA ASP C 233 -7.62 -24.76 -60.79
C ASP C 233 -8.93 -24.09 -60.37
N ALA C 234 -9.59 -23.46 -61.33
CA ALA C 234 -10.78 -22.68 -61.00
C ALA C 234 -11.87 -23.52 -60.38
N SER C 235 -11.95 -24.81 -60.74
CA SER C 235 -13.00 -25.67 -60.21
CA SER C 235 -12.99 -25.69 -60.23
C SER C 235 -12.72 -26.18 -58.81
N GLY C 236 -11.50 -25.99 -58.31
CA GLY C 236 -11.11 -26.48 -57.00
C GLY C 236 -10.38 -27.80 -57.00
N ASN C 237 -9.81 -28.21 -58.13
N ASN C 237 -9.80 -28.19 -58.12
CA ASN C 237 -9.14 -29.50 -58.24
CA ASN C 237 -9.15 -29.48 -58.26
C ASN C 237 -7.74 -29.30 -58.80
C ASN C 237 -7.74 -29.29 -58.80
N GLY C 238 -6.97 -30.38 -58.79
CA GLY C 238 -5.66 -30.39 -59.39
C GLY C 238 -4.59 -29.78 -58.49
N GLY C 239 -3.34 -30.08 -58.81
CA GLY C 239 -2.24 -29.52 -58.08
C GLY C 239 -2.21 -29.97 -56.63
N PRO C 240 -2.06 -29.02 -55.69
CA PRO C 240 -1.97 -27.57 -55.90
C PRO C 240 -0.82 -27.11 -56.78
N PHE C 241 -1.06 -26.00 -57.48
CA PHE C 241 -0.14 -25.46 -58.47
C PHE C 241 0.74 -24.44 -57.79
N LEU C 242 1.77 -24.93 -57.10
CA LEU C 242 2.54 -24.08 -56.21
C LEU C 242 3.51 -23.17 -56.96
N ASN C 243 4.10 -23.64 -58.06
CA ASN C 243 4.98 -22.76 -58.83
CA ASN C 243 4.98 -22.76 -58.84
C ASN C 243 4.21 -21.55 -59.35
N GLU C 244 3.04 -21.77 -59.95
CA GLU C 244 2.26 -20.65 -60.45
C GLU C 244 1.73 -19.81 -59.29
N SER C 245 1.36 -20.46 -58.19
CA SER C 245 0.90 -19.71 -57.02
C SER C 245 1.98 -18.75 -56.54
N GLN C 246 3.25 -19.20 -56.54
CA GLN C 246 4.34 -18.33 -56.12
C GLN C 246 4.50 -17.14 -57.06
N LYS C 247 4.34 -17.37 -58.37
CA LYS C 247 4.42 -16.25 -59.30
C LYS C 247 3.34 -15.21 -58.98
N TRP C 248 2.14 -15.67 -58.64
CA TRP C 248 1.08 -14.76 -58.28
C TRP C 248 1.38 -14.03 -56.97
N ILE C 249 1.86 -14.75 -55.96
CA ILE C 249 2.18 -14.11 -54.69
C ILE C 249 3.26 -13.05 -54.87
N ASP C 250 4.28 -13.36 -55.67
CA ASP C 250 5.34 -12.39 -55.93
C ASP C 250 4.80 -11.19 -56.69
N PHE C 251 3.88 -11.43 -57.62
CA PHE C 251 3.23 -10.34 -58.35
C PHE C 251 2.45 -9.46 -57.40
N MET C 252 1.66 -10.06 -56.51
CA MET C 252 0.87 -9.26 -55.57
C MET C 252 1.77 -8.49 -54.62
N ASN C 253 2.88 -9.08 -54.18
CA ASN C 253 3.80 -8.34 -53.32
C ASN C 253 4.38 -7.15 -54.05
N SER C 254 4.81 -7.35 -55.30
CA SER C 254 5.41 -6.28 -56.08
C SER C 254 4.44 -5.13 -56.29
N ARG C 255 3.15 -5.44 -56.48
CA ARG C 255 2.14 -4.43 -56.78
C ARG C 255 1.38 -3.95 -55.54
N ASN C 256 1.78 -4.39 -54.34
CA ASN C 256 1.10 -4.01 -53.10
C ASN C 256 -0.39 -4.37 -53.15
N ILE C 257 -0.69 -5.54 -53.68
CA ILE C 257 -2.06 -6.03 -53.76
C ILE C 257 -2.33 -6.95 -52.57
N SER C 258 -3.37 -6.60 -51.79
CA SER C 258 -3.78 -7.40 -50.65
C SER C 258 -4.52 -8.65 -51.12
N TRP C 259 -4.55 -9.67 -50.25
CA TRP C 259 -5.16 -10.91 -50.66
C TRP C 259 -5.64 -11.79 -49.52
N ALA C 260 -6.64 -12.62 -49.84
CA ALA C 260 -7.14 -13.66 -48.95
C ALA C 260 -7.21 -14.96 -49.74
N ASN C 261 -6.66 -16.03 -49.17
CA ASN C 261 -6.64 -17.35 -49.80
C ASN C 261 -7.87 -18.17 -49.44
N TRP C 262 -8.42 -18.86 -50.46
CA TRP C 262 -9.52 -19.81 -50.30
C TRP C 262 -8.96 -21.22 -50.20
N SER C 263 -9.29 -21.96 -49.13
CA SER C 263 -10.19 -21.61 -48.06
C SER C 263 -9.74 -22.25 -46.74
N LEU C 264 -10.20 -21.71 -45.62
CA LEU C 264 -9.97 -22.32 -44.31
C LEU C 264 -11.08 -23.32 -44.05
N SER C 265 -10.89 -24.54 -44.57
CA SER C 265 -11.87 -25.59 -44.41
C SER C 265 -11.17 -26.92 -44.67
N ASP C 266 -11.90 -28.01 -44.39
CA ASP C 266 -11.45 -29.37 -44.68
C ASP C 266 -12.23 -30.00 -45.83
N LYS C 267 -12.79 -29.18 -46.71
CA LYS C 267 -13.48 -29.70 -47.87
C LYS C 267 -12.51 -30.47 -48.77
N SER C 268 -13.06 -31.43 -49.52
CA SER C 268 -12.28 -32.22 -50.47
CA SER C 268 -12.25 -32.20 -50.47
C SER C 268 -12.13 -31.42 -51.78
N GLU C 269 -11.45 -30.30 -51.68
CA GLU C 269 -11.00 -29.50 -52.80
C GLU C 269 -9.52 -29.27 -52.55
N THR C 270 -8.70 -29.21 -53.61
CA THR C 270 -7.27 -29.08 -53.37
C THR C 270 -6.90 -27.71 -52.86
N SER C 271 -7.80 -26.72 -52.98
CA SER C 271 -7.58 -25.40 -52.41
C SER C 271 -7.82 -25.37 -50.92
N ALA C 272 -8.50 -26.38 -50.36
CA ALA C 272 -8.80 -26.35 -48.93
C ALA C 272 -7.49 -26.43 -48.14
N ALA C 273 -7.36 -25.59 -47.10
CA ALA C 273 -6.12 -25.54 -46.35
C ALA C 273 -6.00 -26.63 -45.30
N LEU C 274 -7.10 -27.23 -44.87
CA LEU C 274 -7.05 -28.16 -43.76
C LEU C 274 -7.44 -29.56 -44.21
N MET C 275 -6.97 -30.56 -43.47
CA MET C 275 -7.31 -31.94 -43.68
CA MET C 275 -7.32 -31.94 -43.68
C MET C 275 -8.46 -32.35 -42.76
N PRO C 276 -9.25 -33.34 -43.13
CA PRO C 276 -10.30 -33.81 -42.21
C PRO C 276 -9.71 -34.16 -40.85
N GLY C 277 -10.40 -33.74 -39.79
CA GLY C 277 -9.94 -33.93 -38.44
C GLY C 277 -9.28 -32.71 -37.82
N ALA C 278 -8.95 -31.69 -38.63
CA ALA C 278 -8.37 -30.48 -38.09
C ALA C 278 -9.33 -29.81 -37.11
N SER C 279 -8.81 -29.41 -35.96
CA SER C 279 -9.67 -28.85 -34.93
C SER C 279 -10.37 -27.60 -35.44
N PRO C 280 -11.68 -27.45 -35.22
CA PRO C 280 -12.32 -26.18 -35.58
C PRO C 280 -11.80 -24.98 -34.82
N THR C 281 -11.09 -25.17 -33.70
CA THR C 281 -10.64 -24.05 -32.87
C THR C 281 -9.14 -23.80 -32.97
N GLY C 282 -8.49 -24.33 -34.00
CA GLY C 282 -7.09 -24.05 -34.23
C GLY C 282 -6.15 -24.96 -33.48
N GLY C 283 -4.91 -24.46 -33.31
CA GLY C 283 -3.87 -25.25 -32.70
C GLY C 283 -3.40 -26.40 -33.57
N TRP C 284 -3.51 -26.24 -34.89
CA TRP C 284 -3.22 -27.33 -35.82
C TRP C 284 -1.75 -27.71 -35.75
N THR C 285 -1.50 -29.00 -35.96
CA THR C 285 -0.17 -29.51 -36.24
C THR C 285 -0.01 -29.69 -37.74
N ASP C 286 1.22 -30.01 -38.17
CA ASP C 286 1.53 -29.95 -39.60
C ASP C 286 0.62 -30.88 -40.40
N SER C 287 0.36 -32.09 -39.91
CA SER C 287 -0.46 -33.02 -40.69
C SER C 287 -1.94 -32.64 -40.75
N ASN C 288 -2.38 -31.65 -39.95
CA ASN C 288 -3.71 -31.10 -40.08
C ASN C 288 -3.85 -30.20 -41.29
N LEU C 289 -2.74 -29.77 -41.90
CA LEU C 289 -2.76 -28.90 -43.06
C LEU C 289 -2.59 -29.70 -44.34
N SER C 290 -3.37 -29.34 -45.36
CA SER C 290 -3.17 -29.90 -46.69
C SER C 290 -1.89 -29.34 -47.30
N ALA C 291 -1.49 -29.88 -48.45
CA ALA C 291 -0.37 -29.30 -49.17
C ALA C 291 -0.58 -27.81 -49.44
N SER C 292 -1.79 -27.43 -49.84
CA SER C 292 -2.07 -26.00 -50.05
C SER C 292 -1.94 -25.22 -48.75
N GLY C 293 -2.51 -25.73 -47.65
CA GLY C 293 -2.43 -25.03 -46.39
C GLY C 293 -1.01 -24.85 -45.89
N LYS C 294 -0.20 -25.90 -46.00
CA LYS C 294 1.20 -25.77 -45.59
C LYS C 294 1.89 -24.64 -46.35
N PHE C 295 1.67 -24.60 -47.66
CA PHE C 295 2.29 -23.57 -48.51
C PHE C 295 1.79 -22.19 -48.15
N VAL C 296 0.47 -22.00 -48.04
CA VAL C 296 -0.07 -20.67 -47.76
C VAL C 296 0.39 -20.18 -46.40
N ARG C 297 0.37 -21.05 -45.39
CA ARG C 297 0.88 -20.67 -44.07
C ARG C 297 2.32 -20.19 -44.16
N GLU C 298 3.18 -20.96 -44.83
N GLU C 298 3.18 -20.96 -44.83
CA GLU C 298 4.58 -20.56 -45.00
CA GLU C 298 4.57 -20.55 -45.00
C GLU C 298 4.68 -19.18 -45.66
C GLU C 298 4.66 -19.17 -45.65
N GLN C 299 3.84 -18.93 -46.67
CA GLN C 299 3.95 -17.67 -47.40
C GLN C 299 3.48 -16.48 -46.57
N ILE C 300 2.44 -16.67 -45.75
CA ILE C 300 1.98 -15.54 -44.93
C ILE C 300 2.98 -15.27 -43.82
N ARG C 301 3.63 -16.32 -43.29
CA ARG C 301 4.62 -16.12 -42.24
C ARG C 301 5.84 -15.32 -42.73
N ARG C 302 6.11 -15.30 -44.04
N ARG C 302 6.08 -15.29 -44.04
CA ARG C 302 7.22 -14.51 -44.56
CA ARG C 302 7.17 -14.48 -44.58
C ARG C 302 6.89 -13.02 -44.49
C ARG C 302 6.85 -13.00 -44.41
N SER C 303 7.87 -12.22 -44.07
CA SER C 303 7.69 -10.77 -43.97
C SER C 303 9.01 -10.05 -43.73
N HIS D 1 -37.16 -35.87 -41.54
CA HIS D 1 -36.37 -34.96 -40.64
C HIS D 1 -37.16 -34.68 -39.37
N HIS D 2 -36.44 -34.36 -38.30
CA HIS D 2 -37.05 -34.04 -37.02
C HIS D 2 -36.04 -33.25 -36.19
N GLY D 3 -36.54 -32.54 -35.19
CA GLY D 3 -35.63 -31.88 -34.27
C GLY D 3 -34.97 -32.92 -33.38
N SER D 4 -33.64 -32.88 -33.30
CA SER D 4 -32.95 -33.84 -32.45
C SER D 4 -33.14 -33.51 -30.98
N THR D 5 -33.01 -34.53 -30.15
CA THR D 5 -33.00 -34.32 -28.71
C THR D 5 -31.62 -34.63 -28.13
N PRO D 6 -31.34 -34.13 -26.93
CA PRO D 6 -30.01 -34.39 -26.33
C PRO D 6 -29.69 -35.86 -26.16
N VAL D 7 -30.67 -36.66 -25.73
CA VAL D 7 -30.40 -38.08 -25.48
C VAL D 7 -30.30 -38.84 -26.78
N GLU D 8 -31.10 -38.48 -27.79
CA GLU D 8 -30.91 -39.04 -29.12
C GLU D 8 -29.48 -38.80 -29.60
N THR D 9 -28.95 -37.61 -29.32
CA THR D 9 -27.64 -37.22 -29.83
C THR D 9 -26.50 -37.86 -29.05
N HIS D 10 -26.63 -37.95 -27.72
CA HIS D 10 -25.52 -38.36 -26.88
C HIS D 10 -25.68 -39.69 -26.16
N GLY D 11 -26.88 -40.22 -26.04
CA GLY D 11 -27.03 -41.55 -25.48
C GLY D 11 -26.50 -41.74 -24.07
N GLN D 12 -25.97 -42.93 -23.83
CA GLN D 12 -25.47 -43.32 -22.53
C GLN D 12 -24.20 -42.54 -22.22
N LEU D 13 -24.20 -41.83 -21.11
CA LEU D 13 -23.04 -41.06 -20.71
C LEU D 13 -22.13 -41.90 -19.85
N SER D 14 -20.86 -41.54 -19.83
CA SER D 14 -19.88 -42.18 -18.97
C SER D 14 -18.79 -41.18 -18.59
N VAL D 15 -17.92 -41.61 -17.67
CA VAL D 15 -16.77 -40.85 -17.25
C VAL D 15 -15.53 -41.54 -17.77
N LYS D 16 -14.75 -40.83 -18.60
N LYS D 16 -14.76 -40.83 -18.59
CA LYS D 16 -13.53 -41.38 -19.17
CA LYS D 16 -13.53 -41.38 -19.16
C LYS D 16 -12.44 -40.32 -19.06
C LYS D 16 -12.44 -40.33 -19.04
N GLY D 17 -11.30 -40.71 -18.48
CA GLY D 17 -10.22 -39.77 -18.29
C GLY D 17 -10.60 -38.56 -17.48
N GLY D 18 -11.49 -38.72 -16.51
CA GLY D 18 -11.89 -37.62 -15.67
C GLY D 18 -12.87 -36.66 -16.32
N GLN D 19 -13.46 -37.04 -17.46
N GLN D 19 -13.49 -37.05 -17.43
CA GLN D 19 -14.32 -36.16 -18.24
CA GLN D 19 -14.31 -36.17 -18.25
C GLN D 19 -15.64 -36.87 -18.50
C GLN D 19 -15.63 -36.86 -18.55
N LEU D 20 -16.73 -36.09 -18.49
CA LEU D 20 -18.01 -36.60 -18.97
C LEU D 20 -17.96 -36.76 -20.49
N VAL D 21 -18.26 -37.97 -20.97
CA VAL D 21 -18.31 -38.26 -22.40
C VAL D 21 -19.63 -38.94 -22.75
N ASP D 22 -19.97 -38.87 -24.04
CA ASP D 22 -21.22 -39.45 -24.52
C ASP D 22 -20.97 -40.87 -25.03
N GLU D 23 -22.00 -41.47 -25.61
CA GLU D 23 -21.92 -42.87 -26.03
C GLU D 23 -21.01 -43.04 -27.23
N ASN D 24 -20.70 -41.95 -27.94
CA ASN D 24 -19.69 -41.97 -28.98
C ASN D 24 -18.28 -41.73 -28.45
N GLY D 25 -18.13 -41.55 -27.13
CA GLY D 25 -16.84 -41.31 -26.53
C GLY D 25 -16.34 -39.90 -26.65
N LYS D 26 -17.19 -38.95 -27.05
CA LYS D 26 -16.80 -37.57 -27.23
C LYS D 26 -17.16 -36.75 -26.00
N PRO D 27 -16.30 -35.83 -25.58
CA PRO D 27 -16.66 -34.96 -24.44
C PRO D 27 -18.01 -34.32 -24.71
N VAL D 28 -18.81 -34.20 -23.67
CA VAL D 28 -20.13 -33.57 -23.78
C VAL D 28 -20.33 -32.73 -22.54
N GLN D 29 -20.95 -31.56 -22.72
CA GLN D 29 -21.28 -30.68 -21.61
C GLN D 29 -22.79 -30.55 -21.50
N LEU D 30 -23.33 -30.87 -20.34
CA LEU D 30 -24.74 -30.63 -20.05
C LEU D 30 -24.87 -29.25 -19.40
N ARG D 31 -25.90 -28.53 -19.79
CA ARG D 31 -26.23 -27.24 -19.20
C ARG D 31 -27.73 -27.17 -19.02
N GLY D 32 -28.20 -26.86 -17.82
CA GLY D 32 -29.62 -26.84 -17.57
C GLY D 32 -29.97 -26.14 -16.29
N MET D 33 -31.15 -26.51 -15.79
CA MET D 33 -31.74 -25.88 -14.62
C MET D 33 -32.03 -26.91 -13.55
N SER D 34 -31.95 -26.45 -12.30
CA SER D 34 -32.43 -27.20 -11.16
C SER D 34 -33.77 -26.62 -10.72
N SER D 35 -34.70 -27.49 -10.35
CA SER D 35 -35.86 -27.06 -9.60
C SER D 35 -35.40 -26.52 -8.25
N HIS D 36 -36.30 -25.80 -7.58
CA HIS D 36 -36.18 -25.55 -6.15
C HIS D 36 -36.77 -26.80 -5.47
N GLY D 37 -36.96 -26.73 -4.16
CA GLY D 37 -37.45 -27.90 -3.44
C GLY D 37 -38.80 -28.34 -3.95
N LEU D 38 -38.93 -29.64 -4.22
CA LEU D 38 -40.16 -30.16 -4.81
C LEU D 38 -41.37 -30.03 -3.89
N GLN D 39 -41.14 -29.94 -2.57
CA GLN D 39 -42.23 -29.78 -1.61
C GLN D 39 -42.75 -28.35 -1.54
N TRP D 40 -42.04 -27.41 -2.15
CA TRP D 40 -42.41 -26.00 -2.17
C TRP D 40 -42.71 -25.47 -3.56
N PHE D 41 -41.97 -25.94 -4.59
CA PHE D 41 -42.06 -25.39 -5.94
C PHE D 41 -42.20 -26.50 -6.98
N GLY D 42 -42.77 -27.62 -6.56
CA GLY D 42 -42.96 -28.74 -7.45
C GLY D 42 -43.91 -28.48 -8.60
N ASP D 43 -44.80 -27.49 -8.47
CA ASP D 43 -45.71 -27.20 -9.57
CA ASP D 43 -45.72 -27.18 -9.57
C ASP D 43 -44.98 -26.73 -10.82
N PHE D 44 -43.78 -26.18 -10.68
CA PHE D 44 -43.00 -25.75 -11.82
C PHE D 44 -42.29 -26.90 -12.53
N VAL D 45 -42.44 -28.14 -12.03
CA VAL D 45 -41.77 -29.30 -12.58
C VAL D 45 -42.83 -30.18 -13.22
N ASN D 46 -42.83 -30.25 -14.54
CA ASN D 46 -43.84 -31.00 -15.27
C ASN D 46 -43.38 -31.06 -16.72
N LYS D 47 -44.06 -31.89 -17.51
CA LYS D 47 -43.63 -32.08 -18.89
CA LYS D 47 -43.66 -32.09 -18.90
C LYS D 47 -43.73 -30.80 -19.71
N ASP D 48 -44.69 -29.92 -19.40
CA ASP D 48 -44.83 -28.70 -20.18
C ASP D 48 -43.69 -27.72 -19.90
N SER D 49 -43.37 -27.47 -18.63
CA SER D 49 -42.26 -26.57 -18.32
C SER D 49 -40.93 -27.16 -18.80
N MET D 50 -40.78 -28.48 -18.70
CA MET D 50 -39.52 -29.09 -19.14
C MET D 50 -39.36 -29.00 -20.65
N LYS D 51 -40.45 -29.20 -21.39
CA LYS D 51 -40.37 -29.10 -22.84
C LYS D 51 -40.09 -27.67 -23.24
N TRP D 52 -40.71 -26.72 -22.54
CA TRP D 52 -40.44 -25.32 -22.83
C TRP D 52 -38.98 -24.98 -22.57
N LEU D 53 -38.42 -25.49 -21.47
CA LEU D 53 -37.01 -25.25 -21.21
C LEU D 53 -36.14 -25.87 -22.29
N ARG D 54 -36.47 -27.08 -22.74
CA ARG D 54 -35.68 -27.73 -23.76
C ARG D 54 -35.68 -26.90 -25.04
N ASP D 55 -36.85 -26.41 -25.43
CA ASP D 55 -37.02 -25.81 -26.75
C ASP D 55 -36.70 -24.32 -26.78
N ASP D 56 -37.08 -23.59 -25.72
CA ASP D 56 -36.89 -22.15 -25.71
C ASP D 56 -35.60 -21.74 -25.00
N TRP D 57 -35.17 -22.49 -23.99
CA TRP D 57 -33.91 -22.19 -23.33
C TRP D 57 -32.74 -23.01 -23.86
N GLY D 58 -33.02 -24.14 -24.50
CA GLY D 58 -31.96 -25.00 -24.96
C GLY D 58 -31.32 -25.90 -23.91
N ILE D 59 -32.00 -26.15 -22.80
CA ILE D 59 -31.40 -26.97 -21.76
C ILE D 59 -31.32 -28.42 -22.25
N ASN D 60 -30.35 -29.18 -21.73
CA ASN D 60 -30.29 -30.61 -22.01
C ASN D 60 -30.29 -31.46 -20.75
N VAL D 61 -30.39 -30.84 -19.57
CA VAL D 61 -30.45 -31.56 -18.30
C VAL D 61 -31.35 -30.77 -17.37
N PHE D 62 -32.14 -31.50 -16.60
CA PHE D 62 -33.02 -30.91 -15.61
C PHE D 62 -32.83 -31.66 -14.30
N ARG D 63 -32.56 -30.92 -13.22
CA ARG D 63 -32.32 -31.49 -11.90
C ARG D 63 -33.55 -31.31 -11.01
N VAL D 64 -33.99 -32.39 -10.37
CA VAL D 64 -35.11 -32.31 -9.43
C VAL D 64 -34.58 -32.41 -8.01
N ALA D 65 -34.78 -31.34 -7.24
CA ALA D 65 -34.24 -31.21 -5.89
C ALA D 65 -35.25 -31.75 -4.89
N MET D 66 -35.16 -33.04 -4.62
CA MET D 66 -36.06 -33.69 -3.68
C MET D 66 -35.45 -33.56 -2.28
N TYR D 67 -35.86 -32.50 -1.58
CA TYR D 67 -35.44 -32.34 -0.20
C TYR D 67 -35.86 -33.58 0.59
N THR D 68 -35.00 -33.98 1.51
CA THR D 68 -35.26 -35.00 2.51
C THR D 68 -35.98 -34.42 3.72
N ALA D 69 -35.43 -33.36 4.27
CA ALA D 69 -35.98 -32.70 5.45
C ALA D 69 -36.92 -31.57 5.02
N GLU D 70 -37.38 -30.79 6.00
CA GLU D 70 -38.18 -29.59 5.74
C GLU D 70 -39.46 -29.89 4.96
N GLY D 71 -40.19 -30.91 5.41
CA GLY D 71 -41.40 -31.29 4.74
C GLY D 71 -41.18 -32.03 3.45
N GLY D 72 -39.98 -32.50 3.23
CA GLY D 72 -39.62 -33.27 2.06
C GLY D 72 -39.94 -34.75 2.19
N TYR D 73 -39.13 -35.55 1.51
CA TYR D 73 -39.44 -36.97 1.32
C TYR D 73 -39.56 -37.73 2.63
N ILE D 74 -38.76 -37.39 3.64
CA ILE D 74 -38.74 -38.22 4.85
C ILE D 74 -40.10 -38.14 5.55
N THR D 75 -40.64 -36.94 5.69
CA THR D 75 -41.92 -36.82 6.36
C THR D 75 -43.11 -36.91 5.42
N ASN D 76 -42.92 -36.60 4.13
CA ASN D 76 -44.00 -36.57 3.15
C ASN D 76 -43.49 -37.26 1.89
N PRO D 77 -43.47 -38.60 1.89
CA PRO D 77 -42.88 -39.32 0.74
C PRO D 77 -43.67 -39.20 -0.55
N SER D 78 -44.84 -38.55 -0.55
CA SER D 78 -45.60 -38.39 -1.79
C SER D 78 -44.82 -37.58 -2.83
N VAL D 79 -43.82 -36.80 -2.41
CA VAL D 79 -43.01 -36.06 -3.36
C VAL D 79 -42.27 -36.97 -4.31
N LYS D 80 -42.12 -38.25 -3.98
CA LYS D 80 -41.53 -39.19 -4.93
C LYS D 80 -42.34 -39.24 -6.23
N ASN D 81 -43.65 -38.99 -6.16
CA ASN D 81 -44.45 -38.99 -7.38
C ASN D 81 -44.00 -37.88 -8.31
N LYS D 82 -43.57 -36.73 -7.76
CA LYS D 82 -43.08 -35.65 -8.59
C LYS D 82 -41.75 -36.01 -9.24
N VAL D 83 -40.87 -36.69 -8.51
CA VAL D 83 -39.63 -37.19 -9.12
C VAL D 83 -39.96 -38.10 -10.29
N LYS D 84 -40.85 -39.07 -10.07
CA LYS D 84 -41.25 -39.97 -11.15
C LYS D 84 -41.85 -39.21 -12.34
N GLU D 85 -42.71 -38.24 -12.07
CA GLU D 85 -43.26 -37.42 -13.14
C GLU D 85 -42.14 -36.77 -13.96
N ALA D 86 -41.15 -36.20 -13.28
CA ALA D 86 -40.07 -35.51 -13.99
C ALA D 86 -39.19 -36.48 -14.77
N VAL D 87 -38.85 -37.62 -14.18
CA VAL D 87 -38.02 -38.59 -14.88
C VAL D 87 -38.72 -39.07 -16.14
N GLU D 88 -40.01 -39.39 -16.02
CA GLU D 88 -40.78 -39.87 -17.18
C GLU D 88 -40.91 -38.79 -18.25
N ALA D 89 -41.08 -37.54 -17.84
CA ALA D 89 -41.10 -36.45 -18.81
C ALA D 89 -39.76 -36.31 -19.52
N ALA D 90 -38.65 -36.44 -18.77
CA ALA D 90 -37.33 -36.36 -19.39
C ALA D 90 -37.13 -37.48 -20.41
N ILE D 91 -37.59 -38.68 -20.08
CA ILE D 91 -37.51 -39.80 -21.02
C ILE D 91 -38.31 -39.47 -22.29
N ASP D 92 -39.53 -38.95 -22.11
CA ASP D 92 -40.36 -38.61 -23.26
C ASP D 92 -39.74 -37.51 -24.12
N LEU D 93 -39.02 -36.58 -23.49
CA LEU D 93 -38.47 -35.41 -24.16
C LEU D 93 -37.03 -35.58 -24.59
N GLY D 94 -36.42 -36.74 -24.33
CA GLY D 94 -35.03 -36.94 -24.69
C GLY D 94 -34.07 -36.05 -23.93
N MET D 95 -34.35 -35.78 -22.66
CA MET D 95 -33.51 -34.94 -21.82
C MET D 95 -32.84 -35.76 -20.73
N TYR D 96 -31.68 -35.31 -20.28
CA TYR D 96 -31.08 -35.89 -19.08
C TYR D 96 -31.76 -35.33 -17.84
N VAL D 97 -31.78 -36.14 -16.79
CA VAL D 97 -32.49 -35.79 -15.55
C VAL D 97 -31.63 -36.22 -14.37
N ILE D 98 -31.41 -35.30 -13.44
CA ILE D 98 -30.65 -35.57 -12.22
C ILE D 98 -31.63 -35.74 -11.08
N ILE D 99 -31.61 -36.92 -10.46
CA ILE D 99 -32.42 -37.21 -9.27
C ILE D 99 -31.57 -36.85 -8.05
N ASP D 100 -31.91 -35.75 -7.38
CA ASP D 100 -31.09 -35.16 -6.32
C ASP D 100 -31.72 -35.42 -4.96
N TRP D 101 -31.04 -36.26 -4.17
CA TRP D 101 -31.36 -36.48 -2.75
C TRP D 101 -30.83 -35.26 -2.00
N HIS D 102 -31.72 -34.30 -1.76
CA HIS D 102 -31.29 -32.93 -1.48
C HIS D 102 -31.21 -32.70 0.01
N ILE D 103 -30.14 -33.24 0.61
CA ILE D 103 -29.83 -32.94 2.00
C ILE D 103 -29.31 -31.52 2.10
N LEU D 104 -29.57 -30.88 3.23
CA LEU D 104 -29.12 -29.51 3.47
C LEU D 104 -29.11 -29.22 4.97
N SER D 105 -30.28 -28.97 5.58
CA SER D 105 -30.35 -28.79 7.02
C SER D 105 -29.92 -30.06 7.74
N ASP D 106 -30.29 -31.22 7.17
CA ASP D 106 -29.76 -32.53 7.53
C ASP D 106 -28.39 -32.63 6.88
N ASN D 107 -27.38 -32.10 7.57
CA ASN D 107 -26.09 -31.86 6.95
C ASN D 107 -25.23 -33.10 6.81
N ASP D 108 -25.58 -34.22 7.46
CA ASP D 108 -24.86 -35.48 7.36
C ASP D 108 -25.68 -36.43 6.51
N PRO D 109 -25.17 -36.89 5.37
CA PRO D 109 -25.98 -37.84 4.57
C PRO D 109 -26.30 -39.14 5.30
N ASN D 110 -25.57 -39.49 6.36
CA ASN D 110 -25.85 -40.75 7.04
C ASN D 110 -27.16 -40.69 7.81
N THR D 111 -27.70 -39.51 8.09
CA THR D 111 -28.90 -39.39 8.91
C THR D 111 -30.04 -40.18 8.31
N TYR D 112 -30.20 -40.13 6.98
CA TYR D 112 -31.28 -40.84 6.30
C TYR D 112 -30.71 -41.87 5.31
N LYS D 113 -29.64 -42.56 5.72
CA LYS D 113 -28.96 -43.49 4.83
C LYS D 113 -29.86 -44.66 4.44
N GLU D 114 -30.61 -45.21 5.39
CA GLU D 114 -31.43 -46.37 5.02
C GLU D 114 -32.53 -45.96 4.04
N GLN D 115 -33.16 -44.81 4.26
CA GLN D 115 -34.18 -44.32 3.33
C GLN D 115 -33.56 -44.01 1.97
N ALA D 116 -32.34 -43.48 1.95
CA ALA D 116 -31.69 -43.15 0.69
C ALA D 116 -31.41 -44.40 -0.12
N LYS D 117 -30.93 -45.45 0.54
CA LYS D 117 -30.63 -46.70 -0.13
CA LYS D 117 -30.63 -46.69 -0.14
C LYS D 117 -31.88 -47.26 -0.78
N ALA D 118 -32.98 -47.31 -0.02
CA ALA D 118 -34.23 -47.85 -0.54
C ALA D 118 -34.78 -46.99 -1.69
N PHE D 119 -34.71 -45.67 -1.54
CA PHE D 119 -35.18 -44.77 -2.58
C PHE D 119 -34.39 -44.95 -3.87
N PHE D 120 -33.04 -44.94 -3.76
CA PHE D 120 -32.23 -45.09 -4.97
C PHE D 120 -32.34 -46.48 -5.57
N GLN D 121 -32.50 -47.52 -4.74
CA GLN D 121 -32.73 -48.84 -5.29
C GLN D 121 -33.99 -48.85 -6.13
N GLU D 122 -35.06 -48.24 -5.63
CA GLU D 122 -36.32 -48.19 -6.36
C GLU D 122 -36.16 -47.43 -7.67
N MET D 123 -35.53 -46.25 -7.62
CA MET D 123 -35.36 -45.47 -8.85
C MET D 123 -34.54 -46.23 -9.88
N ALA D 124 -33.46 -46.86 -9.45
CA ALA D 124 -32.59 -47.59 -10.37
C ALA D 124 -33.29 -48.81 -10.95
N ALA D 125 -34.09 -49.51 -10.13
CA ALA D 125 -34.83 -50.66 -10.65
C ALA D 125 -35.86 -50.23 -11.69
N LYS D 126 -36.50 -49.08 -11.49
CA LYS D 126 -37.55 -48.65 -12.41
C LYS D 126 -36.96 -47.99 -13.67
N TYR D 127 -35.94 -47.15 -13.50
CA TYR D 127 -35.48 -46.31 -14.60
C TYR D 127 -34.04 -46.56 -15.03
N GLY D 128 -33.35 -47.52 -14.42
CA GLY D 128 -31.92 -47.66 -14.62
C GLY D 128 -31.49 -48.02 -16.03
N ASN D 129 -32.38 -48.57 -16.85
CA ASN D 129 -32.03 -48.91 -18.22
CA ASN D 129 -32.01 -48.91 -18.21
C ASN D 129 -32.12 -47.72 -19.17
N TYR D 130 -32.61 -46.58 -18.70
CA TYR D 130 -32.67 -45.40 -19.55
C TYR D 130 -31.41 -44.56 -19.39
N PRO D 131 -30.80 -44.11 -20.51
CA PRO D 131 -29.56 -43.29 -20.39
C PRO D 131 -29.82 -41.91 -19.82
N ASN D 132 -31.09 -41.52 -19.73
CA ASN D 132 -31.42 -40.19 -19.27
C ASN D 132 -31.00 -39.93 -17.83
N VAL D 133 -30.95 -40.96 -17.02
CA VAL D 133 -30.96 -40.81 -15.56
C VAL D 133 -29.55 -40.61 -15.03
N ILE D 134 -29.41 -39.61 -14.17
CA ILE D 134 -28.19 -39.34 -13.39
C ILE D 134 -28.61 -39.27 -11.94
N TYR D 135 -27.85 -39.94 -11.05
CA TYR D 135 -28.17 -39.95 -9.62
C TYR D 135 -27.26 -39.00 -8.86
N GLU D 136 -27.85 -38.18 -8.00
CA GLU D 136 -27.08 -37.29 -7.14
C GLU D 136 -27.43 -37.64 -5.70
N ILE D 137 -26.52 -38.34 -5.02
CA ILE D 137 -26.90 -39.08 -3.81
C ILE D 137 -26.88 -38.26 -2.52
N CYS D 138 -26.27 -37.07 -2.51
CA CYS D 138 -26.30 -36.24 -1.30
C CYS D 138 -25.88 -34.81 -1.65
N ASN D 139 -26.88 -33.97 -1.92
CA ASN D 139 -26.68 -32.60 -2.38
C ASN D 139 -25.49 -31.89 -1.73
N GLU D 140 -25.62 -31.57 -0.43
CA GLU D 140 -24.64 -30.72 0.25
C GLU D 140 -24.34 -31.17 1.67
N PRO D 141 -23.47 -32.14 1.83
CA PRO D 141 -22.82 -32.32 3.15
C PRO D 141 -22.28 -30.99 3.61
N ASN D 142 -22.40 -30.68 4.89
CA ASN D 142 -21.92 -29.38 5.39
C ASN D 142 -21.74 -29.47 6.90
N GLY D 143 -21.24 -28.38 7.48
CA GLY D 143 -21.19 -28.25 8.93
C GLY D 143 -20.23 -29.18 9.64
N GLY D 144 -19.06 -29.43 9.06
CA GLY D 144 -18.06 -30.27 9.70
C GLY D 144 -18.12 -31.73 9.31
N VAL D 145 -19.08 -32.11 8.48
CA VAL D 145 -19.17 -33.47 7.93
C VAL D 145 -17.99 -33.68 7.00
N THR D 146 -17.28 -34.80 7.18
CA THR D 146 -16.04 -35.01 6.46
C THR D 146 -16.20 -36.03 5.35
N TRP D 147 -15.26 -35.95 4.42
CA TRP D 147 -15.21 -36.89 3.30
C TRP D 147 -14.87 -38.30 3.77
N SER D 148 -13.79 -38.47 4.52
CA SER D 148 -13.35 -39.82 4.83
C SER D 148 -14.29 -40.52 5.82
N ASN D 149 -14.85 -39.79 6.78
CA ASN D 149 -15.53 -40.45 7.88
C ASN D 149 -17.04 -40.41 7.79
N GLN D 150 -17.61 -39.56 6.94
CA GLN D 150 -19.06 -39.52 6.79
C GLN D 150 -19.50 -39.73 5.35
N ILE D 151 -18.95 -38.98 4.39
CA ILE D 151 -19.49 -39.03 3.03
C ILE D 151 -19.09 -40.34 2.34
N LYS D 152 -17.80 -40.70 2.37
CA LYS D 152 -17.38 -41.96 1.74
C LYS D 152 -18.14 -43.16 2.30
N PRO D 153 -18.27 -43.33 3.62
CA PRO D 153 -19.07 -44.47 4.13
C PRO D 153 -20.49 -44.47 3.59
N TYR D 154 -21.15 -43.32 3.53
CA TYR D 154 -22.48 -43.25 2.97
C TYR D 154 -22.48 -43.69 1.52
N ALA D 155 -21.55 -43.15 0.73
CA ALA D 155 -21.52 -43.46 -0.69
C ALA D 155 -21.23 -44.94 -0.93
N GLU D 156 -20.39 -45.53 -0.08
CA GLU D 156 -20.05 -46.94 -0.22
C GLU D 156 -21.23 -47.86 0.06
N GLU D 157 -22.30 -47.35 0.68
CA GLU D 157 -23.52 -48.14 0.79
C GLU D 157 -24.52 -47.83 -0.31
N VAL D 158 -24.68 -46.55 -0.65
CA VAL D 158 -25.66 -46.20 -1.67
C VAL D 158 -25.23 -46.60 -3.07
N ILE D 159 -23.95 -46.37 -3.43
CA ILE D 159 -23.50 -46.70 -4.78
C ILE D 159 -23.74 -48.17 -5.14
N PRO D 160 -23.28 -49.14 -4.35
CA PRO D 160 -23.55 -50.54 -4.74
C PRO D 160 -25.02 -50.88 -4.80
N ALA D 161 -25.85 -50.22 -3.98
CA ALA D 161 -27.29 -50.46 -4.04
C ALA D 161 -27.86 -50.01 -5.38
N ILE D 162 -27.40 -48.86 -5.88
CA ILE D 162 -27.79 -48.42 -7.22
C ILE D 162 -27.25 -49.39 -8.26
N ARG D 163 -25.96 -49.73 -8.16
N ARG D 163 -25.96 -49.73 -8.16
CA ARG D 163 -25.29 -50.45 -9.22
CA ARG D 163 -25.29 -50.45 -9.22
C ARG D 163 -25.80 -51.87 -9.40
C ARG D 163 -25.78 -51.88 -9.40
N ALA D 164 -26.39 -52.48 -8.37
CA ALA D 164 -27.00 -53.79 -8.52
C ALA D 164 -28.16 -53.77 -9.51
N ASN D 165 -28.79 -52.60 -9.69
CA ASN D 165 -29.93 -52.44 -10.57
C ASN D 165 -29.60 -51.65 -11.83
N ASP D 166 -28.57 -50.81 -11.79
CA ASP D 166 -28.23 -49.90 -12.88
C ASP D 166 -26.71 -49.82 -12.90
N PRO D 167 -26.07 -50.68 -13.71
CA PRO D 167 -24.61 -50.79 -13.62
C PRO D 167 -23.83 -49.62 -14.18
N ASP D 168 -24.44 -48.76 -15.00
CA ASP D 168 -23.65 -47.84 -15.79
C ASP D 168 -23.97 -46.35 -15.67
N ASN D 169 -25.17 -45.96 -15.25
N ASN D 169 -25.17 -45.96 -15.23
CA ASN D 169 -25.51 -44.54 -15.25
CA ASN D 169 -25.50 -44.55 -15.23
C ASN D 169 -24.66 -43.79 -14.22
C ASN D 169 -24.64 -43.80 -14.22
N ILE D 170 -24.45 -42.50 -14.49
CA ILE D 170 -23.57 -41.66 -13.67
C ILE D 170 -24.16 -41.46 -12.28
N ILE D 171 -23.29 -41.53 -11.26
CA ILE D 171 -23.63 -41.17 -9.88
C ILE D 171 -22.72 -40.03 -9.46
N ILE D 172 -23.32 -38.97 -8.94
CA ILE D 172 -22.64 -37.75 -8.51
C ILE D 172 -22.69 -37.69 -6.99
N VAL D 173 -21.51 -37.52 -6.37
CA VAL D 173 -21.36 -37.56 -4.92
C VAL D 173 -21.01 -36.18 -4.39
N GLY D 174 -21.80 -35.69 -3.43
CA GLY D 174 -21.52 -34.40 -2.82
C GLY D 174 -20.24 -34.42 -2.01
N THR D 175 -19.68 -33.23 -1.82
CA THR D 175 -18.39 -33.04 -1.15
C THR D 175 -18.54 -32.14 0.07
N PRO D 176 -17.54 -32.05 0.94
CA PRO D 176 -17.71 -31.28 2.17
C PRO D 176 -17.88 -29.79 1.92
N THR D 177 -18.42 -29.12 2.94
CA THR D 177 -18.60 -27.66 2.96
C THR D 177 -19.51 -27.20 1.82
N TRP D 178 -20.72 -27.72 1.84
CA TRP D 178 -21.72 -27.44 0.82
C TRP D 178 -21.20 -27.74 -0.58
N SER D 179 -20.59 -28.91 -0.74
CA SER D 179 -20.07 -29.37 -2.01
C SER D 179 -19.05 -28.38 -2.59
N GLN D 180 -18.12 -27.94 -1.74
CA GLN D 180 -16.98 -27.15 -2.20
C GLN D 180 -15.66 -27.91 -2.19
N ASP D 181 -15.50 -28.85 -1.28
CA ASP D 181 -14.18 -29.42 -0.99
C ASP D 181 -13.87 -30.61 -1.90
N VAL D 182 -13.83 -30.31 -3.20
CA VAL D 182 -13.53 -31.32 -4.20
C VAL D 182 -12.09 -31.82 -4.09
N HIS D 183 -11.19 -31.06 -3.44
CA HIS D 183 -9.84 -31.57 -3.26
C HIS D 183 -9.83 -32.81 -2.38
N ASP D 184 -10.79 -32.95 -1.45
CA ASP D 184 -10.86 -34.17 -0.64
C ASP D 184 -11.14 -35.40 -1.49
N ALA D 185 -12.09 -35.27 -2.42
CA ALA D 185 -12.39 -36.38 -3.34
C ALA D 185 -11.21 -36.65 -4.25
N ALA D 186 -10.55 -35.60 -4.72
CA ALA D 186 -9.44 -35.78 -5.64
C ALA D 186 -8.31 -36.55 -4.97
N ASP D 187 -8.07 -36.26 -3.68
CA ASP D 187 -6.98 -36.90 -2.96
C ASP D 187 -7.35 -38.27 -2.40
N ASN D 188 -8.65 -38.61 -2.35
CA ASN D 188 -9.11 -39.85 -1.74
C ASN D 188 -10.37 -40.30 -2.47
N PRO D 189 -10.25 -40.63 -3.75
CA PRO D 189 -11.45 -40.87 -4.56
C PRO D 189 -12.15 -42.18 -4.21
N LEU D 190 -13.42 -42.24 -4.56
CA LEU D 190 -14.15 -43.50 -4.55
C LEU D 190 -13.67 -44.36 -5.72
N PRO D 191 -13.70 -45.68 -5.57
CA PRO D 191 -13.10 -46.55 -6.59
C PRO D 191 -14.01 -46.95 -7.74
N TYR D 192 -15.25 -46.51 -7.74
CA TYR D 192 -16.26 -46.99 -8.67
C TYR D 192 -16.18 -46.29 -10.03
N SER D 193 -16.64 -47.00 -11.05
CA SER D 193 -16.74 -46.42 -12.37
C SER D 193 -17.87 -45.41 -12.46
N ASN D 194 -17.74 -44.47 -13.38
CA ASN D 194 -18.83 -43.52 -13.72
C ASN D 194 -19.34 -42.77 -12.51
N ILE D 195 -18.38 -42.27 -11.72
CA ILE D 195 -18.64 -41.41 -10.56
C ILE D 195 -18.15 -40.00 -10.89
N MET D 196 -18.89 -39.00 -10.44
CA MET D 196 -18.44 -37.61 -10.47
C MET D 196 -18.66 -37.02 -9.09
N TYR D 197 -18.00 -35.89 -8.86
CA TYR D 197 -18.08 -35.19 -7.58
C TYR D 197 -18.69 -33.83 -7.78
N ALA D 198 -19.55 -33.44 -6.86
CA ALA D 198 -20.29 -32.18 -6.99
C ALA D 198 -19.47 -31.00 -6.53
N LEU D 199 -19.61 -29.90 -7.26
CA LEU D 199 -19.08 -28.60 -6.88
C LEU D 199 -20.22 -27.59 -6.98
N HIS D 200 -20.50 -26.88 -5.89
CA HIS D 200 -21.52 -25.85 -5.87
C HIS D 200 -20.89 -24.50 -5.58
N PHE D 201 -21.24 -23.51 -6.38
CA PHE D 201 -20.73 -22.15 -6.19
C PHE D 201 -21.86 -21.14 -6.37
N TYR D 202 -21.68 -19.97 -5.75
CA TYR D 202 -22.61 -18.84 -5.83
C TYR D 202 -21.76 -17.62 -6.17
N ALA D 203 -22.10 -16.96 -7.29
CA ALA D 203 -21.22 -15.97 -7.91
C ALA D 203 -20.95 -14.76 -7.03
N GLY D 204 -21.83 -14.45 -6.10
CA GLY D 204 -21.56 -13.35 -5.19
C GLY D 204 -20.70 -13.68 -4.01
N THR D 205 -20.28 -14.94 -3.88
CA THR D 205 -19.45 -15.40 -2.76
C THR D 205 -18.18 -16.10 -3.19
N HIS D 206 -18.22 -16.88 -4.28
CA HIS D 206 -17.10 -17.72 -4.67
C HIS D 206 -16.57 -17.25 -6.02
N GLY D 207 -15.24 -17.27 -6.15
CA GLY D 207 -14.58 -16.81 -7.35
C GLY D 207 -13.31 -17.57 -7.67
N GLN D 208 -12.20 -16.86 -7.86
CA GLN D 208 -11.01 -17.47 -8.44
C GLN D 208 -10.45 -18.58 -7.56
N SER D 209 -10.44 -18.39 -6.23
CA SER D 209 -9.85 -19.41 -5.36
CA SER D 209 -9.84 -19.41 -5.38
C SER D 209 -10.55 -20.75 -5.54
N LEU D 210 -11.88 -20.73 -5.73
CA LEU D 210 -12.60 -21.98 -5.92
C LEU D 210 -12.33 -22.55 -7.31
N ARG D 211 -12.23 -21.70 -8.33
CA ARG D 211 -11.84 -22.19 -9.63
C ARG D 211 -10.48 -22.89 -9.57
N ASP D 212 -9.54 -22.31 -8.80
CA ASP D 212 -8.21 -22.92 -8.67
C ASP D 212 -8.30 -24.28 -7.99
N LYS D 213 -9.16 -24.41 -6.96
N LYS D 213 -9.13 -24.40 -6.94
CA LYS D 213 -9.33 -25.69 -6.28
CA LYS D 213 -9.32 -25.70 -6.29
C LYS D 213 -9.95 -26.73 -7.21
C LYS D 213 -9.87 -26.72 -7.28
N ILE D 214 -10.84 -26.29 -8.11
CA ILE D 214 -11.39 -27.20 -9.11
C ILE D 214 -10.30 -27.69 -10.04
N ASP D 215 -9.47 -26.78 -10.54
CA ASP D 215 -8.36 -27.18 -11.40
C ASP D 215 -7.45 -28.18 -10.69
N TYR D 216 -7.19 -27.97 -9.40
CA TYR D 216 -6.40 -28.95 -8.67
C TYR D 216 -7.06 -30.33 -8.71
N ALA D 217 -8.38 -30.38 -8.43
CA ALA D 217 -9.07 -31.66 -8.42
C ALA D 217 -9.01 -32.31 -9.80
N LEU D 218 -9.24 -31.53 -10.85
CA LEU D 218 -9.17 -32.07 -12.20
C LEU D 218 -7.79 -32.63 -12.52
N SER D 219 -6.73 -32.02 -11.99
CA SER D 219 -5.36 -32.48 -12.25
C SER D 219 -5.12 -33.87 -11.66
N LYS D 220 -5.93 -34.29 -10.69
CA LYS D 220 -5.84 -35.61 -10.09
C LYS D 220 -6.74 -36.63 -10.74
N GLY D 221 -7.41 -36.27 -11.81
CA GLY D 221 -8.11 -37.25 -12.63
C GLY D 221 -9.56 -37.52 -12.26
N VAL D 222 -10.11 -36.80 -11.28
CA VAL D 222 -11.51 -36.95 -10.92
C VAL D 222 -12.37 -36.03 -11.77
N ALA D 223 -13.63 -36.43 -11.95
CA ALA D 223 -14.57 -35.65 -12.74
C ALA D 223 -15.48 -34.84 -11.83
N ILE D 224 -15.80 -33.62 -12.26
CA ILE D 224 -16.54 -32.65 -11.48
C ILE D 224 -17.80 -32.25 -12.25
N PHE D 225 -18.94 -32.22 -11.56
CA PHE D 225 -20.20 -31.75 -12.14
C PHE D 225 -20.72 -30.66 -11.21
N VAL D 226 -20.96 -29.46 -11.75
CA VAL D 226 -21.56 -28.37 -10.97
C VAL D 226 -23.07 -28.60 -10.97
N THR D 227 -23.55 -29.47 -10.07
CA THR D 227 -24.97 -29.78 -10.06
C THR D 227 -25.83 -28.63 -9.53
N GLU D 228 -25.23 -27.60 -8.94
CA GLU D 228 -25.97 -26.44 -8.50
C GLU D 228 -25.07 -25.22 -8.45
N TRP D 229 -25.52 -24.12 -9.04
CA TRP D 229 -24.81 -22.86 -8.87
C TRP D 229 -25.82 -21.73 -8.98
N GLY D 230 -25.51 -20.61 -8.35
CA GLY D 230 -26.38 -19.46 -8.37
C GLY D 230 -25.66 -18.20 -8.79
N THR D 231 -26.41 -17.28 -9.39
CA THR D 231 -25.90 -15.96 -9.71
C THR D 231 -25.86 -15.03 -8.50
N SER D 232 -26.50 -15.42 -7.40
CA SER D 232 -26.59 -14.65 -6.17
C SER D 232 -25.35 -14.90 -5.32
N ASP D 233 -25.33 -14.33 -4.10
CA ASP D 233 -24.42 -14.79 -3.07
C ASP D 233 -24.90 -16.14 -2.52
N ALA D 234 -24.09 -16.74 -1.66
CA ALA D 234 -24.40 -18.06 -1.15
C ALA D 234 -25.76 -18.12 -0.48
N SER D 235 -26.17 -17.03 0.18
CA SER D 235 -27.42 -16.99 0.93
C SER D 235 -28.63 -16.84 0.03
N GLY D 236 -28.44 -16.50 -1.24
CA GLY D 236 -29.53 -16.29 -2.16
C GLY D 236 -29.91 -14.84 -2.36
N ASN D 237 -29.04 -13.92 -2.01
CA ASN D 237 -29.33 -12.50 -2.04
C ASN D 237 -28.27 -11.77 -2.83
N GLY D 238 -28.55 -10.50 -3.10
CA GLY D 238 -27.59 -9.65 -3.76
C GLY D 238 -27.56 -9.84 -5.27
N GLY D 239 -26.99 -8.85 -5.95
CA GLY D 239 -26.81 -8.93 -7.38
C GLY D 239 -28.14 -8.96 -8.12
N PRO D 240 -28.30 -9.91 -9.07
CA PRO D 240 -27.36 -10.99 -9.41
C PRO D 240 -26.00 -10.51 -9.90
N PHE D 241 -24.98 -11.32 -9.63
CA PHE D 241 -23.58 -10.98 -9.89
C PHE D 241 -23.21 -11.53 -11.26
N LEU D 242 -23.58 -10.78 -12.29
CA LEU D 242 -23.55 -11.33 -13.65
C LEU D 242 -22.13 -11.36 -14.22
N ASN D 243 -21.30 -10.37 -13.92
CA ASN D 243 -19.93 -10.40 -14.40
CA ASN D 243 -19.93 -10.41 -14.41
C ASN D 243 -19.19 -11.61 -13.86
N GLU D 244 -19.30 -11.86 -12.56
CA GLU D 244 -18.65 -13.04 -11.98
C GLU D 244 -19.30 -14.33 -12.48
N SER D 245 -20.62 -14.31 -12.67
CA SER D 245 -21.28 -15.50 -13.22
C SER D 245 -20.74 -15.82 -14.60
N GLN D 246 -20.50 -14.80 -15.42
CA GLN D 246 -19.94 -15.03 -16.75
C GLN D 246 -18.54 -15.64 -16.65
N LYS D 247 -17.71 -15.15 -15.73
CA LYS D 247 -16.40 -15.76 -15.57
C LYS D 247 -16.53 -17.24 -15.23
N TRP D 248 -17.49 -17.59 -14.38
CA TRP D 248 -17.71 -18.99 -14.04
C TRP D 248 -18.20 -19.81 -15.23
N ILE D 249 -19.17 -19.27 -15.98
CA ILE D 249 -19.66 -19.96 -17.16
C ILE D 249 -18.53 -20.21 -18.15
N ASP D 250 -17.68 -19.20 -18.37
CA ASP D 250 -16.56 -19.34 -19.30
C ASP D 250 -15.58 -20.40 -18.80
N PHE D 251 -15.29 -20.40 -17.49
CA PHE D 251 -14.43 -21.41 -16.89
C PHE D 251 -15.01 -22.81 -17.10
N MET D 252 -16.30 -22.99 -16.84
CA MET D 252 -16.89 -24.31 -17.00
C MET D 252 -16.88 -24.75 -18.46
N ASN D 253 -17.09 -23.80 -19.39
CA ASN D 253 -17.00 -24.15 -20.81
C ASN D 253 -15.58 -24.59 -21.14
N SER D 254 -14.59 -23.85 -20.67
CA SER D 254 -13.19 -24.17 -20.94
C SER D 254 -12.81 -25.54 -20.41
N ARG D 255 -13.30 -25.90 -19.22
CA ARG D 255 -12.97 -27.17 -18.59
C ARG D 255 -13.97 -28.29 -18.88
N ASN D 256 -14.93 -28.10 -19.77
N ASN D 256 -14.95 -28.04 -19.75
CA ASN D 256 -15.96 -29.11 -20.06
CA ASN D 256 -16.00 -29.00 -20.09
C ASN D 256 -16.66 -29.58 -18.80
C ASN D 256 -16.67 -29.56 -18.84
N ILE D 257 -17.04 -28.63 -17.95
CA ILE D 257 -17.77 -28.95 -16.73
C ILE D 257 -19.26 -28.68 -16.96
N SER D 258 -20.06 -29.70 -16.72
CA SER D 258 -21.50 -29.60 -16.85
C SER D 258 -22.09 -28.84 -15.67
N TRP D 259 -23.29 -28.31 -15.87
CA TRP D 259 -23.88 -27.52 -14.82
C TRP D 259 -25.38 -27.37 -14.87
N ALA D 260 -25.96 -27.14 -13.68
CA ALA D 260 -27.36 -26.84 -13.52
C ALA D 260 -27.48 -25.61 -12.63
N ASN D 261 -28.24 -24.62 -13.08
CA ASN D 261 -28.45 -23.37 -12.34
C ASN D 261 -29.65 -23.45 -11.40
N TRP D 262 -29.47 -22.90 -10.19
CA TRP D 262 -30.52 -22.78 -9.19
C TRP D 262 -31.10 -21.38 -9.30
N SER D 263 -32.44 -21.26 -9.45
CA SER D 263 -33.41 -22.32 -9.47
C SER D 263 -34.57 -21.95 -10.39
N LEU D 264 -35.31 -22.96 -10.82
CA LEU D 264 -36.54 -22.75 -11.59
C LEU D 264 -37.70 -22.59 -10.60
N SER D 265 -37.84 -21.37 -10.08
CA SER D 265 -38.91 -21.03 -9.15
C SER D 265 -39.11 -19.53 -9.19
N ASP D 266 -40.17 -19.07 -8.52
CA ASP D 266 -40.45 -17.65 -8.34
C ASP D 266 -40.23 -17.20 -6.90
N LYS D 267 -39.38 -17.91 -6.16
CA LYS D 267 -39.06 -17.48 -4.81
C LYS D 267 -38.38 -16.12 -4.84
N SER D 268 -38.53 -15.39 -3.72
N SER D 268 -38.53 -15.37 -3.74
CA SER D 268 -37.89 -14.09 -3.56
CA SER D 268 -37.90 -14.06 -3.64
C SER D 268 -36.43 -14.25 -3.13
C SER D 268 -36.44 -14.20 -3.17
N GLU D 269 -35.67 -14.93 -3.99
CA GLU D 269 -34.22 -14.98 -3.88
C GLU D 269 -33.71 -14.48 -5.22
N THR D 270 -32.55 -13.81 -5.23
CA THR D 270 -32.07 -13.25 -6.50
C THR D 270 -31.59 -14.32 -7.45
N SER D 271 -31.40 -15.55 -6.99
CA SER D 271 -31.05 -16.65 -7.86
C SER D 271 -32.26 -17.25 -8.55
N ALA D 272 -33.46 -16.99 -8.05
CA ALA D 272 -34.65 -17.54 -8.68
C ALA D 272 -34.78 -17.01 -10.10
N ALA D 273 -35.09 -17.92 -11.05
CA ALA D 273 -35.13 -17.55 -12.45
C ALA D 273 -36.43 -16.88 -12.85
N LEU D 274 -37.50 -17.05 -12.08
CA LEU D 274 -38.82 -16.62 -12.52
C LEU D 274 -39.37 -15.56 -11.57
N MET D 275 -40.22 -14.70 -12.11
CA MET D 275 -40.90 -13.71 -11.30
C MET D 275 -42.26 -14.26 -10.86
N PRO D 276 -42.78 -13.79 -9.74
CA PRO D 276 -44.14 -14.21 -9.35
C PRO D 276 -45.13 -14.01 -10.48
N GLY D 277 -46.00 -14.99 -10.67
CA GLY D 277 -46.95 -14.99 -11.75
C GLY D 277 -46.54 -15.82 -12.94
N ALA D 278 -45.27 -16.22 -13.02
CA ALA D 278 -44.83 -17.04 -14.13
C ALA D 278 -45.61 -18.34 -14.13
N SER D 279 -46.05 -18.74 -15.31
CA SER D 279 -46.84 -19.94 -15.44
C SER D 279 -46.07 -21.17 -14.96
N PRO D 280 -46.67 -22.04 -14.15
CA PRO D 280 -45.98 -23.29 -13.80
C PRO D 280 -45.73 -24.21 -14.99
N THR D 281 -46.41 -23.99 -16.12
CA THR D 281 -46.29 -24.88 -17.28
C THR D 281 -45.48 -24.29 -18.43
N GLY D 282 -44.75 -23.22 -18.19
CA GLY D 282 -43.86 -22.68 -19.19
C GLY D 282 -44.54 -21.66 -20.08
N GLY D 283 -43.94 -21.45 -21.26
CA GLY D 283 -44.47 -20.43 -22.17
C GLY D 283 -44.19 -19.02 -21.73
N TRP D 284 -43.12 -18.81 -20.95
CA TRP D 284 -42.86 -17.51 -20.33
C TRP D 284 -42.55 -16.45 -21.37
N THR D 285 -42.96 -15.23 -21.05
CA THR D 285 -42.50 -14.05 -21.76
C THR D 285 -41.36 -13.42 -20.95
N ASP D 286 -40.74 -12.40 -21.54
CA ASP D 286 -39.53 -11.87 -20.94
C ASP D 286 -39.77 -11.37 -19.51
N SER D 287 -40.87 -10.66 -19.28
CA SER D 287 -41.10 -10.11 -17.94
C SER D 287 -41.43 -11.17 -16.89
N ASN D 288 -41.67 -12.43 -17.33
CA ASN D 288 -41.83 -13.54 -16.40
C ASN D 288 -40.49 -14.00 -15.83
N LEU D 289 -39.38 -13.55 -16.42
CA LEU D 289 -38.06 -13.97 -15.99
C LEU D 289 -37.42 -12.89 -15.14
N SER D 290 -36.75 -13.30 -14.07
CA SER D 290 -35.98 -12.37 -13.28
C SER D 290 -34.71 -11.96 -14.05
N ALA D 291 -33.96 -11.02 -13.47
CA ALA D 291 -32.67 -10.67 -14.06
C ALA D 291 -31.77 -11.89 -14.19
N SER D 292 -31.76 -12.74 -13.16
CA SER D 292 -30.97 -13.97 -13.24
C SER D 292 -31.48 -14.91 -14.33
N GLY D 293 -32.80 -15.10 -14.43
CA GLY D 293 -33.35 -16.01 -15.43
C GLY D 293 -33.09 -15.54 -16.84
N LYS D 294 -33.23 -14.24 -17.09
CA LYS D 294 -32.93 -13.72 -18.41
C LYS D 294 -31.50 -14.04 -18.80
N PHE D 295 -30.56 -13.84 -17.87
CA PHE D 295 -29.15 -14.09 -18.14
C PHE D 295 -28.87 -15.57 -18.38
N VAL D 296 -29.39 -16.43 -17.51
CA VAL D 296 -29.13 -17.87 -17.63
C VAL D 296 -29.73 -18.40 -18.92
N ARG D 297 -30.97 -18.01 -19.23
CA ARG D 297 -31.58 -18.40 -20.50
C ARG D 297 -30.68 -18.00 -21.68
N GLU D 298 -30.22 -16.74 -21.71
N GLU D 298 -30.23 -16.74 -21.71
CA GLU D 298 -29.37 -16.30 -22.79
CA GLU D 298 -29.35 -16.29 -22.78
C GLU D 298 -28.10 -17.16 -22.89
C GLU D 298 -28.12 -17.18 -22.88
N GLN D 299 -27.50 -17.50 -21.75
CA GLN D 299 -26.26 -18.25 -21.77
C GLN D 299 -26.47 -19.68 -22.23
N ILE D 300 -27.59 -20.32 -21.85
CA ILE D 300 -27.81 -21.69 -22.30
C ILE D 300 -28.14 -21.70 -23.80
N ARG D 301 -28.85 -20.69 -24.31
CA ARG D 301 -29.14 -20.64 -25.74
C ARG D 301 -27.87 -20.49 -26.59
N ARG D 302 -26.78 -20.00 -26.01
N ARG D 302 -26.77 -20.00 -26.02
CA ARG D 302 -25.51 -19.91 -26.75
CA ARG D 302 -25.52 -19.91 -26.75
C ARG D 302 -24.94 -21.32 -26.97
C ARG D 302 -24.92 -21.30 -26.96
N SER D 303 -24.39 -21.54 -28.15
CA SER D 303 -23.75 -22.81 -28.46
C SER D 303 -22.97 -22.79 -29.76
N HIS E 1 32.84 65.21 15.89
CA HIS E 1 31.87 64.48 15.02
C HIS E 1 32.51 63.22 14.47
N HIS E 2 31.68 62.25 14.10
CA HIS E 2 32.14 60.98 13.59
C HIS E 2 31.00 60.35 12.81
N GLY E 3 31.34 59.43 11.92
CA GLY E 3 30.33 58.65 11.25
C GLY E 3 29.76 57.61 12.20
N SER E 4 28.43 57.61 12.35
CA SER E 4 27.82 56.64 13.24
C SER E 4 27.98 55.24 12.67
N THR E 5 28.13 54.26 13.56
CA THR E 5 28.28 52.90 13.12
C THR E 5 27.05 52.07 13.46
N PRO E 6 26.92 50.90 12.85
CA PRO E 6 25.75 50.06 13.14
C PRO E 6 25.63 49.66 14.60
N VAL E 7 26.73 49.25 15.23
CA VAL E 7 26.67 48.81 16.61
C VAL E 7 26.46 49.99 17.55
N GLU E 8 27.10 51.14 17.25
CA GLU E 8 26.84 52.33 18.04
C GLU E 8 25.36 52.65 18.06
N THR E 9 24.69 52.43 16.92
CA THR E 9 23.30 52.83 16.71
C THR E 9 22.33 51.80 17.25
N HIS E 10 22.69 50.52 17.22
CA HIS E 10 21.76 49.43 17.49
C HIS E 10 22.14 48.53 18.67
N GLY E 11 23.41 48.47 19.08
CA GLY E 11 23.78 47.72 20.25
C GLY E 11 23.48 46.23 20.17
N GLN E 12 23.12 45.66 21.31
CA GLN E 12 22.81 44.25 21.41
C GLN E 12 21.53 43.94 20.65
N LEU E 13 21.60 42.99 19.72
CA LEU E 13 20.44 42.57 18.96
C LEU E 13 19.74 41.42 19.68
N SER E 14 18.44 41.28 19.44
CA SER E 14 17.75 40.11 19.95
C SER E 14 16.62 39.74 19.00
N VAL E 15 15.97 38.62 19.31
CA VAL E 15 14.81 38.15 18.56
C VAL E 15 13.60 38.32 19.46
N LYS E 16 12.64 39.11 19.00
N LYS E 16 12.62 39.08 18.98
CA LYS E 16 11.41 39.34 19.75
CA LYS E 16 11.40 39.37 19.74
C LYS E 16 10.24 39.09 18.80
C LYS E 16 10.21 39.14 18.82
N GLY E 17 9.37 38.17 19.18
CA GLY E 17 8.21 37.87 18.36
C GLY E 17 8.55 37.47 16.94
N GLY E 18 9.63 36.71 16.75
CA GLY E 18 10.01 36.27 15.43
C GLY E 18 10.69 37.32 14.57
N GLN E 19 11.09 38.45 15.15
N GLN E 19 11.07 38.46 15.15
CA GLN E 19 11.70 39.54 14.43
CA GLN E 19 11.70 39.55 14.41
C GLN E 19 13.03 39.94 15.05
C GLN E 19 13.03 39.94 15.05
N LEU E 20 14.01 40.23 14.21
CA LEU E 20 15.27 40.80 14.70
C LEU E 20 15.02 42.26 15.10
N VAL E 21 15.39 42.60 16.34
CA VAL E 21 15.24 43.94 16.87
C VAL E 21 16.55 44.36 17.51
N ASP E 22 16.70 45.66 17.71
CA ASP E 22 17.91 46.22 18.30
C ASP E 22 17.72 46.42 19.80
N GLU E 23 18.69 47.10 20.44
CA GLU E 23 18.69 47.25 21.89
C GLU E 23 17.49 48.05 22.37
N ASN E 24 16.87 48.84 21.50
CA ASN E 24 15.68 49.63 21.81
C ASN E 24 14.40 48.86 21.53
N GLY E 25 14.52 47.62 21.09
CA GLY E 25 13.36 46.84 20.69
C GLY E 25 12.78 47.22 19.35
N LYS E 26 13.51 48.00 18.56
N LYS E 26 13.50 48.03 18.56
CA LYS E 26 12.98 48.41 17.27
CA LYS E 26 13.00 48.45 17.26
C LYS E 26 13.43 47.48 16.17
C LYS E 26 13.43 47.44 16.19
N PRO E 27 12.57 47.16 15.20
CA PRO E 27 12.99 46.29 14.10
C PRO E 27 14.24 46.86 13.43
N VAL E 28 15.13 45.96 13.05
CA VAL E 28 16.36 46.34 12.38
C VAL E 28 16.62 45.31 11.30
N GLN E 29 17.18 45.77 10.19
CA GLN E 29 17.55 44.91 9.06
C GLN E 29 19.04 45.03 8.82
N LEU E 30 19.75 43.90 8.88
CA LEU E 30 21.15 43.87 8.50
C LEU E 30 21.24 43.49 7.03
N ARG E 31 22.13 44.18 6.31
CA ARG E 31 22.42 43.88 4.92
CA ARG E 31 22.40 43.91 4.91
C ARG E 31 23.92 43.94 4.75
N GLY E 32 24.49 42.89 4.18
CA GLY E 32 25.92 42.88 4.01
C GLY E 32 26.42 41.79 3.09
N MET E 33 27.67 41.40 3.30
CA MET E 33 28.36 40.49 2.42
C MET E 33 28.91 39.29 3.21
N SER E 34 28.95 38.14 2.56
CA SER E 34 29.68 36.97 3.03
C SER E 34 31.00 36.85 2.27
N SER E 35 32.06 36.47 2.99
CA SER E 35 33.26 36.01 2.34
C SER E 35 32.94 34.73 1.58
N HIS E 36 33.86 34.34 0.68
CA HIS E 36 33.90 32.97 0.19
C HIS E 36 34.69 32.17 1.24
N GLY E 37 35.06 30.93 0.90
CA GLY E 37 35.75 30.12 1.87
C GLY E 37 37.05 30.74 2.35
N LEU E 38 37.23 30.80 3.66
CA LEU E 38 38.42 31.46 4.20
C LEU E 38 39.71 30.74 3.80
N GLN E 39 39.66 29.46 3.44
CA GLN E 39 40.87 28.74 3.04
C GLN E 39 41.30 29.06 1.61
N TRP E 40 40.44 29.74 0.85
CA TRP E 40 40.69 30.06 -0.54
C TRP E 40 40.71 31.56 -0.83
N PHE E 41 39.88 32.33 -0.13
CA PHE E 41 39.67 33.74 -0.42
C PHE E 41 39.73 34.57 0.86
N GLY E 42 40.46 34.07 1.86
CA GLY E 42 40.61 34.77 3.13
C GLY E 42 41.36 36.08 3.03
N ASP E 43 42.19 36.26 1.99
CA ASP E 43 42.92 37.51 1.86
C ASP E 43 41.98 38.71 1.70
N PHE E 44 40.78 38.47 1.18
CA PHE E 44 39.79 39.53 1.01
C PHE E 44 39.12 39.92 2.32
N VAL E 45 39.39 39.19 3.41
CA VAL E 45 38.81 39.44 4.72
C VAL E 45 39.86 40.08 5.61
N ASN E 46 39.67 41.36 5.93
CA ASN E 46 40.63 42.12 6.73
C ASN E 46 39.97 43.44 7.12
N LYS E 47 40.62 44.16 8.03
CA LYS E 47 40.02 45.39 8.52
C LYS E 47 39.86 46.44 7.41
N ASP E 48 40.78 46.48 6.44
CA ASP E 48 40.69 47.49 5.39
C ASP E 48 39.51 47.21 4.47
N SER E 49 39.35 45.95 4.03
CA SER E 49 38.22 45.66 3.15
C SER E 49 36.91 45.82 3.90
N MET E 50 36.87 45.43 5.19
CA MET E 50 35.64 45.57 5.95
C MET E 50 35.28 47.03 6.15
N LYS E 51 36.28 47.89 6.41
CA LYS E 51 36.02 49.31 6.55
C LYS E 51 35.51 49.92 5.24
N TRP E 52 36.11 49.49 4.12
CA TRP E 52 35.67 49.97 2.81
C TRP E 52 34.24 49.54 2.53
N LEU E 53 33.90 48.29 2.83
CA LEU E 53 32.53 47.85 2.67
C LEU E 53 31.58 48.65 3.56
N ARG E 54 31.99 48.95 4.79
CA ARG E 54 31.14 49.74 5.68
C ARG E 54 30.92 51.13 5.10
N ASP E 55 31.98 51.76 4.63
CA ASP E 55 31.91 53.18 4.31
C ASP E 55 31.50 53.47 2.88
N ASP E 56 31.88 52.62 1.92
CA ASP E 56 31.51 52.80 0.53
C ASP E 56 30.27 52.02 0.12
N TRP E 57 30.10 50.78 0.60
CA TRP E 57 28.91 50.02 0.27
C TRP E 57 27.78 50.21 1.28
N GLY E 58 28.09 50.65 2.51
CA GLY E 58 27.05 50.77 3.51
C GLY E 58 26.66 49.49 4.22
N ILE E 59 27.54 48.48 4.23
CA ILE E 59 27.18 47.22 4.86
C ILE E 59 27.15 47.41 6.38
N ASN E 60 26.32 46.64 7.05
CA ASN E 60 26.32 46.63 8.51
C ASN E 60 26.57 45.25 9.11
N VAL E 61 26.80 44.23 8.28
CA VAL E 61 27.12 42.87 8.74
C VAL E 61 28.08 42.25 7.75
N PHE E 62 29.04 41.49 8.28
CA PHE E 62 29.97 40.75 7.45
C PHE E 62 30.04 39.32 7.95
N ARG E 63 29.88 38.36 7.04
CA ARG E 63 29.85 36.95 7.37
C ARG E 63 31.16 36.30 6.93
N VAL E 64 31.78 35.54 7.82
CA VAL E 64 33.00 34.80 7.48
C VAL E 64 32.65 33.32 7.36
N ALA E 65 32.88 32.78 6.16
CA ALA E 65 32.51 31.41 5.81
C ALA E 65 33.68 30.48 6.07
N MET E 66 33.72 29.95 7.28
CA MET E 66 34.80 29.06 7.68
C MET E 66 34.39 27.65 7.31
N TYR E 67 34.75 27.23 6.10
CA TYR E 67 34.52 25.86 5.70
C TYR E 67 35.15 24.93 6.74
N THR E 68 34.48 23.80 6.97
CA THR E 68 34.97 22.70 7.78
C THR E 68 35.80 21.75 6.94
N ALA E 69 35.24 21.29 5.83
CA ALA E 69 35.86 20.34 4.91
C ALA E 69 36.61 21.08 3.81
N GLU E 70 37.05 20.37 2.78
N GLU E 70 37.10 20.33 2.83
CA GLU E 70 37.68 21.02 1.63
CA GLU E 70 37.76 20.90 1.66
C GLU E 70 38.90 21.85 2.04
C GLU E 70 38.93 21.81 2.03
N GLY E 71 39.77 21.30 2.90
CA GLY E 71 40.93 22.03 3.35
C GLY E 71 40.62 23.12 4.32
N GLY E 72 39.42 23.11 4.87
CA GLY E 72 39.00 24.07 5.88
C GLY E 72 39.48 23.72 7.26
N TYR E 73 38.66 24.12 8.25
CA TYR E 73 39.11 24.12 9.64
C TYR E 73 39.48 22.74 10.16
N ILE E 74 38.79 21.69 9.72
CA ILE E 74 39.03 20.37 10.28
C ILE E 74 40.44 19.90 9.97
N THR E 75 40.91 20.15 8.74
CA THR E 75 42.27 19.70 8.40
C THR E 75 43.31 20.78 8.59
N ASN E 76 42.90 22.05 8.59
CA ASN E 76 43.81 23.19 8.71
C ASN E 76 43.16 24.21 9.64
N PRO E 77 43.29 24.02 10.95
CA PRO E 77 42.60 24.91 11.89
C PRO E 77 43.14 26.32 11.93
N SER E 78 44.25 26.61 11.22
CA SER E 78 44.78 27.97 11.23
C SER E 78 43.78 28.99 10.69
N VAL E 79 42.76 28.55 9.95
N VAL E 79 42.76 28.55 9.94
CA VAL E 79 41.75 29.47 9.44
CA VAL E 79 41.75 29.48 9.43
C VAL E 79 40.98 30.14 10.56
C VAL E 79 41.04 30.20 10.59
N LYS E 80 41.05 29.60 11.79
CA LYS E 80 40.45 30.26 12.94
C LYS E 80 41.07 31.62 13.17
N ASN E 81 42.38 31.78 12.85
CA ASN E 81 43.01 33.09 12.98
C ASN E 81 42.32 34.13 12.12
N LYS E 82 41.86 33.74 10.93
CA LYS E 82 41.13 34.67 10.07
C LYS E 82 39.77 35.02 10.64
N VAL E 83 39.09 34.06 11.27
CA VAL E 83 37.85 34.36 11.95
C VAL E 83 38.10 35.41 13.03
N LYS E 84 39.13 35.18 13.86
CA LYS E 84 39.44 36.13 14.93
C LYS E 84 39.81 37.50 14.37
N GLU E 85 40.58 37.55 13.28
CA GLU E 85 40.93 38.83 12.67
C GLU E 85 39.66 39.58 12.26
N ALA E 86 38.70 38.87 11.66
CA ALA E 86 37.47 39.51 11.19
C ALA E 86 36.62 39.98 12.36
N VAL E 87 36.50 39.16 13.41
CA VAL E 87 35.68 39.56 14.55
C VAL E 87 36.25 40.81 15.18
N GLU E 88 37.56 40.83 15.40
CA GLU E 88 38.22 41.97 16.02
C GLU E 88 38.12 43.22 15.17
N ALA E 89 38.20 43.06 13.84
CA ALA E 89 37.96 44.20 12.96
C ALA E 89 36.53 44.70 13.09
N ALA E 90 35.56 43.79 13.14
CA ALA E 90 34.16 44.19 13.29
C ALA E 90 33.96 44.97 14.59
N ILE E 91 34.60 44.53 15.68
CA ILE E 91 34.51 45.25 16.94
C ILE E 91 35.05 46.67 16.79
N ASP E 92 36.24 46.77 16.21
CA ASP E 92 36.87 48.08 16.01
C ASP E 92 35.98 49.00 15.16
N LEU E 93 35.29 48.44 14.15
CA LEU E 93 34.54 49.21 13.16
C LEU E 93 33.06 49.35 13.50
N GLY E 94 32.59 48.79 14.62
CA GLY E 94 31.18 48.89 14.94
C GLY E 94 30.27 48.14 14.01
N MET E 95 30.72 46.99 13.52
N MET E 95 30.71 46.98 13.52
CA MET E 95 29.96 46.17 12.58
CA MET E 95 29.96 46.17 12.58
C MET E 95 29.54 44.86 13.23
C MET E 95 29.55 44.86 13.23
N TYR E 96 28.41 44.32 12.77
CA TYR E 96 28.01 42.97 13.16
C TYR E 96 28.80 41.98 12.32
N VAL E 97 29.05 40.80 12.91
CA VAL E 97 29.87 39.78 12.27
C VAL E 97 29.25 38.42 12.52
N ILE E 98 29.07 37.64 11.45
CA ILE E 98 28.54 36.28 11.53
C ILE E 98 29.69 35.28 11.41
N ILE E 99 29.84 34.45 12.44
CA ILE E 99 30.82 33.36 12.45
C ILE E 99 30.10 32.11 11.93
N ASP E 100 30.43 31.70 10.70
CA ASP E 100 29.72 30.63 9.99
C ASP E 100 30.56 29.37 9.94
N TRP E 101 30.08 28.34 10.64
CA TRP E 101 30.59 26.98 10.59
C TRP E 101 30.06 26.39 9.29
N HIS E 102 30.90 26.43 8.25
CA HIS E 102 30.38 26.37 6.88
C HIS E 102 30.47 24.95 6.37
N ILE E 103 29.52 24.12 6.83
CA ILE E 103 29.38 22.76 6.32
C ILE E 103 28.74 22.84 4.94
N LEU E 104 29.10 21.91 4.08
CA LEU E 104 28.53 21.82 2.70
C LEU E 104 28.71 20.39 2.17
N SER E 105 29.89 20.04 1.73
CA SER E 105 30.11 18.65 1.28
C SER E 105 29.92 17.68 2.43
N ASP E 106 30.30 18.11 3.63
CA ASP E 106 29.97 17.44 4.89
C ASP E 106 28.54 17.84 5.24
N ASN E 107 27.60 17.14 4.63
CA ASN E 107 26.21 17.59 4.57
C ASN E 107 25.42 17.34 5.83
N ASP E 108 25.97 16.60 6.81
CA ASP E 108 25.34 16.34 8.10
C ASP E 108 26.14 17.13 9.13
N PRO E 109 25.52 18.07 9.84
CA PRO E 109 26.27 18.83 10.86
C PRO E 109 26.81 17.94 11.98
N ASN E 110 26.25 16.75 12.18
CA ASN E 110 26.72 15.91 13.28
C ASN E 110 28.12 15.36 13.02
N THR E 111 28.58 15.38 11.77
CA THR E 111 29.86 14.77 11.44
C THR E 111 31.00 15.38 12.24
N TYR E 112 31.02 16.72 12.36
CA TYR E 112 32.08 17.40 13.09
C TYR E 112 31.52 18.13 14.30
N LYS E 113 30.53 17.52 14.96
CA LYS E 113 29.87 18.21 16.07
CA LYS E 113 29.86 18.17 16.09
C LYS E 113 30.79 18.43 17.27
N GLU E 114 31.72 17.51 17.54
CA GLU E 114 32.61 17.73 18.68
CA GLU E 114 32.66 17.69 18.65
C GLU E 114 33.53 18.91 18.40
N GLN E 115 34.05 19.02 17.18
CA GLN E 115 34.88 20.15 16.82
C GLN E 115 34.09 21.44 16.82
N ALA E 116 32.83 21.38 16.35
CA ALA E 116 31.98 22.55 16.34
C ALA E 116 31.76 23.07 17.75
N LYS E 117 31.43 22.18 18.67
CA LYS E 117 31.17 22.62 20.04
CA LYS E 117 31.17 22.61 20.04
CA LYS E 117 31.18 22.60 20.05
C LYS E 117 32.41 23.29 20.63
N ALA E 118 33.58 22.69 20.40
CA ALA E 118 34.81 23.25 20.96
C ALA E 118 35.13 24.61 20.34
N PHE E 119 34.93 24.73 19.03
CA PHE E 119 35.16 25.99 18.33
C PHE E 119 34.22 27.06 18.82
N PHE E 120 32.92 26.75 18.88
CA PHE E 120 31.96 27.77 19.32
C PHE E 120 32.13 28.11 20.81
N GLN E 121 32.49 27.15 21.66
CA GLN E 121 32.79 27.49 23.05
C GLN E 121 33.94 28.48 23.14
N GLU E 122 34.99 28.26 22.33
CA GLU E 122 36.14 29.15 22.33
C GLU E 122 35.75 30.54 21.85
N MET E 123 35.01 30.63 20.74
CA MET E 123 34.63 31.94 20.24
C MET E 123 33.73 32.66 21.25
N ALA E 124 32.79 31.93 21.86
CA ALA E 124 31.87 32.58 22.79
C ALA E 124 32.59 33.02 24.06
N ALA E 125 33.56 32.24 24.53
CA ALA E 125 34.31 32.65 25.71
C ALA E 125 35.13 33.91 25.44
N LYS E 126 35.67 34.04 24.22
CA LYS E 126 36.52 35.18 23.91
C LYS E 126 35.72 36.44 23.55
N TYR E 127 34.66 36.27 22.76
CA TYR E 127 33.97 37.40 22.16
C TYR E 127 32.52 37.55 22.58
N GLY E 128 32.00 36.67 23.45
CA GLY E 128 30.59 36.63 23.76
C GLY E 128 30.02 37.88 24.40
N ASN E 129 30.86 38.69 25.03
CA ASN E 129 30.37 39.91 25.66
CA ASN E 129 30.37 39.91 25.66
C ASN E 129 30.19 41.06 24.68
N TYR E 130 30.61 40.90 23.43
CA TYR E 130 30.46 41.96 22.44
C TYR E 130 29.16 41.77 21.68
N PRO E 131 28.38 42.84 21.47
CA PRO E 131 27.12 42.70 20.73
C PRO E 131 27.30 42.45 19.24
N ASN E 132 28.53 42.56 18.76
CA ASN E 132 28.76 42.41 17.33
C ASN E 132 28.53 40.99 16.84
N VAL E 133 28.69 40.01 17.70
CA VAL E 133 28.87 38.61 17.29
C VAL E 133 27.52 37.94 17.10
N ILE E 134 27.38 37.26 15.96
CA ILE E 134 26.27 36.38 15.62
C ILE E 134 26.90 35.04 15.24
N TYR E 135 26.36 33.95 15.78
CA TYR E 135 26.87 32.61 15.47
C TYR E 135 25.98 31.90 14.46
N GLU E 136 26.59 31.25 13.47
CA GLU E 136 25.85 30.47 12.46
C GLU E 136 26.43 29.05 12.54
N ILE E 137 25.69 28.14 13.18
CA ILE E 137 26.29 26.89 13.62
C ILE E 137 26.33 25.77 12.59
N CYS E 138 25.63 25.89 11.45
CA CYS E 138 25.76 24.87 10.39
C CYS E 138 25.18 25.41 9.09
N ASN E 139 26.04 25.97 8.27
CA ASN E 139 25.67 26.60 7.00
C ASN E 139 24.55 25.92 6.25
N GLU E 140 24.81 24.74 5.68
CA GLU E 140 23.86 24.07 4.79
C GLU E 140 23.81 22.56 5.00
N PRO E 141 23.03 22.11 5.98
CA PRO E 141 22.57 20.70 5.93
C PRO E 141 21.97 20.43 4.56
N ASN E 142 22.26 19.25 3.99
CA ASN E 142 21.68 18.94 2.68
C ASN E 142 21.67 17.43 2.46
N GLY E 143 21.08 17.04 1.33
CA GLY E 143 21.08 15.64 0.93
C GLY E 143 20.22 14.72 1.76
N GLY E 144 19.08 15.19 2.23
CA GLY E 144 18.17 14.34 2.97
C GLY E 144 18.40 14.30 4.46
N VAL E 145 19.43 15.00 4.95
CA VAL E 145 19.59 15.29 6.37
C VAL E 145 18.36 16.04 6.84
N THR E 146 17.73 15.55 7.89
CA THR E 146 16.44 16.06 8.30
C THR E 146 16.54 16.98 9.52
N TRP E 147 15.48 17.80 9.68
CA TRP E 147 15.39 18.70 10.83
C TRP E 147 15.23 17.92 12.12
N SER E 148 14.21 17.06 12.20
CA SER E 148 13.90 16.46 13.51
C SER E 148 14.95 15.46 13.97
N ASN E 149 15.58 14.73 13.05
CA ASN E 149 16.46 13.64 13.43
C ASN E 149 17.94 13.96 13.39
N GLN E 150 18.36 15.00 12.67
CA GLN E 150 19.77 15.35 12.58
CA GLN E 150 19.77 15.36 12.59
C GLN E 150 20.06 16.79 12.99
N ILE E 151 19.38 17.78 12.40
CA ILE E 151 19.77 19.17 12.62
C ILE E 151 19.36 19.64 14.01
N LYS E 152 18.10 19.42 14.37
CA LYS E 152 17.65 19.89 15.67
C LYS E 152 18.45 19.26 16.79
N PRO E 153 18.72 17.95 16.79
CA PRO E 153 19.56 17.38 17.86
C PRO E 153 20.98 17.97 17.90
N TYR E 154 21.55 18.24 16.73
CA TYR E 154 22.84 18.92 16.67
C TYR E 154 22.76 20.28 17.35
N ALA E 155 21.74 21.06 17.01
CA ALA E 155 21.59 22.38 17.58
C ALA E 155 21.38 22.29 19.08
N GLU E 156 20.67 21.26 19.54
N GLU E 156 20.66 21.26 19.55
CA GLU E 156 20.41 21.10 20.97
CA GLU E 156 20.40 21.15 20.99
C GLU E 156 21.66 20.79 21.76
C GLU E 156 21.66 20.80 21.77
N GLU E 157 22.73 20.34 21.09
CA GLU E 157 24.02 20.19 21.77
C GLU E 157 24.85 21.46 21.69
N VAL E 158 24.87 22.10 20.51
CA VAL E 158 25.77 23.23 20.30
C VAL E 158 25.25 24.49 20.98
N ILE E 159 23.93 24.74 20.92
CA ILE E 159 23.38 25.96 21.51
C ILE E 159 23.71 26.07 23.01
N PRO E 160 23.40 25.07 23.83
CA PRO E 160 23.75 25.23 25.25
C PRO E 160 25.24 25.40 25.48
N ALA E 161 26.07 24.83 24.62
CA ALA E 161 27.51 25.00 24.78
C ALA E 161 27.91 26.47 24.60
N ILE E 162 27.32 27.13 23.61
CA ILE E 162 27.54 28.56 23.42
C ILE E 162 26.95 29.33 24.59
N ARG E 163 25.71 29.01 24.98
N ARG E 163 25.72 29.00 24.99
CA ARG E 163 24.99 29.84 25.95
CA ARG E 163 24.99 29.83 25.96
C ARG E 163 25.61 29.79 27.34
C ARG E 163 25.65 29.81 27.33
N ALA E 164 26.38 28.75 27.66
CA ALA E 164 27.09 28.72 28.94
C ALA E 164 28.11 29.84 29.03
N ASN E 165 28.63 30.28 27.87
CA ASN E 165 29.62 31.35 27.79
C ASN E 165 29.07 32.68 27.31
N ASP E 166 27.99 32.67 26.54
CA ASP E 166 27.45 33.86 25.89
C ASP E 166 25.92 33.71 25.96
N PRO E 167 25.29 34.31 26.97
CA PRO E 167 23.87 34.00 27.19
C PRO E 167 22.92 34.66 26.22
N ASP E 168 23.34 35.71 25.49
CA ASP E 168 22.37 36.52 24.76
C ASP E 168 22.58 36.70 23.26
N ASN E 169 23.77 36.49 22.73
N ASN E 169 23.77 36.48 22.72
CA ASN E 169 23.95 36.78 21.30
CA ASN E 169 23.96 36.76 21.31
C ASN E 169 23.19 35.76 20.44
C ASN E 169 23.18 35.77 20.44
N ILE E 170 22.80 36.22 19.25
CA ILE E 170 21.95 35.44 18.37
C ILE E 170 22.69 34.23 17.79
N ILE E 171 21.99 33.12 17.71
CA ILE E 171 22.46 31.90 17.07
C ILE E 171 21.53 31.58 15.92
N ILE E 172 22.11 31.37 14.75
CA ILE E 172 21.36 31.07 13.51
C ILE E 172 21.62 29.62 13.13
N VAL E 173 20.53 28.86 12.91
CA VAL E 173 20.59 27.42 12.67
C VAL E 173 20.17 27.13 11.23
N GLY E 174 21.00 26.37 10.52
CA GLY E 174 20.68 25.94 9.18
C GLY E 174 19.50 24.98 9.13
N THR E 175 18.90 24.89 7.97
CA THR E 175 17.71 24.08 7.75
C THR E 175 17.92 23.12 6.59
N PRO E 176 17.01 22.16 6.42
CA PRO E 176 17.24 21.13 5.40
C PRO E 176 17.28 21.68 3.99
N THR E 177 17.88 20.89 3.09
CA THR E 177 17.93 21.18 1.67
C THR E 177 18.65 22.51 1.40
N TRP E 178 19.92 22.54 1.82
CA TRP E 178 20.76 23.72 1.68
C TRP E 178 20.08 24.96 2.28
N SER E 179 19.55 24.80 3.49
CA SER E 179 18.88 25.87 4.22
C SER E 179 17.74 26.49 3.42
N GLN E 180 16.90 25.61 2.89
CA GLN E 180 15.63 26.04 2.30
C GLN E 180 14.42 25.69 3.13
N ASP E 181 14.46 24.59 3.87
CA ASP E 181 13.22 24.04 4.43
C ASP E 181 12.91 24.63 5.80
N VAL E 182 12.73 25.95 5.80
CA VAL E 182 12.44 26.69 7.02
C VAL E 182 11.07 26.32 7.58
N HIS E 183 10.18 25.77 6.75
CA HIS E 183 8.90 25.32 7.25
C HIS E 183 9.05 24.16 8.22
N ASP E 184 10.05 23.30 8.03
CA ASP E 184 10.27 22.20 8.96
C ASP E 184 10.68 22.72 10.33
N ALA E 185 11.59 23.71 10.36
CA ALA E 185 11.97 24.34 11.61
C ALA E 185 10.77 25.02 12.26
N ALA E 186 9.97 25.72 11.46
CA ALA E 186 8.83 26.46 12.01
C ALA E 186 7.86 25.51 12.68
N ASP E 187 7.69 24.31 12.12
CA ASP E 187 6.77 23.33 12.68
C ASP E 187 7.34 22.60 13.90
N ASN E 188 8.63 22.71 14.16
CA ASN E 188 9.25 22.01 15.28
C ASN E 188 10.42 22.87 15.76
N PRO E 189 10.13 24.05 16.29
CA PRO E 189 11.20 25.02 16.58
C PRO E 189 12.02 24.64 17.80
N LEU E 190 13.22 25.20 17.85
CA LEU E 190 14.06 25.11 19.03
C LEU E 190 13.47 25.95 20.16
N PRO E 191 13.51 25.47 21.40
CA PRO E 191 12.83 26.17 22.50
C PRO E 191 13.63 27.30 23.13
N TYR E 192 14.73 27.71 22.53
N TYR E 192 14.76 27.69 22.55
CA TYR E 192 15.66 28.66 23.13
CA TYR E 192 15.67 28.65 23.15
C TYR E 192 15.40 30.08 22.64
C TYR E 192 15.36 30.08 22.68
N SER E 193 15.83 31.06 23.46
CA SER E 193 15.73 32.46 23.11
C SER E 193 16.80 32.84 22.08
N ASN E 194 16.50 33.90 21.31
CA ASN E 194 17.45 34.53 20.38
C ASN E 194 18.02 33.53 19.37
N ILE E 195 17.12 32.75 18.79
CA ILE E 195 17.44 31.80 17.73
C ILE E 195 16.78 32.31 16.45
N MET E 196 17.50 32.19 15.35
CA MET E 196 16.94 32.41 14.01
C MET E 196 17.27 31.20 13.15
N TYR E 197 16.57 31.09 12.03
CA TYR E 197 16.75 29.97 11.10
C TYR E 197 17.19 30.49 9.75
N ALA E 198 18.19 29.82 9.17
CA ALA E 198 18.79 30.29 7.93
C ALA E 198 17.94 29.91 6.72
N LEU E 199 17.89 30.82 5.76
CA LEU E 199 17.30 30.62 4.44
C LEU E 199 18.35 31.05 3.43
N HIS E 200 18.65 30.16 2.48
CA HIS E 200 19.59 30.44 1.40
C HIS E 200 18.88 30.31 0.06
N PHE E 201 19.01 31.32 -0.80
CA PHE E 201 18.38 31.28 -2.11
C PHE E 201 19.38 31.79 -3.16
N TYR E 202 19.17 31.35 -4.41
CA TYR E 202 19.96 31.78 -5.56
C TYR E 202 18.94 32.19 -6.62
N ALA E 203 19.03 33.43 -7.09
CA ALA E 203 17.98 34.06 -7.88
C ALA E 203 17.75 33.36 -9.22
N GLY E 204 18.76 32.65 -9.75
CA GLY E 204 18.56 31.89 -10.96
C GLY E 204 17.89 30.57 -10.80
N THR E 205 17.60 30.17 -9.58
CA THR E 205 17.01 28.87 -9.29
C THR E 205 15.73 28.95 -8.47
N HIS E 206 15.65 29.89 -7.53
CA HIS E 206 14.58 29.94 -6.56
C HIS E 206 13.73 31.18 -6.75
N GLY E 207 12.42 31.02 -6.59
CA GLY E 207 11.50 32.11 -6.78
C GLY E 207 10.33 32.07 -5.82
N GLN E 208 9.11 32.21 -6.34
CA GLN E 208 7.97 32.46 -5.47
C GLN E 208 7.71 31.29 -4.52
N SER E 209 7.94 30.05 -4.95
CA SER E 209 7.63 28.93 -4.07
C SER E 209 8.47 28.95 -2.80
N LEU E 210 9.69 29.47 -2.88
CA LEU E 210 10.54 29.55 -1.71
C LEU E 210 10.11 30.73 -0.85
N ARG E 211 9.72 31.86 -1.48
CA ARG E 211 9.13 32.96 -0.72
C ARG E 211 7.88 32.48 0.03
N ASP E 212 7.07 31.60 -0.58
CA ASP E 212 5.90 31.05 0.11
C ASP E 212 6.30 30.26 1.35
N LYS E 213 7.37 29.46 1.26
CA LYS E 213 7.84 28.71 2.43
C LYS E 213 8.27 29.67 3.54
N ILE E 214 8.93 30.77 3.16
CA ILE E 214 9.37 31.75 4.15
C ILE E 214 8.18 32.40 4.84
N ASP E 215 7.18 32.86 4.07
CA ASP E 215 5.99 33.43 4.69
C ASP E 215 5.31 32.44 5.61
N TYR E 216 5.28 31.15 5.24
CA TYR E 216 4.71 30.15 6.13
C TYR E 216 5.48 30.09 7.45
N ALA E 217 6.80 30.01 7.36
CA ALA E 217 7.60 29.95 8.58
C ALA E 217 7.36 31.18 9.45
N LEU E 218 7.35 32.37 8.83
CA LEU E 218 7.14 33.58 9.62
C LEU E 218 5.78 33.55 10.30
N SER E 219 4.76 32.97 9.64
CA SER E 219 3.42 32.89 10.21
C SER E 219 3.40 32.04 11.48
N LYS E 220 4.37 31.15 11.64
CA LYS E 220 4.47 30.32 12.83
CA LYS E 220 4.47 30.32 12.83
C LYS E 220 5.32 30.95 13.93
N GLY E 221 5.81 32.16 13.71
CA GLY E 221 6.48 32.92 14.75
C GLY E 221 7.97 32.73 14.87
N VAL E 222 8.62 32.05 13.91
CA VAL E 222 10.06 31.90 13.92
C VAL E 222 10.69 33.04 13.13
N ALA E 223 11.94 33.34 13.43
CA ALA E 223 12.70 34.39 12.77
C ALA E 223 13.60 33.77 11.71
N ILE E 224 13.73 34.47 10.59
CA ILE E 224 14.47 34.00 9.42
C ILE E 224 15.56 35.01 9.09
N PHE E 225 16.78 34.52 8.87
CA PHE E 225 17.91 35.34 8.45
C PHE E 225 18.46 34.72 7.17
N VAL E 226 18.51 35.48 6.09
CA VAL E 226 19.08 34.99 4.83
C VAL E 226 20.59 35.18 4.97
N THR E 227 21.27 34.21 5.58
CA THR E 227 22.70 34.36 5.81
C THR E 227 23.49 34.19 4.53
N GLU E 228 22.87 33.69 3.46
CA GLU E 228 23.59 33.57 2.19
C GLU E 228 22.60 33.59 1.04
N TRP E 229 22.86 34.43 0.04
CA TRP E 229 22.09 34.38 -1.21
C TRP E 229 22.98 34.83 -2.35
N GLY E 230 22.68 34.34 -3.55
CA GLY E 230 23.42 34.76 -4.72
C GLY E 230 22.50 35.25 -5.82
N THR E 231 23.07 36.11 -6.68
CA THR E 231 22.38 36.58 -7.90
C THR E 231 22.44 35.55 -9.01
N SER E 232 23.27 34.52 -8.87
CA SER E 232 23.47 33.46 -9.83
C SER E 232 22.41 32.37 -9.65
N ASP E 233 22.50 31.31 -10.44
CA ASP E 233 21.78 30.08 -10.15
C ASP E 233 22.46 29.39 -8.97
N ALA E 234 21.85 28.30 -8.50
CA ALA E 234 22.35 27.64 -7.29
C ALA E 234 23.78 27.16 -7.45
N SER E 235 24.17 26.77 -8.67
CA SER E 235 25.52 26.25 -8.89
C SER E 235 26.57 27.34 -8.96
N GLY E 236 26.18 28.61 -9.03
CA GLY E 236 27.13 29.69 -9.18
C GLY E 236 27.36 30.13 -10.59
N ASN E 237 26.46 29.80 -11.50
CA ASN E 237 26.59 30.15 -12.90
C ASN E 237 25.37 30.91 -13.37
N GLY E 238 25.49 31.46 -14.57
CA GLY E 238 24.38 32.11 -15.21
C GLY E 238 24.15 33.51 -14.69
N GLY E 239 23.42 34.28 -15.48
CA GLY E 239 23.07 35.61 -15.08
C GLY E 239 24.29 36.49 -15.00
N PRO E 240 24.36 37.33 -13.96
CA PRO E 240 23.44 37.39 -12.81
C PRO E 240 21.97 37.66 -13.17
N PHE E 241 21.07 37.14 -12.34
CA PHE E 241 19.63 37.21 -12.60
C PHE E 241 19.07 38.39 -11.82
N LEU E 242 19.19 39.58 -12.42
CA LEU E 242 18.97 40.80 -11.65
C LEU E 242 17.49 41.09 -11.42
N ASN E 243 16.60 40.79 -12.38
CA ASN E 243 15.18 40.99 -12.15
CA ASN E 243 15.17 40.98 -12.17
C ASN E 243 14.69 40.11 -11.00
N GLU E 244 15.04 38.82 -11.00
CA GLU E 244 14.61 37.96 -9.91
C GLU E 244 15.28 38.37 -8.61
N SER E 245 16.55 38.81 -8.68
CA SER E 245 17.22 39.28 -7.47
C SER E 245 16.49 40.47 -6.86
N GLN E 246 15.99 41.38 -7.71
CA GLN E 246 15.28 42.52 -7.19
C GLN E 246 13.98 42.08 -6.52
N LYS E 247 13.28 41.11 -7.10
CA LYS E 247 12.07 40.60 -6.45
C LYS E 247 12.40 40.07 -5.06
N TRP E 248 13.51 39.35 -4.93
CA TRP E 248 13.94 38.82 -3.64
C TRP E 248 14.30 39.94 -2.67
N ILE E 249 15.06 40.95 -3.13
CA ILE E 249 15.42 42.06 -2.24
C ILE E 249 14.17 42.82 -1.79
N ASP E 250 13.21 43.03 -2.70
CA ASP E 250 11.98 43.71 -2.30
C ASP E 250 11.20 42.88 -1.27
N PHE E 251 11.16 41.55 -1.46
CA PHE E 251 10.52 40.65 -0.51
C PHE E 251 11.19 40.73 0.85
N MET E 252 12.52 40.68 0.88
CA MET E 252 13.22 40.75 2.15
C MET E 252 13.01 42.09 2.84
N ASN E 253 12.97 43.18 2.07
CA ASN E 253 12.67 44.48 2.66
CA ASN E 253 12.67 44.48 2.66
C ASN E 253 11.27 44.49 3.26
N SER E 254 10.28 43.98 2.52
CA SER E 254 8.90 43.96 2.96
C SER E 254 8.73 43.15 4.24
N ARG E 255 9.44 42.01 4.34
CA ARG E 255 9.34 41.14 5.52
C ARG E 255 10.39 41.48 6.57
N ASN E 256 11.14 42.54 6.36
CA ASN E 256 12.23 42.96 7.25
C ASN E 256 13.17 41.79 7.59
N ILE E 257 13.61 41.09 6.55
CA ILE E 257 14.53 39.97 6.67
C ILE E 257 15.95 40.47 6.39
N SER E 258 16.87 40.16 7.28
CA SER E 258 18.27 40.51 7.11
C SER E 258 18.96 39.55 6.14
N TRP E 259 20.05 40.03 5.57
CA TRP E 259 20.72 39.24 4.55
C TRP E 259 22.18 39.53 4.34
N ALA E 260 22.90 38.50 3.85
CA ALA E 260 24.28 38.61 3.42
C ALA E 260 24.42 37.95 2.06
N ASN E 261 25.07 38.66 1.14
CA ASN E 261 25.24 38.20 -0.24
C ASN E 261 26.54 37.45 -0.44
N TRP E 262 26.48 36.36 -1.20
CA TRP E 262 27.66 35.58 -1.58
C TRP E 262 28.09 36.03 -2.96
N SER E 263 29.37 36.39 -3.14
CA SER E 263 30.44 36.40 -2.14
C SER E 263 31.39 37.57 -2.42
N LEU E 264 32.13 37.98 -1.39
CA LEU E 264 33.18 38.96 -1.52
C LEU E 264 34.47 38.24 -1.90
N SER E 265 34.61 37.99 -3.20
CA SER E 265 35.77 37.29 -3.73
C SER E 265 35.80 37.59 -5.22
N ASP E 266 36.89 37.15 -5.85
CA ASP E 266 37.05 37.20 -7.31
C ASP E 266 37.00 35.80 -7.92
N LYS E 267 36.36 34.86 -7.24
CA LYS E 267 36.12 33.52 -7.76
C LYS E 267 35.42 33.59 -9.10
N SER E 268 35.74 32.65 -9.98
CA SER E 268 35.11 32.61 -11.31
C SER E 268 33.72 31.95 -11.25
N GLU E 269 32.88 32.57 -10.42
N GLU E 269 32.84 32.57 -10.51
CA GLU E 269 31.45 32.29 -10.29
CA GLU E 269 31.43 32.23 -10.51
C GLU E 269 30.71 33.59 -10.60
C GLU E 269 30.66 33.53 -10.53
N THR E 270 29.50 33.50 -11.16
CA THR E 270 28.80 34.75 -11.49
C THR E 270 28.29 35.47 -10.25
N SER E 271 28.23 34.77 -9.10
CA SER E 271 27.85 35.40 -7.85
C SER E 271 28.99 36.19 -7.22
N ALA E 272 30.24 35.99 -7.65
CA ALA E 272 31.35 36.71 -7.04
C ALA E 272 31.21 38.19 -7.32
N ALA E 273 31.45 39.00 -6.29
CA ALA E 273 31.25 40.45 -6.38
C ALA E 273 32.41 41.18 -7.05
N LEU E 274 33.60 40.58 -7.09
CA LEU E 274 34.80 41.25 -7.54
C LEU E 274 35.34 40.62 -8.81
N MET E 275 36.00 41.44 -9.64
CA MET E 275 36.67 40.99 -10.84
C MET E 275 38.07 40.48 -10.50
N PRO E 276 38.57 39.53 -11.27
CA PRO E 276 39.94 39.04 -11.02
C PRO E 276 40.94 40.16 -10.82
N GLY E 277 41.75 40.04 -9.79
CA GLY E 277 42.76 41.02 -9.50
C GLY E 277 42.33 42.16 -8.59
N ALA E 278 41.06 42.23 -8.22
CA ALA E 278 40.61 43.30 -7.33
C ALA E 278 41.41 43.28 -6.05
N SER E 279 41.66 44.45 -5.50
CA SER E 279 42.52 44.54 -4.33
C SER E 279 41.92 43.80 -3.14
N PRO E 280 42.69 43.01 -2.40
CA PRO E 280 42.13 42.36 -1.21
C PRO E 280 41.78 43.35 -0.10
N THR E 281 42.26 44.60 -0.18
CA THR E 281 42.09 45.54 0.92
C THR E 281 41.08 46.65 0.59
N GLY E 282 40.28 46.46 -0.45
CA GLY E 282 39.22 47.40 -0.74
C GLY E 282 39.63 48.51 -1.70
N GLY E 283 38.84 49.59 -1.68
CA GLY E 283 39.06 50.71 -2.57
C GLY E 283 38.60 50.49 -3.98
N TRP E 284 37.67 49.56 -4.19
CA TRP E 284 37.37 49.09 -5.53
C TRP E 284 36.70 50.14 -6.39
N THR E 285 37.18 50.28 -7.62
CA THR E 285 36.53 51.08 -8.62
C THR E 285 35.43 50.26 -9.28
N ASP E 286 34.61 50.94 -10.08
CA ASP E 286 33.50 50.26 -10.76
C ASP E 286 34.01 49.09 -11.58
N SER E 287 35.16 49.24 -12.25
CA SER E 287 35.66 48.18 -13.11
C SER E 287 36.25 47.02 -12.31
N ASN E 288 36.49 47.20 -11.02
CA ASN E 288 36.88 46.09 -10.16
C ASN E 288 35.70 45.26 -9.69
N LEU E 289 34.46 45.71 -9.94
CA LEU E 289 33.27 45.01 -9.48
C LEU E 289 32.64 44.27 -10.65
N SER E 290 32.17 43.05 -10.40
CA SER E 290 31.41 42.31 -11.39
C SER E 290 30.01 42.92 -11.52
N ALA E 291 29.24 42.41 -12.48
CA ALA E 291 27.84 42.84 -12.58
C ALA E 291 27.10 42.54 -11.29
N SER E 292 27.34 41.38 -10.70
CA SER E 292 26.72 41.07 -9.42
C SER E 292 27.14 42.08 -8.35
N GLY E 293 28.45 42.33 -8.23
CA GLY E 293 28.93 43.27 -7.22
C GLY E 293 28.35 44.66 -7.37
N LYS E 294 28.30 45.18 -8.59
CA LYS E 294 27.74 46.51 -8.79
C LYS E 294 26.29 46.56 -8.34
N PHE E 295 25.52 45.52 -8.66
CA PHE E 295 24.11 45.47 -8.28
C PHE E 295 23.95 45.40 -6.77
N VAL E 296 24.70 44.53 -6.11
CA VAL E 296 24.52 44.34 -4.68
C VAL E 296 24.97 45.59 -3.93
N ARG E 297 26.09 46.19 -4.36
CA ARG E 297 26.54 47.46 -3.76
C ARG E 297 25.45 48.53 -3.86
N GLU E 298 24.86 48.68 -5.05
CA GLU E 298 23.79 49.67 -5.23
CA GLU E 298 23.79 49.67 -5.22
C GLU E 298 22.63 49.39 -4.27
N GLN E 299 22.26 48.12 -4.10
CA GLN E 299 21.11 47.77 -3.27
C GLN E 299 21.39 48.01 -1.80
N ILE E 300 22.62 47.78 -1.34
CA ILE E 300 22.93 48.01 0.06
C ILE E 300 22.98 49.51 0.34
N ARG E 301 23.50 50.28 -0.61
CA ARG E 301 23.57 51.73 -0.46
C ARG E 301 22.20 52.38 -0.40
N ARG E 302 21.14 51.73 -0.90
CA ARG E 302 19.79 52.26 -0.78
CA ARG E 302 19.79 52.26 -0.78
C ARG E 302 19.34 52.18 0.67
N SER E 303 18.69 53.23 1.15
CA SER E 303 18.18 53.22 2.52
C SER E 303 17.25 54.40 2.78
N HIS F 1 -6.35 -9.20 32.64
CA HIS F 1 -6.37 -7.95 33.47
C HIS F 1 -5.16 -7.98 34.39
N HIS F 2 -4.73 -6.79 34.81
CA HIS F 2 -3.59 -6.65 35.72
C HIS F 2 -3.69 -5.31 36.41
N GLY F 3 -3.00 -5.18 37.54
CA GLY F 3 -2.90 -3.89 38.19
C GLY F 3 -2.09 -2.92 37.35
N SER F 4 -2.64 -1.74 37.07
CA SER F 4 -1.89 -0.80 36.25
C SER F 4 -0.69 -0.28 37.04
N THR F 5 0.40 -0.02 36.33
CA THR F 5 1.57 0.58 36.96
C THR F 5 1.75 2.04 36.53
N PRO F 6 2.51 2.80 37.31
CA PRO F 6 2.73 4.21 36.93
C PRO F 6 3.34 4.38 35.54
N VAL F 7 4.36 3.60 35.22
CA VAL F 7 5.08 3.80 33.95
C VAL F 7 4.27 3.28 32.78
N GLU F 8 3.54 2.19 32.98
CA GLU F 8 2.60 1.74 31.97
C GLU F 8 1.57 2.82 31.66
N THR F 9 1.16 3.57 32.67
CA THR F 9 0.15 4.59 32.51
C THR F 9 0.72 5.86 31.89
N HIS F 10 1.88 6.30 32.35
CA HIS F 10 2.42 7.61 32.03
C HIS F 10 3.63 7.62 31.12
N GLY F 11 4.34 6.52 30.98
CA GLY F 11 5.43 6.43 30.02
C GLY F 11 6.53 7.46 30.19
N GLN F 12 7.03 7.93 29.05
CA GLN F 12 8.10 8.92 29.05
C GLN F 12 7.60 10.27 29.56
N LEU F 13 8.27 10.80 30.56
CA LEU F 13 7.89 12.10 31.11
C LEU F 13 8.67 13.21 30.41
N SER F 14 8.10 14.41 30.43
CA SER F 14 8.80 15.57 29.90
C SER F 14 8.32 16.80 30.67
N VAL F 15 9.00 17.91 30.44
CA VAL F 15 8.64 19.19 31.02
C VAL F 15 8.07 20.04 29.90
N LYS F 16 6.82 20.47 30.05
CA LYS F 16 6.16 21.32 29.07
CA LYS F 16 6.17 21.32 29.06
C LYS F 16 5.49 22.47 29.78
N GLY F 17 5.79 23.69 29.36
CA GLY F 17 5.20 24.87 29.99
C GLY F 17 5.46 24.94 31.48
N GLY F 18 6.65 24.54 31.90
CA GLY F 18 7.01 24.55 33.30
C GLY F 18 6.40 23.46 34.15
N GLN F 19 5.81 22.45 33.54
CA GLN F 19 5.07 21.42 34.26
CA GLN F 19 5.06 21.43 34.24
C GLN F 19 5.55 20.04 33.84
N LEU F 20 5.53 19.12 34.79
CA LEU F 20 5.75 17.71 34.50
C LEU F 20 4.52 17.14 33.80
N VAL F 21 4.72 16.56 32.61
CA VAL F 21 3.64 15.93 31.88
C VAL F 21 4.06 14.53 31.45
N ASP F 22 3.07 13.70 31.10
CA ASP F 22 3.33 12.33 30.72
C ASP F 22 3.39 12.20 29.19
N GLU F 23 3.51 10.96 28.72
CA GLU F 23 3.72 10.72 27.30
C GLU F 23 2.46 11.00 26.48
N ASN F 24 1.31 11.10 27.15
CA ASN F 24 0.07 11.54 26.51
C ASN F 24 -0.14 13.06 26.59
N GLY F 25 0.85 13.77 27.10
CA GLY F 25 0.79 15.21 27.27
C GLY F 25 0.00 15.70 28.46
N LYS F 26 -0.40 14.80 29.36
N LYS F 26 -0.38 14.82 29.38
CA LYS F 26 -1.24 15.22 30.48
CA LYS F 26 -1.24 15.18 30.48
C LYS F 26 -0.37 15.52 31.70
C LYS F 26 -0.42 15.47 31.73
N PRO F 27 -0.71 16.55 32.47
CA PRO F 27 0.03 16.80 33.71
C PRO F 27 -0.02 15.56 34.60
N VAL F 28 1.08 15.29 35.28
CA VAL F 28 1.21 14.12 36.14
C VAL F 28 1.97 14.57 37.38
N GLN F 29 1.53 14.06 38.53
CA GLN F 29 2.20 14.30 39.80
C GLN F 29 2.75 12.97 40.31
N LEU F 30 4.06 12.93 40.55
CA LEU F 30 4.66 11.79 41.23
C LEU F 30 4.68 12.05 42.74
N ARG F 31 4.39 11.02 43.51
CA ARG F 31 4.44 11.08 44.97
C ARG F 31 5.04 9.78 45.46
N GLY F 32 6.09 9.89 46.26
CA GLY F 32 6.74 8.70 46.74
C GLY F 32 7.67 8.90 47.90
N MET F 33 8.65 8.01 48.00
CA MET F 33 9.56 7.98 49.13
C MET F 33 11.01 8.04 48.65
N SER F 34 11.86 8.64 49.49
CA SER F 34 13.29 8.57 49.34
C SER F 34 13.87 7.59 50.35
N SER F 35 14.82 6.78 49.90
CA SER F 35 15.67 6.06 50.82
C SER F 35 16.44 7.04 51.70
N HIS F 36 17.00 6.53 52.80
CA HIS F 36 18.09 7.21 53.50
C HIS F 36 19.39 6.84 52.76
N GLY F 37 20.53 7.20 53.33
CA GLY F 37 21.80 6.91 52.71
C GLY F 37 22.01 5.42 52.43
N LEU F 38 22.39 5.10 51.20
CA LEU F 38 22.53 3.70 50.81
C LEU F 38 23.66 2.98 51.54
N GLN F 39 24.63 3.73 52.06
CA GLN F 39 25.71 3.12 52.80
C GLN F 39 25.30 2.69 54.21
N TRP F 40 24.14 3.13 54.69
CA TRP F 40 23.67 2.80 56.02
C TRP F 40 22.33 2.07 56.05
N PHE F 41 21.42 2.39 55.13
CA PHE F 41 20.04 1.91 55.14
C PHE F 41 19.67 1.32 53.79
N GLY F 42 20.67 0.83 53.06
CA GLY F 42 20.42 0.22 51.77
C GLY F 42 19.58 -1.03 51.85
N ASP F 43 19.58 -1.72 53.00
CA ASP F 43 18.81 -2.97 53.07
C ASP F 43 17.31 -2.74 52.85
N PHE F 44 16.82 -1.52 53.12
CA PHE F 44 15.42 -1.17 52.89
C PHE F 44 15.11 -0.89 51.44
N VAL F 45 16.11 -0.94 50.56
CA VAL F 45 15.95 -0.66 49.13
C VAL F 45 16.10 -1.97 48.40
N ASN F 46 15.01 -2.48 47.83
CA ASN F 46 15.01 -3.77 47.16
C ASN F 46 13.66 -3.91 46.46
N LYS F 47 13.54 -4.92 45.62
CA LYS F 47 12.34 -5.04 44.81
C LYS F 47 11.11 -5.31 45.68
N ASP F 48 11.28 -6.05 46.78
CA ASP F 48 10.13 -6.36 47.62
C ASP F 48 9.59 -5.12 48.34
N SER F 49 10.48 -4.32 48.94
CA SER F 49 10.00 -3.13 49.62
C SER F 49 9.44 -2.12 48.62
N MET F 50 10.04 -2.03 47.43
CA MET F 50 9.51 -1.12 46.43
CA MET F 50 9.52 -1.13 46.42
C MET F 50 8.14 -1.55 45.94
N LYS F 51 7.94 -2.86 45.76
CA LYS F 51 6.62 -3.34 45.37
C LYS F 51 5.60 -3.11 46.48
N TRP F 52 6.00 -3.33 47.73
CA TRP F 52 5.11 -3.08 48.84
C TRP F 52 4.70 -1.60 48.88
N LEU F 53 5.66 -0.70 48.68
CA LEU F 53 5.31 0.71 48.66
C LEU F 53 4.38 1.03 47.51
N ARG F 54 4.62 0.43 46.34
CA ARG F 54 3.75 0.66 45.19
C ARG F 54 2.33 0.20 45.49
N ASP F 55 2.19 -1.02 46.04
CA ASP F 55 0.87 -1.62 46.15
C ASP F 55 0.13 -1.18 47.41
N ASP F 56 0.84 -1.06 48.54
CA ASP F 56 0.19 -0.75 49.80
C ASP F 56 0.18 0.74 50.12
N TRP F 57 1.21 1.50 49.74
CA TRP F 57 1.21 2.93 49.97
C TRP F 57 0.77 3.73 48.75
N GLY F 58 0.77 3.12 47.57
CA GLY F 58 0.43 3.83 46.35
C GLY F 58 1.51 4.72 45.77
N ILE F 59 2.79 4.48 46.10
CA ILE F 59 3.81 5.38 45.57
C ILE F 59 3.95 5.12 44.06
N ASN F 60 4.40 6.14 43.33
CA ASN F 60 4.74 5.97 41.93
C ASN F 60 6.15 6.43 41.60
N VAL F 61 6.94 6.83 42.60
CA VAL F 61 8.34 7.18 42.41
C VAL F 61 9.13 6.77 43.65
N PHE F 62 10.35 6.31 43.45
CA PHE F 62 11.23 5.96 44.56
C PHE F 62 12.58 6.58 44.32
N ARG F 63 13.11 7.31 45.30
CA ARG F 63 14.38 7.99 45.19
C ARG F 63 15.45 7.24 45.96
N VAL F 64 16.61 7.03 45.31
CA VAL F 64 17.74 6.37 45.96
C VAL F 64 18.80 7.41 46.25
N ALA F 65 19.03 7.63 47.55
CA ALA F 65 19.93 8.68 48.04
C ALA F 65 21.34 8.12 48.16
N MET F 66 22.10 8.21 47.07
CA MET F 66 23.48 7.72 47.04
C MET F 66 24.37 8.85 47.52
N TYR F 67 24.56 8.94 48.84
CA TYR F 67 25.54 9.86 49.38
C TYR F 67 26.88 9.64 48.69
N THR F 68 27.59 10.75 48.47
CA THR F 68 28.97 10.76 48.00
C THR F 68 29.93 10.67 49.17
N ALA F 69 29.77 11.56 50.14
CA ALA F 69 30.61 11.61 51.32
C ALA F 69 30.02 10.75 52.45
N GLU F 70 30.56 10.89 53.66
CA GLU F 70 30.09 10.16 54.84
C GLU F 70 30.03 8.64 54.60
N GLY F 71 31.09 8.11 54.01
CA GLY F 71 31.16 6.69 53.76
C GLY F 71 30.37 6.23 52.55
N GLY F 72 29.92 7.16 51.72
CA GLY F 72 29.19 6.82 50.51
C GLY F 72 30.10 6.51 49.34
N TYR F 73 29.61 6.88 48.16
CA TYR F 73 30.17 6.37 46.91
C TYR F 73 31.63 6.73 46.74
N ILE F 74 32.04 7.91 47.19
CA ILE F 74 33.42 8.33 46.95
C ILE F 74 34.43 7.39 47.59
N THR F 75 34.14 6.90 48.80
CA THR F 75 35.07 5.98 49.43
C THR F 75 34.66 4.52 49.27
N ASN F 76 33.40 4.24 48.98
N ASN F 76 33.38 4.27 49.04
CA ASN F 76 32.87 2.88 48.91
CA ASN F 76 32.80 2.92 48.93
C ASN F 76 31.95 2.79 47.71
C ASN F 76 31.95 2.98 47.67
N PRO F 77 32.51 2.64 46.51
CA PRO F 77 31.67 2.66 45.30
C PRO F 77 30.70 1.49 45.18
N SER F 78 30.75 0.51 46.08
CA SER F 78 29.83 -0.62 45.97
C SER F 78 28.37 -0.20 46.13
N VAL F 79 28.10 0.98 46.70
CA VAL F 79 26.72 1.45 46.80
C VAL F 79 26.09 1.59 45.41
N LYS F 80 26.92 1.75 44.37
CA LYS F 80 26.37 1.77 43.02
C LYS F 80 25.59 0.49 42.71
N ASN F 81 25.99 -0.64 43.29
CA ASN F 81 25.23 -1.86 43.09
C ASN F 81 23.80 -1.72 43.60
N LYS F 82 23.63 -0.99 44.71
CA LYS F 82 22.29 -0.78 45.26
C LYS F 82 21.48 0.13 44.35
N VAL F 83 22.12 1.16 43.76
CA VAL F 83 21.44 1.98 42.76
C VAL F 83 20.94 1.12 41.60
N LYS F 84 21.80 0.25 41.08
CA LYS F 84 21.41 -0.61 39.96
C LYS F 84 20.28 -1.55 40.36
N GLU F 85 20.34 -2.11 41.57
CA GLU F 85 19.28 -2.97 42.04
C GLU F 85 17.95 -2.23 42.06
N ALA F 86 17.96 -1.00 42.56
CA ALA F 86 16.72 -0.24 42.65
C ALA F 86 16.19 0.13 41.26
N VAL F 87 17.06 0.54 40.35
CA VAL F 87 16.59 0.90 39.02
C VAL F 87 15.98 -0.30 38.33
N GLU F 88 16.64 -1.46 38.45
CA GLU F 88 16.12 -2.66 37.79
C GLU F 88 14.80 -3.11 38.41
N ALA F 89 14.68 -2.96 39.75
CA ALA F 89 13.39 -3.23 40.39
C ALA F 89 12.32 -2.29 39.87
N ALA F 90 12.66 -0.99 39.73
CA ALA F 90 11.69 -0.02 39.24
C ALA F 90 11.24 -0.37 37.83
N ILE F 91 12.16 -0.85 36.98
CA ILE F 91 11.81 -1.25 35.63
C ILE F 91 10.84 -2.43 35.67
N ASP F 92 11.15 -3.43 36.50
CA ASP F 92 10.29 -4.59 36.61
C ASP F 92 8.88 -4.21 37.09
N LEU F 93 8.81 -3.27 38.02
CA LEU F 93 7.57 -2.88 38.69
C LEU F 93 6.84 -1.71 38.06
N GLY F 94 7.36 -1.17 36.97
CA GLY F 94 6.71 -0.03 36.34
C GLY F 94 6.70 1.23 37.19
N MET F 95 7.79 1.46 37.93
CA MET F 95 7.89 2.61 38.81
CA MET F 95 7.95 2.57 38.85
C MET F 95 8.93 3.59 38.31
N TYR F 96 8.70 4.88 38.61
CA TYR F 96 9.73 5.89 38.35
C TYR F 96 10.75 5.82 39.46
N VAL F 97 12.01 6.13 39.11
CA VAL F 97 13.14 6.01 40.03
C VAL F 97 14.05 7.21 39.87
N ILE F 98 14.38 7.86 40.99
CA ILE F 98 15.28 9.01 41.00
C ILE F 98 16.64 8.55 41.47
N ILE F 99 17.65 8.74 40.62
CA ILE F 99 19.04 8.46 40.97
C ILE F 99 19.67 9.73 41.51
N ASP F 100 19.86 9.80 42.82
CA ASP F 100 20.25 11.02 43.52
C ASP F 100 21.72 10.96 43.93
N TRP F 101 22.53 11.81 43.29
CA TRP F 101 23.91 12.09 43.67
C TRP F 101 23.85 12.99 44.91
N HIS F 102 23.94 12.37 46.09
CA HIS F 102 23.45 13.01 47.32
C HIS F 102 24.59 13.70 48.04
N ILE F 103 24.96 14.87 47.53
CA ILE F 103 25.92 15.74 48.18
C ILE F 103 25.22 16.41 49.35
N LEU F 104 26.00 16.70 50.40
CA LEU F 104 25.47 17.39 51.58
C LEU F 104 26.63 18.03 52.34
N SER F 105 27.41 17.24 53.06
CA SER F 105 28.57 17.81 53.75
C SER F 105 29.61 18.30 52.75
N ASP F 106 29.71 17.61 51.62
CA ASP F 106 30.42 18.08 50.43
C ASP F 106 29.49 19.06 49.71
N ASN F 107 29.48 20.29 50.19
CA ASN F 107 28.43 21.25 49.87
C ASN F 107 28.56 21.87 48.49
N ASP F 108 29.70 21.71 47.82
CA ASP F 108 29.92 22.21 46.47
C ASP F 108 29.88 21.02 45.52
N PRO F 109 28.96 20.98 44.55
CA PRO F 109 28.92 19.81 43.63
C PRO F 109 30.18 19.68 42.81
N ASN F 110 30.98 20.73 42.67
CA ASN F 110 32.19 20.61 41.87
C ASN F 110 33.27 19.78 42.52
N THR F 111 33.17 19.52 43.83
CA THR F 111 34.22 18.79 44.52
C THR F 111 34.44 17.42 43.91
N TYR F 112 33.36 16.71 43.54
CA TYR F 112 33.45 15.38 42.97
C TYR F 112 32.86 15.35 41.57
N LYS F 113 33.07 16.42 40.79
CA LYS F 113 32.43 16.55 39.49
CA LYS F 113 32.43 16.55 39.49
C LYS F 113 32.90 15.47 38.51
N GLU F 114 34.18 15.12 38.55
N GLU F 114 34.18 15.10 38.53
CA GLU F 114 34.69 14.09 37.65
CA GLU F 114 34.63 14.09 37.57
C GLU F 114 34.03 12.74 37.94
C GLU F 114 34.08 12.71 37.92
N GLN F 115 33.92 12.39 39.22
CA GLN F 115 33.26 11.16 39.60
C GLN F 115 31.79 11.21 39.25
N ALA F 116 31.15 12.38 39.41
CA ALA F 116 29.73 12.51 39.10
C ALA F 116 29.48 12.32 37.61
N LYS F 117 30.32 12.95 36.78
CA LYS F 117 30.18 12.81 35.33
CA LYS F 117 30.19 12.81 35.33
C LYS F 117 30.29 11.34 34.92
N ALA F 118 31.32 10.64 35.41
CA ALA F 118 31.49 9.24 35.06
C ALA F 118 30.32 8.40 35.53
N PHE F 119 29.83 8.65 36.75
CA PHE F 119 28.72 7.87 37.30
C PHE F 119 27.46 8.06 36.47
N PHE F 120 27.13 9.33 36.19
CA PHE F 120 25.92 9.61 35.42
C PHE F 120 26.05 9.14 33.98
N GLN F 121 27.25 9.23 33.39
CA GLN F 121 27.44 8.65 32.07
C GLN F 121 27.13 7.16 32.08
N GLU F 122 27.63 6.47 33.10
CA GLU F 122 27.42 5.03 33.20
C GLU F 122 25.94 4.70 33.37
N MET F 123 25.25 5.42 34.26
CA MET F 123 23.83 5.14 34.47
C MET F 123 23.02 5.44 33.21
N ALA F 124 23.31 6.55 32.54
CA ALA F 124 22.58 6.90 31.33
C ALA F 124 22.85 5.94 30.18
N ALA F 125 24.07 5.42 30.09
CA ALA F 125 24.37 4.46 29.03
C ALA F 125 23.62 3.15 29.27
N LYS F 126 23.50 2.73 30.53
CA LYS F 126 22.87 1.46 30.82
C LYS F 126 21.35 1.56 30.79
N TYR F 127 20.81 2.64 31.35
CA TYR F 127 19.39 2.70 31.64
C TYR F 127 18.65 3.81 30.93
N GLY F 128 19.34 4.60 30.09
CA GLY F 128 18.78 5.82 29.53
C GLY F 128 17.62 5.61 28.59
N ASN F 129 17.45 4.41 28.04
CA ASN F 129 16.32 4.15 27.16
CA ASN F 129 16.32 4.14 27.15
C ASN F 129 15.04 3.80 27.90
N TYR F 130 15.07 3.72 29.23
CA TYR F 130 13.89 3.40 30.02
C TYR F 130 13.25 4.67 30.52
N PRO F 131 11.93 4.83 30.38
CA PRO F 131 11.28 6.05 30.85
C PRO F 131 11.24 6.17 32.37
N ASN F 132 11.61 5.10 33.08
CA ASN F 132 11.53 5.13 34.53
C ASN F 132 12.53 6.08 35.16
N VAL F 133 13.62 6.40 34.47
CA VAL F 133 14.78 6.99 35.10
C VAL F 133 14.67 8.51 35.13
N ILE F 134 14.93 9.07 36.31
CA ILE F 134 15.06 10.50 36.54
C ILE F 134 16.40 10.70 37.24
N TYR F 135 17.18 11.68 36.78
CA TYR F 135 18.49 11.92 37.35
C TYR F 135 18.44 13.15 38.24
N GLU F 136 19.08 13.07 39.40
CA GLU F 136 19.14 14.20 40.35
C GLU F 136 20.64 14.42 40.61
N ILE F 137 21.22 15.45 39.99
CA ILE F 137 22.66 15.52 39.82
C ILE F 137 23.39 16.13 41.02
N CYS F 138 22.70 16.79 41.96
CA CYS F 138 23.38 17.32 43.15
C CYS F 138 22.33 17.68 44.22
N ASN F 139 22.05 16.75 45.06
CA ASN F 139 21.04 16.87 46.14
C ASN F 139 20.93 18.26 46.76
N GLU F 140 21.92 18.70 47.50
CA GLU F 140 21.82 19.95 48.25
C GLU F 140 23.11 20.73 48.24
N PRO F 141 23.33 21.55 47.21
CA PRO F 141 24.30 22.65 47.34
C PRO F 141 23.95 23.44 48.59
N ASN F 142 24.97 23.86 49.33
CA ASN F 142 24.72 24.65 50.53
C ASN F 142 25.98 25.42 50.93
N GLY F 143 25.83 26.25 51.95
CA GLY F 143 26.96 26.96 52.50
C GLY F 143 27.64 27.94 51.57
N GLY F 144 26.85 28.77 50.91
CA GLY F 144 27.46 29.86 50.17
C GLY F 144 27.90 29.50 48.78
N VAL F 145 27.70 28.25 48.39
CA VAL F 145 27.82 27.79 47.02
C VAL F 145 26.69 28.45 46.22
N THR F 146 27.06 29.15 45.14
CA THR F 146 26.09 29.94 44.41
C THR F 146 25.64 29.28 43.11
N TRP F 147 24.50 29.75 42.61
CA TRP F 147 23.94 29.24 41.36
C TRP F 147 24.83 29.58 40.16
N SER F 148 25.09 30.87 39.95
CA SER F 148 25.80 31.28 38.74
CA SER F 148 25.79 31.27 38.74
C SER F 148 27.24 30.82 38.71
N ASN F 149 27.91 30.77 39.86
CA ASN F 149 29.34 30.51 39.86
C ASN F 149 29.73 29.07 40.15
N GLN F 150 28.88 28.30 40.82
CA GLN F 150 29.17 26.92 41.16
C GLN F 150 28.19 25.93 40.56
N ILE F 151 26.89 26.10 40.78
CA ILE F 151 25.95 25.04 40.41
C ILE F 151 25.72 25.00 38.90
N LYS F 152 25.48 26.17 38.29
CA LYS F 152 25.27 26.21 36.85
C LYS F 152 26.47 25.64 36.11
N PRO F 153 27.71 26.06 36.39
CA PRO F 153 28.86 25.43 35.70
C PRO F 153 28.94 23.92 35.92
N TYR F 154 28.64 23.43 37.11
CA TYR F 154 28.61 21.99 37.33
C TYR F 154 27.60 21.33 36.42
N ALA F 155 26.37 21.87 36.37
CA ALA F 155 25.34 21.29 35.53
C ALA F 155 25.71 21.38 34.05
N GLU F 156 26.38 22.46 33.64
CA GLU F 156 26.82 22.61 32.25
C GLU F 156 27.81 21.55 31.83
N GLU F 157 28.44 20.86 32.78
CA GLU F 157 29.31 19.74 32.44
CA GLU F 157 29.32 19.73 32.46
C GLU F 157 28.60 18.40 32.57
N VAL F 158 27.81 18.20 33.62
CA VAL F 158 27.15 16.90 33.84
C VAL F 158 25.99 16.69 32.87
N ILE F 159 25.16 17.71 32.64
CA ILE F 159 23.99 17.51 31.79
C ILE F 159 24.38 17.04 30.39
N PRO F 160 25.34 17.68 29.71
CA PRO F 160 25.70 17.16 28.38
C PRO F 160 26.22 15.73 28.43
N ALA F 161 26.90 15.35 29.51
CA ALA F 161 27.39 13.98 29.62
C ALA F 161 26.24 12.97 29.68
N ILE F 162 25.19 13.30 30.43
CA ILE F 162 24.00 12.47 30.44
C ILE F 162 23.33 12.49 29.08
N ARG F 163 23.14 13.68 28.50
N ARG F 163 23.14 13.69 28.50
CA ARG F 163 22.34 13.82 27.29
CA ARG F 163 22.34 13.81 27.28
C ARG F 163 22.98 13.15 26.07
C ARG F 163 22.97 13.07 26.11
N ALA F 164 24.30 12.97 26.08
CA ALA F 164 24.94 12.23 25.00
C ALA F 164 24.48 10.77 24.96
N ASN F 165 24.06 10.24 26.10
CA ASN F 165 23.61 8.86 26.22
C ASN F 165 22.10 8.72 26.40
N ASP F 166 21.42 9.77 26.88
CA ASP F 166 20.00 9.71 27.22
C ASP F 166 19.44 11.09 26.91
N PRO F 167 18.93 11.27 25.69
CA PRO F 167 18.57 12.63 25.26
C PRO F 167 17.31 13.20 25.89
N ASP F 168 16.47 12.39 26.55
CA ASP F 168 15.14 12.88 26.90
C ASP F 168 14.70 12.75 28.35
N ASN F 169 15.31 11.87 29.16
N ASN F 169 15.33 11.89 29.15
CA ASN F 169 14.82 11.71 30.52
CA ASN F 169 14.87 11.71 30.53
C ASN F 169 15.13 12.96 31.36
C ASN F 169 15.14 12.96 31.36
N ILE F 170 14.28 13.17 32.36
CA ILE F 170 14.34 14.37 33.17
C ILE F 170 15.59 14.41 34.03
N ILE F 171 16.20 15.59 34.08
CA ILE F 171 17.30 15.88 35.00
C ILE F 171 16.86 16.97 35.97
N ILE F 172 17.11 16.73 37.25
CA ILE F 172 16.75 17.65 38.33
C ILE F 172 18.02 18.20 38.93
N VAL F 173 18.11 19.54 38.99
CA VAL F 173 19.29 20.25 39.46
C VAL F 173 19.01 20.91 40.80
N GLY F 174 19.87 20.64 41.78
CA GLY F 174 19.76 21.26 43.08
C GLY F 174 20.02 22.76 43.04
N THR F 175 19.53 23.45 44.07
CA THR F 175 19.62 24.90 44.16
C THR F 175 20.30 25.34 45.45
N PRO F 176 20.69 26.62 45.56
CA PRO F 176 21.45 27.05 46.75
C PRO F 176 20.65 26.94 48.04
N THR F 177 21.39 26.93 49.15
CA THR F 177 20.83 26.95 50.50
C THR F 177 19.99 25.70 50.76
N TRP F 178 20.65 24.54 50.61
CA TRP F 178 20.01 23.24 50.78
C TRP F 178 18.79 23.06 49.85
N SER F 179 18.97 23.46 48.59
CA SER F 179 17.93 23.39 47.58
C SER F 179 16.67 24.13 48.03
N GLN F 180 16.85 25.35 48.52
CA GLN F 180 15.73 26.25 48.76
C GLN F 180 15.63 27.38 47.74
N ASP F 181 16.75 27.83 47.18
CA ASP F 181 16.79 29.10 46.47
C ASP F 181 16.44 28.93 44.99
N VAL F 182 15.19 28.48 44.78
CA VAL F 182 14.72 28.22 43.44
C VAL F 182 14.56 29.51 42.64
N HIS F 183 14.49 30.67 43.30
CA HIS F 183 14.42 31.92 42.58
C HIS F 183 15.69 32.17 41.76
N ASP F 184 16.84 31.69 42.24
CA ASP F 184 18.06 31.87 41.46
C ASP F 184 17.98 31.10 40.14
N ALA F 185 17.43 29.88 40.19
CA ALA F 185 17.26 29.11 38.97
C ALA F 185 16.19 29.74 38.08
N ALA F 186 15.11 30.21 38.69
CA ALA F 186 14.04 30.85 37.90
C ALA F 186 14.56 32.06 37.15
N ASP F 187 15.46 32.83 37.76
CA ASP F 187 15.97 34.06 37.16
C ASP F 187 17.16 33.81 36.22
N ASN F 188 17.73 32.62 36.22
CA ASN F 188 18.91 32.32 35.40
C ASN F 188 18.87 30.85 35.06
N PRO F 189 17.84 30.40 34.35
CA PRO F 189 17.67 28.96 34.13
C PRO F 189 18.71 28.39 33.18
N LEU F 190 18.90 27.07 33.32
CA LEU F 190 19.66 26.31 32.34
C LEU F 190 18.87 26.12 31.06
N PRO F 191 19.50 26.13 29.91
CA PRO F 191 18.73 26.16 28.66
C PRO F 191 18.24 24.83 28.07
N TYR F 192 18.53 23.75 28.75
CA TYR F 192 18.24 22.44 28.22
CA TYR F 192 18.24 22.42 28.25
C TYR F 192 16.76 22.09 28.41
N SER F 193 16.26 21.23 27.53
CA SER F 193 14.91 20.73 27.68
C SER F 193 14.86 19.70 28.80
N ASN F 194 13.68 19.53 29.37
CA ASN F 194 13.39 18.48 30.34
C ASN F 194 14.29 18.57 31.58
N ILE F 195 14.47 19.78 32.07
CA ILE F 195 15.18 20.07 33.32
C ILE F 195 14.16 20.53 34.35
N MET F 196 14.35 20.14 35.59
CA MET F 196 13.60 20.68 36.72
C MET F 196 14.60 21.08 37.81
N TYR F 197 14.13 21.88 38.76
CA TYR F 197 14.95 22.39 39.85
C TYR F 197 14.40 21.90 41.18
N ALA F 198 15.30 21.48 42.07
CA ALA F 198 14.91 20.88 43.33
C ALA F 198 14.54 21.93 44.36
N LEU F 199 13.51 21.64 45.13
CA LEU F 199 13.12 22.37 46.32
C LEU F 199 12.99 21.36 47.45
N HIS F 200 13.69 21.60 48.55
CA HIS F 200 13.60 20.77 49.74
C HIS F 200 13.07 21.57 50.91
N PHE F 201 12.07 21.03 51.59
CA PHE F 201 11.51 21.68 52.76
C PHE F 201 11.36 20.68 53.91
N TYR F 202 11.30 21.23 55.12
CA TYR F 202 11.03 20.45 56.34
C TYR F 202 9.96 21.21 57.10
N ALA F 203 8.84 20.55 57.36
CA ALA F 203 7.63 21.23 57.82
C ALA F 203 7.80 21.95 59.17
N GLY F 204 8.76 21.53 59.98
CA GLY F 204 8.99 22.21 61.25
C GLY F 204 9.81 23.48 61.16
N THR F 205 10.34 23.77 59.99
CA THR F 205 11.20 24.91 59.73
C THR F 205 10.73 25.82 58.63
N HIS F 206 10.05 25.28 57.63
CA HIS F 206 9.65 26.03 56.45
C HIS F 206 8.14 26.03 56.28
N GLY F 207 7.61 27.19 55.92
CA GLY F 207 6.19 27.40 55.79
C GLY F 207 5.82 28.27 54.62
N GLN F 208 4.91 29.22 54.85
CA GLN F 208 4.29 29.94 53.74
C GLN F 208 5.29 30.75 52.94
N SER F 209 6.32 31.31 53.58
CA SER F 209 7.28 32.13 52.84
C SER F 209 8.01 31.31 51.77
N LEU F 210 8.27 30.03 52.03
CA LEU F 210 8.92 29.19 51.02
C LEU F 210 7.92 28.79 49.93
N ARG F 211 6.66 28.55 50.28
CA ARG F 211 5.64 28.35 49.26
C ARG F 211 5.54 29.56 48.35
N ASP F 212 5.61 30.77 48.92
CA ASP F 212 5.55 31.96 48.10
C ASP F 212 6.74 32.04 47.14
N LYS F 213 7.94 31.67 47.63
N LYS F 213 7.93 31.65 47.61
CA LYS F 213 9.12 31.65 46.76
CA LYS F 213 9.09 31.66 46.74
C LYS F 213 8.94 30.63 45.62
C LYS F 213 8.96 30.62 45.62
N ILE F 214 8.34 29.48 45.91
CA ILE F 214 8.05 28.49 44.87
C ILE F 214 7.12 29.09 43.81
N ASP F 215 6.04 29.76 44.25
CA ASP F 215 5.13 30.37 43.30
C ASP F 215 5.85 31.38 42.42
N TYR F 216 6.79 32.14 43.00
CA TYR F 216 7.58 33.07 42.18
C TYR F 216 8.31 32.31 41.08
N ALA F 217 9.00 31.23 41.46
CA ALA F 217 9.77 30.48 40.47
C ALA F 217 8.87 29.93 39.39
N LEU F 218 7.71 29.36 39.78
CA LEU F 218 6.79 28.83 38.79
C LEU F 218 6.33 29.91 37.83
N SER F 219 6.14 31.14 38.33
CA SER F 219 5.68 32.24 37.48
C SER F 219 6.71 32.62 36.42
N LYS F 220 7.95 32.19 36.58
CA LYS F 220 8.99 32.43 35.58
C LYS F 220 9.13 31.27 34.59
N GLY F 221 8.30 30.23 34.71
CA GLY F 221 8.24 29.19 33.71
C GLY F 221 9.16 28.02 33.94
N VAL F 222 9.81 27.96 35.09
CA VAL F 222 10.67 26.82 35.42
C VAL F 222 9.85 25.79 36.17
N ALA F 223 10.28 24.54 36.11
CA ALA F 223 9.60 23.43 36.76
C ALA F 223 10.32 23.07 38.07
N ILE F 224 9.53 22.74 39.09
CA ILE F 224 10.03 22.46 40.43
C ILE F 224 9.62 21.05 40.83
N PHE F 225 10.58 20.27 41.34
CA PHE F 225 10.33 18.93 41.89
C PHE F 225 10.84 18.95 43.33
N VAL F 226 9.96 18.62 44.29
CA VAL F 226 10.37 18.48 45.68
C VAL F 226 10.96 17.09 45.84
N THR F 227 12.25 16.94 45.50
CA THR F 227 12.84 15.62 45.56
C THR F 227 13.07 15.14 46.99
N GLU F 228 12.94 16.02 47.98
CA GLU F 228 13.07 15.63 49.36
C GLU F 228 12.31 16.59 50.25
N TRP F 229 11.48 16.04 51.13
CA TRP F 229 10.87 16.84 52.19
C TRP F 229 10.64 15.97 53.40
N GLY F 230 10.64 16.61 54.58
CA GLY F 230 10.40 15.90 55.82
C GLY F 230 9.28 16.52 56.62
N THR F 231 8.61 15.68 57.41
CA THR F 231 7.63 16.15 58.39
C THR F 231 8.30 16.76 59.61
N SER F 232 9.60 16.58 59.76
CA SER F 232 10.36 17.07 60.90
C SER F 232 10.74 18.53 60.69
N ASP F 233 11.48 19.08 61.66
CA ASP F 233 12.26 20.28 61.39
C ASP F 233 13.46 19.93 60.49
N ALA F 234 14.25 20.93 60.14
CA ALA F 234 15.32 20.72 59.19
C ALA F 234 16.38 19.78 59.73
N SER F 235 16.62 19.81 61.04
CA SER F 235 17.66 18.98 61.63
C SER F 235 17.23 17.52 61.73
N GLY F 236 15.92 17.26 61.73
N GLY F 236 15.93 17.27 61.57
CA GLY F 236 15.42 15.92 61.99
CA GLY F 236 15.39 15.93 61.65
C GLY F 236 15.40 15.47 63.43
C GLY F 236 14.76 15.74 63.00
N ASN F 237 15.54 16.37 64.40
N ASN F 237 14.07 16.77 63.49
CA ASN F 237 15.46 15.98 65.80
CA ASN F 237 13.60 16.78 64.87
C ASN F 237 14.15 16.37 66.47
C ASN F 237 12.20 17.33 65.00
N GLY F 238 13.26 17.07 65.77
N GLY F 238 11.49 16.78 66.00
CA GLY F 238 11.97 17.42 66.33
CA GLY F 238 10.25 17.34 66.46
C GLY F 238 10.86 17.11 65.34
C GLY F 238 9.05 16.99 65.61
N GLY F 239 9.64 17.07 65.87
N GLY F 239 7.92 17.56 66.02
CA GLY F 239 8.48 16.73 65.08
CA GLY F 239 6.65 17.23 65.42
C GLY F 239 8.08 15.28 65.29
C GLY F 239 6.35 15.76 65.65
N PRO F 240 7.21 14.76 64.42
N PRO F 240 5.95 15.04 64.59
CA PRO F 240 6.70 15.43 63.23
CA PRO F 240 5.93 15.54 63.20
C PRO F 240 5.77 16.64 63.44
C PRO F 240 4.95 16.68 63.01
N PHE F 241 5.62 17.43 62.37
N PHE F 241 5.45 17.74 62.38
CA PHE F 241 4.78 18.62 62.31
CA PHE F 241 4.65 18.95 62.16
C PHE F 241 3.70 18.40 61.24
C PHE F 241 3.54 18.59 61.19
N LEU F 242 2.59 17.78 61.67
CA LEU F 242 1.61 17.24 60.72
C LEU F 242 0.66 18.31 60.20
N ASN F 243 0.32 19.32 61.01
CA ASN F 243 -0.52 20.40 60.51
CA ASN F 243 -0.54 20.37 60.47
C ASN F 243 0.17 21.14 59.37
N GLU F 244 1.44 21.49 59.57
CA GLU F 244 2.15 22.21 58.50
C GLU F 244 2.46 21.29 57.32
N SER F 245 2.74 20.00 57.59
CA SER F 245 2.94 19.05 56.49
C SER F 245 1.72 18.98 55.59
N GLN F 246 0.52 18.99 56.18
CA GLN F 246 -0.69 18.95 55.37
C GLN F 246 -0.80 20.18 54.48
N LYS F 247 -0.48 21.37 55.01
CA LYS F 247 -0.52 22.57 54.18
CA LYS F 247 -0.53 22.56 54.18
C LYS F 247 0.43 22.43 52.99
N TRP F 248 1.62 21.87 53.22
CA TRP F 248 2.57 21.63 52.13
C TRP F 248 2.03 20.63 51.12
N ILE F 249 1.44 19.53 51.58
CA ILE F 249 0.90 18.52 50.67
C ILE F 249 -0.21 19.12 49.82
N ASP F 250 -1.10 19.89 50.45
CA ASP F 250 -2.19 20.50 49.69
C ASP F 250 -1.64 21.50 48.68
N PHE F 251 -0.63 22.28 49.06
CA PHE F 251 0.01 23.20 48.12
C PHE F 251 0.61 22.46 46.94
N MET F 252 1.32 21.37 47.20
CA MET F 252 1.95 20.63 46.10
C MET F 252 0.91 20.01 45.18
N ASN F 253 -0.20 19.52 45.75
CA ASN F 253 -1.29 19.02 44.93
C ASN F 253 -1.84 20.15 44.06
N SER F 254 -2.07 21.33 44.66
CA SER F 254 -2.62 22.45 43.93
C SER F 254 -1.73 22.88 42.78
N ARG F 255 -0.42 22.89 42.97
CA ARG F 255 0.53 23.36 41.96
C ARG F 255 1.07 22.25 41.06
N ASN F 256 0.55 21.02 41.16
CA ASN F 256 1.06 19.88 40.40
C ASN F 256 2.56 19.69 40.60
N ILE F 257 3.01 19.77 41.85
CA ILE F 257 4.41 19.59 42.21
C ILE F 257 4.61 18.18 42.71
N SER F 258 5.53 17.45 42.07
CA SER F 258 5.87 16.10 42.48
C SER F 258 6.78 16.11 43.70
N TRP F 259 6.77 14.98 44.42
CA TRP F 259 7.54 14.94 45.65
C TRP F 259 7.93 13.55 46.11
N ALA F 260 9.01 13.51 46.89
CA ALA F 260 9.46 12.31 47.59
C ALA F 260 9.75 12.67 49.05
N ASN F 261 9.25 11.85 49.96
CA ASN F 261 9.39 12.08 51.39
C ASN F 261 10.61 11.37 51.95
N TRP F 262 11.33 12.06 52.81
CA TRP F 262 12.46 11.51 53.55
C TRP F 262 11.99 11.04 54.91
N SER F 263 12.27 9.77 55.28
CA SER F 263 12.96 8.75 54.51
C SER F 263 12.36 7.38 54.81
N LEU F 264 12.58 6.43 53.88
CA LEU F 264 12.21 5.03 54.11
C LEU F 264 13.35 4.33 54.83
N SER F 265 13.36 4.45 56.14
CA SER F 265 14.39 3.86 56.97
C SER F 265 13.88 3.87 58.41
N ASP F 266 14.65 3.22 59.29
CA ASP F 266 14.42 3.25 60.73
C ASP F 266 15.48 4.08 61.46
N LYS F 267 16.08 5.05 60.78
CA LYS F 267 17.02 5.98 61.40
C LYS F 267 16.37 6.67 62.59
N SER F 268 17.17 6.91 63.64
CA SER F 268 16.68 7.58 64.84
CA SER F 268 16.70 7.59 64.84
C SER F 268 16.62 9.10 64.63
N GLU F 269 15.80 9.50 63.67
CA GLU F 269 15.44 10.90 63.42
C GLU F 269 13.94 10.88 63.15
N THR F 270 13.28 11.99 63.44
N THR F 270 13.26 11.99 63.48
CA THR F 270 11.82 12.01 63.48
CA THR F 270 11.80 11.99 63.48
C THR F 270 11.20 11.90 62.09
C THR F 270 11.22 11.84 62.08
N SER F 271 11.98 12.17 61.03
CA SER F 271 11.47 12.01 59.67
C SER F 271 11.45 10.57 59.19
N ALA F 272 12.15 9.66 59.86
CA ALA F 272 12.18 8.27 59.40
C ALA F 272 10.79 7.68 59.46
N ALA F 273 10.43 6.92 58.41
CA ALA F 273 9.06 6.42 58.28
C ALA F 273 8.82 5.12 59.06
N LEU F 274 9.88 4.39 59.43
CA LEU F 274 9.74 3.05 59.97
C LEU F 274 10.25 2.96 61.40
N MET F 275 9.64 2.04 62.17
N MET F 275 9.63 2.06 62.18
CA MET F 275 10.11 1.74 63.51
CA MET F 275 10.11 1.78 63.52
C MET F 275 11.31 0.81 63.44
C MET F 275 11.28 0.80 63.46
N PRO F 276 12.18 0.83 64.44
CA PRO F 276 13.27 -0.15 64.48
C PRO F 276 12.70 -1.56 64.33
N GLY F 277 13.38 -2.39 63.53
CA GLY F 277 12.96 -3.76 63.34
C GLY F 277 11.98 -3.98 62.22
N ALA F 278 11.48 -2.92 61.60
CA ALA F 278 10.58 -3.08 60.47
C ALA F 278 11.28 -3.90 59.40
N SER F 279 10.56 -4.84 58.81
CA SER F 279 11.15 -5.71 57.82
C SER F 279 11.74 -4.90 56.66
N PRO F 280 12.99 -5.17 56.26
CA PRO F 280 13.55 -4.43 55.12
C PRO F 280 12.87 -4.75 53.80
N THR F 281 12.11 -5.83 53.72
CA THR F 281 11.47 -6.22 52.46
C THR F 281 10.00 -5.84 52.40
N GLY F 282 9.52 -5.03 53.33
CA GLY F 282 8.12 -4.63 53.32
C GLY F 282 7.24 -5.55 54.14
N GLY F 283 5.95 -5.50 53.83
CA GLY F 283 4.99 -6.29 54.59
C GLY F 283 4.82 -5.71 55.98
N TRP F 284 4.49 -4.43 56.06
CA TRP F 284 4.38 -3.73 57.33
C TRP F 284 2.91 -3.62 57.72
N THR F 285 2.69 -3.47 59.02
CA THR F 285 1.42 -3.02 59.58
C THR F 285 1.63 -1.64 60.19
N ASP F 286 0.54 -1.05 60.69
CA ASP F 286 0.58 0.26 61.32
CA ASP F 286 0.66 0.30 61.23
C ASP F 286 1.65 0.33 62.40
N SER F 287 1.84 -0.75 63.14
CA SER F 287 2.77 -0.68 64.27
CA SER F 287 2.77 -0.76 64.26
C SER F 287 4.22 -0.70 63.82
N ASN F 288 4.50 -0.99 62.54
CA ASN F 288 5.86 -0.90 62.05
C ASN F 288 6.22 0.50 61.56
N LEU F 289 5.26 1.40 61.54
CA LEU F 289 5.45 2.74 61.01
C LEU F 289 5.58 3.75 62.15
N SER F 290 6.41 4.76 61.93
CA SER F 290 6.51 5.85 62.87
C SER F 290 5.32 6.80 62.68
N ALA F 291 5.23 7.79 63.56
CA ALA F 291 4.19 8.79 63.39
C ALA F 291 4.28 9.44 62.01
N SER F 292 5.50 9.75 61.56
CA SER F 292 5.68 10.32 60.24
C SER F 292 5.24 9.33 59.16
N GLY F 293 5.69 8.09 59.28
CA GLY F 293 5.38 7.11 58.26
C GLY F 293 3.90 6.84 58.15
N LYS F 294 3.20 6.73 59.28
N LYS F 294 3.20 6.76 59.28
CA LYS F 294 1.76 6.55 59.24
CA LYS F 294 1.76 6.56 59.26
C LYS F 294 1.09 7.68 58.46
C LYS F 294 1.06 7.68 58.51
N PHE F 295 1.51 8.92 58.72
CA PHE F 295 0.90 10.06 58.04
C PHE F 295 1.22 10.06 56.56
N VAL F 296 2.48 9.86 56.20
CA VAL F 296 2.86 9.92 54.79
C VAL F 296 2.18 8.81 54.00
N ARG F 297 2.12 7.60 54.55
CA ARG F 297 1.40 6.51 53.88
C ARG F 297 -0.05 6.90 53.62
N GLU F 298 -0.73 7.43 54.65
CA GLU F 298 -2.12 7.84 54.48
CA GLU F 298 -2.13 7.82 54.47
C GLU F 298 -2.26 8.86 53.36
N GLN F 299 -1.34 9.82 53.30
CA GLN F 299 -1.45 10.88 52.32
C GLN F 299 -1.19 10.38 50.91
N ILE F 300 -0.23 9.47 50.73
CA ILE F 300 0.01 8.95 49.39
C ILE F 300 -1.16 8.09 48.92
N ARG F 301 -1.80 7.38 49.84
CA ARG F 301 -2.95 6.54 49.48
C ARG F 301 -4.14 7.38 49.02
N ARG F 302 -4.23 8.64 49.44
N ARG F 302 -4.25 8.64 49.45
CA ARG F 302 -5.28 9.53 48.95
CA ARG F 302 -5.34 9.49 48.97
C ARG F 302 -5.06 9.83 47.47
C ARG F 302 -5.10 9.89 47.52
N SER F 303 -6.15 9.80 46.70
CA SER F 303 -6.07 10.15 45.29
C SER F 303 -7.45 10.38 44.70
#